data_7V9I
# 
_entry.id   7V9I 
# 
_audit_conform.dict_name       mmcif_pdbx.dic 
_audit_conform.dict_version    5.392 
_audit_conform.dict_location   http://mmcif.pdb.org/dictionaries/ascii/mmcif_pdbx.dic 
# 
loop_
_database_2.database_id 
_database_2.database_code 
_database_2.pdbx_database_accession 
_database_2.pdbx_DOI 
PDB   7V9I         pdb_00007v9i 10.2210/pdb7v9i/pdb 
WWPDB D_1300024320 ?            ?                   
# 
loop_
_pdbx_audit_revision_history.ordinal 
_pdbx_audit_revision_history.data_content_type 
_pdbx_audit_revision_history.major_revision 
_pdbx_audit_revision_history.minor_revision 
_pdbx_audit_revision_history.revision_date 
1 'Structure model' 1 0 2022-02-16 
2 'Structure model' 1 1 2022-02-23 
3 'Structure model' 1 2 2022-03-16 
4 'Structure model' 1 3 2024-05-29 
# 
_pdbx_audit_revision_details.ordinal             1 
_pdbx_audit_revision_details.revision_ordinal    1 
_pdbx_audit_revision_details.data_content_type   'Structure model' 
_pdbx_audit_revision_details.provider            repository 
_pdbx_audit_revision_details.type                'Initial release' 
_pdbx_audit_revision_details.description         ? 
_pdbx_audit_revision_details.details             ? 
# 
loop_
_pdbx_audit_revision_group.ordinal 
_pdbx_audit_revision_group.revision_ordinal 
_pdbx_audit_revision_group.data_content_type 
_pdbx_audit_revision_group.group 
1 2 'Structure model' 'Database references' 
2 3 'Structure model' 'Database references' 
3 4 'Structure model' 'Data collection'     
# 
loop_
_pdbx_audit_revision_category.ordinal 
_pdbx_audit_revision_category.revision_ordinal 
_pdbx_audit_revision_category.data_content_type 
_pdbx_audit_revision_category.category 
1 2 'Structure model' citation        
2 2 'Structure model' citation_author 
3 3 'Structure model' citation        
4 3 'Structure model' citation_author 
5 4 'Structure model' chem_comp_atom  
6 4 'Structure model' chem_comp_bond  
# 
loop_
_pdbx_audit_revision_item.ordinal 
_pdbx_audit_revision_item.revision_ordinal 
_pdbx_audit_revision_item.data_content_type 
_pdbx_audit_revision_item.item 
1 2 'Structure model' '_citation.page_first'              
2 2 'Structure model' '_citation.page_last'               
3 2 'Structure model' '_citation.pdbx_database_id_PubMed' 
4 2 'Structure model' '_citation.title'                   
5 2 'Structure model' '_citation_author.identifier_ORCID' 
6 3 'Structure model' '_citation.journal_volume'          
7 3 'Structure model' '_citation.page_first'              
8 3 'Structure model' '_citation.page_last'               
9 3 'Structure model' '_citation_author.identifier_ORCID' 
# 
_pdbx_database_status.status_code                     REL 
_pdbx_database_status.status_code_sf                  REL 
_pdbx_database_status.status_code_mr                  ? 
_pdbx_database_status.entry_id                        7V9I 
_pdbx_database_status.recvd_initial_deposition_date   2021-08-25 
_pdbx_database_status.SG_entry                        N 
_pdbx_database_status.deposit_site                    PDBJ 
_pdbx_database_status.process_site                    PDBJ 
_pdbx_database_status.status_code_cs                  ? 
_pdbx_database_status.status_code_nmr_data            ? 
_pdbx_database_status.methods_development_category    ? 
_pdbx_database_status.pdb_format_compatible           Y 
# 
loop_
_audit_author.name 
_audit_author.pdbx_ordinal 
_audit_author.identifier_ORCID 
'Zhang, J.' 1  ? 
'Zhang, Y.' 2  ? 
'You, Q.'   3  ? 
'Huang, C.' 4  ? 
'Zhang, T.' 5  ? 
'Wang, M.'  6  ? 
'Zhang, T.' 7  ? 
'Yang, X.'  8  ? 
'Xiong, J.' 9  ? 
'Li, Y.'    10 ? 
'Liu, C.P.' 11 ? 
'Zhang, Z.' 12 ? 
'Xu, R.M.'  13 ? 
'Zhu, B.'   14 ? 
# 
_citation.abstract                  ? 
_citation.abstract_id_CAS           ? 
_citation.book_id_ISBN              ? 
_citation.book_publisher            ? 
_citation.book_publisher_city       ? 
_citation.book_title                ? 
_citation.coordinate_linkage        ? 
_citation.country                   US 
_citation.database_id_Medline       ? 
_citation.details                   ? 
_citation.id                        primary 
_citation.journal_abbrev            Science 
_citation.journal_id_ASTM           SCIEAS 
_citation.journal_id_CSD            0038 
_citation.journal_id_ISSN           1095-9203 
_citation.journal_full              ? 
_citation.journal_issue             ? 
_citation.journal_volume            375 
_citation.language                  ? 
_citation.page_first                1053 
_citation.page_last                 1058 
_citation.title                     
'Highly enriched BEND3 prevents the premature activation of bivalent genes during differentiation.' 
_citation.year                      2022 
_citation.database_id_CSD           ? 
_citation.pdbx_database_id_DOI      10.1126/science.abm0730 
_citation.pdbx_database_id_PubMed   35143257 
_citation.pdbx_database_id_patent   ? 
_citation.unpublished_flag          ? 
# 
loop_
_citation_author.citation_id 
_citation_author.name 
_citation_author.ordinal 
_citation_author.identifier_ORCID 
primary 'Zhang, J.' 1  ? 
primary 'Zhang, Y.' 2  ? 
primary 'You, Q.'   3  ? 
primary 'Huang, C.' 4  ? 
primary 'Zhang, T.' 5  ? 
primary 'Wang, M.'  6  ? 
primary 'Zhang, T.' 7  ? 
primary 'Yang, X.'  8  ? 
primary 'Xiong, J.' 9  ? 
primary 'Li, Y.'    10 ? 
primary 'Liu, C.P.' 11 ? 
primary 'Zhang, Z.' 12 ? 
primary 'Xu, R.M.'  13 ? 
primary 'Zhu, B.'   14 ? 
# 
loop_
_entity.id 
_entity.type 
_entity.src_method 
_entity.pdbx_description 
_entity.formula_weight 
_entity.pdbx_number_of_molecules 
_entity.pdbx_ec 
_entity.pdbx_mutation 
_entity.pdbx_fragment 
_entity.details 
1 polymer man 'BEN domain-containing protein 3'                    13533.777 1 ? 'V78R, E788A, M791N, E792D, E793R' ? ? 
2 polymer syn 
;DNA (5'-D(*GP*CP*CP*CP*CP*AP*CP*GP*CP*GP*GP*T)-3')
;
3624.356  1 ? ?                                  ? ? 
3 polymer syn 
;DNA (5'-D(*AP*CP*CP*GP*CP*GP*TP*GP*GP*GP*GP*C)-3')
;
3704.404  1 ? ?                                  ? ? 
# 
loop_
_entity_poly.entity_id 
_entity_poly.type 
_entity_poly.nstd_linkage 
_entity_poly.nstd_monomer 
_entity_poly.pdbx_seq_one_letter_code 
_entity_poly.pdbx_seq_one_letter_code_can 
_entity_poly.pdbx_strand_id 
_entity_poly.pdbx_target_identifier 
1 'polypeptide(L)'        no no 
;VPSPYLLSDKEVREIVQQSLSVGNFAARLLVRLFPELFTTENLRLQYNHSGACNKKQLDPTRLRLIRHYVEAVYPRAKND
RVWHYECIPSIDERCRRPNRKKCDILKKAKKVEK
;
;VPSPYLLSDKEVREIVQQSLSVGNFAARLLVRLFPELFTTENLRLQYNHSGACNKKQLDPTRLRLIRHYVEAVYPRAKND
RVWHYECIPSIDERCRRPNRKKCDILKKAKKVEK
;
A ? 
2 polydeoxyribonucleotide no no '(DG)(DC)(DC)(DC)(DC)(DA)(DC)(DG)(DC)(DG)(DG)(DT)' GCCCCACGCGGT B ? 
3 polydeoxyribonucleotide no no '(DA)(DC)(DC)(DG)(DC)(DG)(DT)(DG)(DG)(DG)(DG)(DC)' ACCGCGTGGGGC C ? 
# 
loop_
_entity_poly_seq.entity_id 
_entity_poly_seq.num 
_entity_poly_seq.mon_id 
_entity_poly_seq.hetero 
1 1   VAL n 
1 2   PRO n 
1 3   SER n 
1 4   PRO n 
1 5   TYR n 
1 6   LEU n 
1 7   LEU n 
1 8   SER n 
1 9   ASP n 
1 10  LYS n 
1 11  GLU n 
1 12  VAL n 
1 13  ARG n 
1 14  GLU n 
1 15  ILE n 
1 16  VAL n 
1 17  GLN n 
1 18  GLN n 
1 19  SER n 
1 20  LEU n 
1 21  SER n 
1 22  VAL n 
1 23  GLY n 
1 24  ASN n 
1 25  PHE n 
1 26  ALA n 
1 27  ALA n 
1 28  ARG n 
1 29  LEU n 
1 30  LEU n 
1 31  VAL n 
1 32  ARG n 
1 33  LEU n 
1 34  PHE n 
1 35  PRO n 
1 36  GLU n 
1 37  LEU n 
1 38  PHE n 
1 39  THR n 
1 40  THR n 
1 41  GLU n 
1 42  ASN n 
1 43  LEU n 
1 44  ARG n 
1 45  LEU n 
1 46  GLN n 
1 47  TYR n 
1 48  ASN n 
1 49  HIS n 
1 50  SER n 
1 51  GLY n 
1 52  ALA n 
1 53  CYS n 
1 54  ASN n 
1 55  LYS n 
1 56  LYS n 
1 57  GLN n 
1 58  LEU n 
1 59  ASP n 
1 60  PRO n 
1 61  THR n 
1 62  ARG n 
1 63  LEU n 
1 64  ARG n 
1 65  LEU n 
1 66  ILE n 
1 67  ARG n 
1 68  HIS n 
1 69  TYR n 
1 70  VAL n 
1 71  GLU n 
1 72  ALA n 
1 73  VAL n 
1 74  TYR n 
1 75  PRO n 
1 76  ARG n 
1 77  ALA n 
1 78  LYS n 
1 79  ASN n 
1 80  ASP n 
1 81  ARG n 
1 82  VAL n 
1 83  TRP n 
1 84  HIS n 
1 85  TYR n 
1 86  GLU n 
1 87  CYS n 
1 88  ILE n 
1 89  PRO n 
1 90  SER n 
1 91  ILE n 
1 92  ASP n 
1 93  GLU n 
1 94  ARG n 
1 95  CYS n 
1 96  ARG n 
1 97  ARG n 
1 98  PRO n 
1 99  ASN n 
1 100 ARG n 
1 101 LYS n 
1 102 LYS n 
1 103 CYS n 
1 104 ASP n 
1 105 ILE n 
1 106 LEU n 
1 107 LYS n 
1 108 LYS n 
1 109 ALA n 
1 110 LYS n 
1 111 LYS n 
1 112 VAL n 
1 113 GLU n 
1 114 LYS n 
2 1   DG  n 
2 2   DC  n 
2 3   DC  n 
2 4   DC  n 
2 5   DC  n 
2 6   DA  n 
2 7   DC  n 
2 8   DG  n 
2 9   DC  n 
2 10  DG  n 
2 11  DG  n 
2 12  DT  n 
3 1   DA  n 
3 2   DC  n 
3 3   DC  n 
3 4   DG  n 
3 5   DC  n 
3 6   DG  n 
3 7   DT  n 
3 8   DG  n 
3 9   DG  n 
3 10  DG  n 
3 11  DG  n 
3 12  DC  n 
# 
_entity_src_gen.entity_id                          1 
_entity_src_gen.pdbx_src_id                        1 
_entity_src_gen.pdbx_alt_source_flag               sample 
_entity_src_gen.pdbx_seq_type                      'Biological sequence' 
_entity_src_gen.pdbx_beg_seq_num                   1 
_entity_src_gen.pdbx_end_seq_num                   114 
_entity_src_gen.gene_src_common_name               Mouse 
_entity_src_gen.gene_src_genus                     ? 
_entity_src_gen.pdbx_gene_src_gene                 Bend3 
_entity_src_gen.gene_src_species                   ? 
_entity_src_gen.gene_src_strain                    ? 
_entity_src_gen.gene_src_tissue                    ? 
_entity_src_gen.gene_src_tissue_fraction           ? 
_entity_src_gen.gene_src_details                   ? 
_entity_src_gen.pdbx_gene_src_fragment             ? 
_entity_src_gen.pdbx_gene_src_scientific_name      'Mus musculus' 
_entity_src_gen.pdbx_gene_src_ncbi_taxonomy_id     10090 
_entity_src_gen.pdbx_gene_src_variant              ? 
_entity_src_gen.pdbx_gene_src_cell_line            ? 
_entity_src_gen.pdbx_gene_src_atcc                 ? 
_entity_src_gen.pdbx_gene_src_organ                ? 
_entity_src_gen.pdbx_gene_src_organelle            ? 
_entity_src_gen.pdbx_gene_src_cell                 ? 
_entity_src_gen.pdbx_gene_src_cellular_location    ? 
_entity_src_gen.host_org_common_name               ? 
_entity_src_gen.pdbx_host_org_scientific_name      'Escherichia coli BL21' 
_entity_src_gen.pdbx_host_org_ncbi_taxonomy_id     511693 
_entity_src_gen.host_org_genus                     ? 
_entity_src_gen.pdbx_host_org_gene                 ? 
_entity_src_gen.pdbx_host_org_organ                ? 
_entity_src_gen.host_org_species                   ? 
_entity_src_gen.pdbx_host_org_tissue               ? 
_entity_src_gen.pdbx_host_org_tissue_fraction      ? 
_entity_src_gen.pdbx_host_org_strain               BL21 
_entity_src_gen.pdbx_host_org_variant              ? 
_entity_src_gen.pdbx_host_org_cell_line            ? 
_entity_src_gen.pdbx_host_org_atcc                 ? 
_entity_src_gen.pdbx_host_org_culture_collection   ? 
_entity_src_gen.pdbx_host_org_cell                 ? 
_entity_src_gen.pdbx_host_org_organelle            ? 
_entity_src_gen.pdbx_host_org_cellular_location    ? 
_entity_src_gen.pdbx_host_org_vector_type          ? 
_entity_src_gen.pdbx_host_org_vector               ? 
_entity_src_gen.host_org_details                   ? 
_entity_src_gen.expression_system_id               ? 
_entity_src_gen.plasmid_name                       ? 
_entity_src_gen.plasmid_details                    ? 
_entity_src_gen.pdbx_description                   ? 
# 
loop_
_pdbx_entity_src_syn.entity_id 
_pdbx_entity_src_syn.pdbx_src_id 
_pdbx_entity_src_syn.pdbx_alt_source_flag 
_pdbx_entity_src_syn.pdbx_beg_seq_num 
_pdbx_entity_src_syn.pdbx_end_seq_num 
_pdbx_entity_src_syn.organism_scientific 
_pdbx_entity_src_syn.organism_common_name 
_pdbx_entity_src_syn.ncbi_taxonomy_id 
_pdbx_entity_src_syn.details 
2 1 sample 1 12 'Homo sapiens' ? 9606 ? 
3 1 sample 1 12 'Homo sapiens' ? 9606 ? 
# 
loop_
_chem_comp.id 
_chem_comp.type 
_chem_comp.mon_nstd_flag 
_chem_comp.name 
_chem_comp.pdbx_synonyms 
_chem_comp.formula 
_chem_comp.formula_weight 
ALA 'L-peptide linking' y ALANINE                              ? 'C3 H7 N O2'      89.093  
ARG 'L-peptide linking' y ARGININE                             ? 'C6 H15 N4 O2 1'  175.209 
ASN 'L-peptide linking' y ASPARAGINE                           ? 'C4 H8 N2 O3'     132.118 
ASP 'L-peptide linking' y 'ASPARTIC ACID'                      ? 'C4 H7 N O4'      133.103 
CYS 'L-peptide linking' y CYSTEINE                             ? 'C3 H7 N O2 S'    121.158 
DA  'DNA linking'       y "2'-DEOXYADENOSINE-5'-MONOPHOSPHATE" ? 'C10 H14 N5 O6 P' 331.222 
DC  'DNA linking'       y "2'-DEOXYCYTIDINE-5'-MONOPHOSPHATE"  ? 'C9 H14 N3 O7 P'  307.197 
DG  'DNA linking'       y "2'-DEOXYGUANOSINE-5'-MONOPHOSPHATE" ? 'C10 H14 N5 O7 P' 347.221 
DT  'DNA linking'       y "THYMIDINE-5'-MONOPHOSPHATE"         ? 'C10 H15 N2 O8 P' 322.208 
GLN 'L-peptide linking' y GLUTAMINE                            ? 'C5 H10 N2 O3'    146.144 
GLU 'L-peptide linking' y 'GLUTAMIC ACID'                      ? 'C5 H9 N O4'      147.129 
GLY 'peptide linking'   y GLYCINE                              ? 'C2 H5 N O2'      75.067  
HIS 'L-peptide linking' y HISTIDINE                            ? 'C6 H10 N3 O2 1'  156.162 
ILE 'L-peptide linking' y ISOLEUCINE                           ? 'C6 H13 N O2'     131.173 
LEU 'L-peptide linking' y LEUCINE                              ? 'C6 H13 N O2'     131.173 
LYS 'L-peptide linking' y LYSINE                               ? 'C6 H15 N2 O2 1'  147.195 
MET 'L-peptide linking' y METHIONINE                           ? 'C5 H11 N O2 S'   149.211 
PHE 'L-peptide linking' y PHENYLALANINE                        ? 'C9 H11 N O2'     165.189 
PRO 'L-peptide linking' y PROLINE                              ? 'C5 H9 N O2'      115.130 
SER 'L-peptide linking' y SERINE                               ? 'C3 H7 N O3'      105.093 
THR 'L-peptide linking' y THREONINE                            ? 'C4 H9 N O3'      119.119 
TRP 'L-peptide linking' y TRYPTOPHAN                           ? 'C11 H12 N2 O2'   204.225 
TYR 'L-peptide linking' y TYROSINE                             ? 'C9 H11 N O3'     181.189 
VAL 'L-peptide linking' y VALINE                               ? 'C5 H11 N O2'     117.146 
# 
loop_
_pdbx_poly_seq_scheme.asym_id 
_pdbx_poly_seq_scheme.entity_id 
_pdbx_poly_seq_scheme.seq_id 
_pdbx_poly_seq_scheme.mon_id 
_pdbx_poly_seq_scheme.ndb_seq_num 
_pdbx_poly_seq_scheme.pdb_seq_num 
_pdbx_poly_seq_scheme.auth_seq_num 
_pdbx_poly_seq_scheme.pdb_mon_id 
_pdbx_poly_seq_scheme.auth_mon_id 
_pdbx_poly_seq_scheme.pdb_strand_id 
_pdbx_poly_seq_scheme.pdb_ins_code 
_pdbx_poly_seq_scheme.hetero 
A 1 1   VAL 1   712 ?   ?   ?   A . n 
A 1 2   PRO 2   713 ?   ?   ?   A . n 
A 1 3   SER 3   714 ?   ?   ?   A . n 
A 1 4   PRO 4   715 ?   ?   ?   A . n 
A 1 5   TYR 5   716 ?   ?   ?   A . n 
A 1 6   LEU 6   717 717 LEU LEU A . n 
A 1 7   LEU 7   718 718 LEU LEU A . n 
A 1 8   SER 8   719 719 SER SER A . n 
A 1 9   ASP 9   720 720 ASP ASP A . n 
A 1 10  LYS 10  721 721 LYS LYS A . n 
A 1 11  GLU 11  722 722 GLU GLU A . n 
A 1 12  VAL 12  723 723 VAL VAL A . n 
A 1 13  ARG 13  724 724 ARG ARG A . n 
A 1 14  GLU 14  725 725 GLU GLU A . n 
A 1 15  ILE 15  726 726 ILE ILE A . n 
A 1 16  VAL 16  727 727 VAL VAL A . n 
A 1 17  GLN 17  728 728 GLN GLN A . n 
A 1 18  GLN 18  729 729 GLN GLN A . n 
A 1 19  SER 19  730 730 SER SER A . n 
A 1 20  LEU 20  731 731 LEU LEU A . n 
A 1 21  SER 21  732 732 SER SER A . n 
A 1 22  VAL 22  733 733 VAL VAL A . n 
A 1 23  GLY 23  734 734 GLY GLY A . n 
A 1 24  ASN 24  735 735 ASN ASN A . n 
A 1 25  PHE 25  736 736 PHE PHE A . n 
A 1 26  ALA 26  737 737 ALA ALA A . n 
A 1 27  ALA 27  738 738 ALA ALA A . n 
A 1 28  ARG 28  739 739 ARG ARG A . n 
A 1 29  LEU 29  740 740 LEU LEU A . n 
A 1 30  LEU 30  741 741 LEU LEU A . n 
A 1 31  VAL 31  742 742 VAL VAL A . n 
A 1 32  ARG 32  743 743 ARG ARG A . n 
A 1 33  LEU 33  744 744 LEU LEU A . n 
A 1 34  PHE 34  745 745 PHE PHE A . n 
A 1 35  PRO 35  746 746 PRO PRO A . n 
A 1 36  GLU 36  747 747 GLU GLU A . n 
A 1 37  LEU 37  748 748 LEU LEU A . n 
A 1 38  PHE 38  749 749 PHE PHE A . n 
A 1 39  THR 39  750 750 THR THR A . n 
A 1 40  THR 40  751 751 THR THR A . n 
A 1 41  GLU 41  752 752 GLU GLU A . n 
A 1 42  ASN 42  753 753 ASN ASN A . n 
A 1 43  LEU 43  754 754 LEU LEU A . n 
A 1 44  ARG 44  755 755 ARG ARG A . n 
A 1 45  LEU 45  756 756 LEU LEU A . n 
A 1 46  GLN 46  757 757 GLN GLN A . n 
A 1 47  TYR 47  758 758 TYR TYR A . n 
A 1 48  ASN 48  759 759 ASN ASN A . n 
A 1 49  HIS 49  760 760 HIS HIS A . n 
A 1 50  SER 50  761 761 SER SER A . n 
A 1 51  GLY 51  762 762 GLY GLY A . n 
A 1 52  ALA 52  763 763 ALA ALA A . n 
A 1 53  CYS 53  764 764 CYS CYS A . n 
A 1 54  ASN 54  765 765 ASN ASN A . n 
A 1 55  LYS 55  766 766 LYS LYS A . n 
A 1 56  LYS 56  767 767 LYS LYS A . n 
A 1 57  GLN 57  768 768 GLN GLN A . n 
A 1 58  LEU 58  769 769 LEU LEU A . n 
A 1 59  ASP 59  770 770 ASP ASP A . n 
A 1 60  PRO 60  771 771 PRO PRO A . n 
A 1 61  THR 61  772 772 THR THR A . n 
A 1 62  ARG 62  773 773 ARG ARG A . n 
A 1 63  LEU 63  774 774 LEU LEU A . n 
A 1 64  ARG 64  775 775 ARG ARG A . n 
A 1 65  LEU 65  776 776 LEU LEU A . n 
A 1 66  ILE 66  777 777 ILE ILE A . n 
A 1 67  ARG 67  778 778 ARG ARG A . n 
A 1 68  HIS 68  779 779 HIS HIS A . n 
A 1 69  TYR 69  780 780 TYR TYR A . n 
A 1 70  VAL 70  781 781 VAL VAL A . n 
A 1 71  GLU 71  782 782 GLU GLU A . n 
A 1 72  ALA 72  783 783 ALA ALA A . n 
A 1 73  VAL 73  784 784 VAL VAL A . n 
A 1 74  TYR 74  785 785 TYR TYR A . n 
A 1 75  PRO 75  786 786 PRO PRO A . n 
A 1 76  ARG 76  787 787 ARG ARG A . n 
A 1 77  ALA 77  788 788 ALA ALA A . n 
A 1 78  LYS 78  789 789 LYS LYS A . n 
A 1 79  ASN 79  790 790 ASN ASN A . n 
A 1 80  ASP 80  791 791 ASP ASP A . n 
A 1 81  ARG 81  792 792 ARG ARG A . n 
A 1 82  VAL 82  793 793 VAL VAL A . n 
A 1 83  TRP 83  794 794 TRP TRP A . n 
A 1 84  HIS 84  795 795 HIS HIS A . n 
A 1 85  TYR 85  796 796 TYR TYR A . n 
A 1 86  GLU 86  797 797 GLU GLU A . n 
A 1 87  CYS 87  798 798 CYS CYS A . n 
A 1 88  ILE 88  799 799 ILE ILE A . n 
A 1 89  PRO 89  800 800 PRO PRO A . n 
A 1 90  SER 90  801 801 SER SER A . n 
A 1 91  ILE 91  802 802 ILE ILE A . n 
A 1 92  ASP 92  803 803 ASP ASP A . n 
A 1 93  GLU 93  804 804 GLU GLU A . n 
A 1 94  ARG 94  805 805 ARG ARG A . n 
A 1 95  CYS 95  806 806 CYS CYS A . n 
A 1 96  ARG 96  807 807 ARG ARG A . n 
A 1 97  ARG 97  808 808 ARG ARG A . n 
A 1 98  PRO 98  809 809 PRO PRO A . n 
A 1 99  ASN 99  810 810 ASN ASN A . n 
A 1 100 ARG 100 811 811 ARG ARG A . n 
A 1 101 LYS 101 812 812 LYS LYS A . n 
A 1 102 LYS 102 813 813 LYS LYS A . n 
A 1 103 CYS 103 814 814 CYS CYS A . n 
A 1 104 ASP 104 815 815 ASP ASP A . n 
A 1 105 ILE 105 816 816 ILE ILE A . n 
A 1 106 LEU 106 817 817 LEU LEU A . n 
A 1 107 LYS 107 818 818 LYS LYS A . n 
A 1 108 LYS 108 819 819 LYS LYS A . n 
A 1 109 ALA 109 820 820 ALA ALA A . n 
A 1 110 LYS 110 821 821 LYS LYS A . n 
A 1 111 LYS 111 822 ?   ?   ?   A . n 
A 1 112 VAL 112 823 ?   ?   ?   A . n 
A 1 113 GLU 113 824 ?   ?   ?   A . n 
A 1 114 LYS 114 825 ?   ?   ?   A . n 
B 2 1   DG  1   3   3   DG  DG  B . n 
B 2 2   DC  2   4   4   DC  DC  B . n 
B 2 3   DC  3   5   5   DC  DC  B . n 
B 2 4   DC  4   6   6   DC  DC  B . n 
B 2 5   DC  5   7   7   DC  DC  B . n 
B 2 6   DA  6   8   8   DA  DA  B . n 
B 2 7   DC  7   9   9   DC  DC  B . n 
B 2 8   DG  8   10  10  DG  DG  B . n 
B 2 9   DC  9   11  11  DC  DC  B . n 
B 2 10  DG  10  12  12  DG  DG  B . n 
B 2 11  DG  11  13  13  DG  DG  B . n 
B 2 12  DT  12  14  14  DT  DT  B . n 
C 3 1   DA  1   3   3   DA  DA  C . n 
C 3 2   DC  2   4   4   DC  DC  C . n 
C 3 3   DC  3   5   5   DC  DC  C . n 
C 3 4   DG  4   6   6   DG  DG  C . n 
C 3 5   DC  5   7   7   DC  DC  C . n 
C 3 6   DG  6   8   8   DG  DG  C . n 
C 3 7   DT  7   9   9   DT  DT  C . n 
C 3 8   DG  8   10  10  DG  DG  C . n 
C 3 9   DG  9   11  11  DG  DG  C . n 
C 3 10  DG  10  12  12  DG  DG  C . n 
C 3 11  DG  11  13  13  DG  DG  C . n 
C 3 12  DC  12  14  14  DC  DC  C . n 
# 
loop_
_software.citation_id 
_software.classification 
_software.compiler_name 
_software.compiler_version 
_software.contact_author 
_software.contact_author_email 
_software.date 
_software.description 
_software.dependencies 
_software.hardware 
_software.language 
_software.location 
_software.mods 
_software.name 
_software.os 
_software.os_version 
_software.type 
_software.version 
_software.pdbx_ordinal 
? refinement        ? ? ? ? ? ? ? ? ? ? ? PHENIX      ? ? ? 1.18.2_3874 1 
? 'data extraction' ? ? ? ? ? ? ? ? ? ? ? PDB_EXTRACT ? ? ? 3.27        2 
? 'data reduction'  ? ? ? ? ? ? ? ? ? ? ? HKL-2000    ? ? ? .           3 
? 'data scaling'    ? ? ? ? ? ? ? ? ? ? ? HKL-2000    ? ? ? .           4 
? phasing           ? ? ? ? ? ? ? ? ? ? ? PHASER      ? ? ? .           5 
# 
_cell.angle_alpha                  90.000 
_cell.angle_alpha_esd              ? 
_cell.angle_beta                   90.000 
_cell.angle_beta_esd               ? 
_cell.angle_gamma                  90.000 
_cell.angle_gamma_esd              ? 
_cell.entry_id                     7V9I 
_cell.details                      ? 
_cell.formula_units_Z              ? 
_cell.length_a                     51.504 
_cell.length_a_esd                 ? 
_cell.length_b                     61.990 
_cell.length_b_esd                 ? 
_cell.length_c                     136.024 
_cell.length_c_esd                 ? 
_cell.volume                       ? 
_cell.volume_esd                   ? 
_cell.Z_PDB                        8 
_cell.reciprocal_angle_alpha       ? 
_cell.reciprocal_angle_beta        ? 
_cell.reciprocal_angle_gamma       ? 
_cell.reciprocal_angle_alpha_esd   ? 
_cell.reciprocal_angle_beta_esd    ? 
_cell.reciprocal_angle_gamma_esd   ? 
_cell.reciprocal_length_a          ? 
_cell.reciprocal_length_b          ? 
_cell.reciprocal_length_c          ? 
_cell.reciprocal_length_a_esd      ? 
_cell.reciprocal_length_b_esd      ? 
_cell.reciprocal_length_c_esd      ? 
_cell.pdbx_unique_axis             ? 
# 
_symmetry.entry_id                         7V9I 
_symmetry.cell_setting                     ? 
_symmetry.Int_Tables_number                20 
_symmetry.space_group_name_Hall            ? 
_symmetry.space_group_name_H-M             'C 2 2 21' 
_symmetry.pdbx_full_space_group_name_H-M   ? 
# 
_exptl.absorpt_coefficient_mu     ? 
_exptl.absorpt_correction_T_max   ? 
_exptl.absorpt_correction_T_min   ? 
_exptl.absorpt_correction_type    ? 
_exptl.absorpt_process_details    ? 
_exptl.entry_id                   7V9I 
_exptl.crystals_number            1 
_exptl.details                    ? 
_exptl.method                     'X-RAY DIFFRACTION' 
_exptl.method_details             ? 
# 
_exptl_crystal.colour                      ? 
_exptl_crystal.density_diffrn              ? 
_exptl_crystal.density_Matthews            2.74 
_exptl_crystal.density_method              ? 
_exptl_crystal.density_percent_sol         55.06 
_exptl_crystal.description                 ? 
_exptl_crystal.F_000                       ? 
_exptl_crystal.id                          1 
_exptl_crystal.preparation                 ? 
_exptl_crystal.size_max                    ? 
_exptl_crystal.size_mid                    ? 
_exptl_crystal.size_min                    ? 
_exptl_crystal.size_rad                    ? 
_exptl_crystal.colour_lustre               ? 
_exptl_crystal.colour_modifier             ? 
_exptl_crystal.colour_primary              ? 
_exptl_crystal.density_meas                ? 
_exptl_crystal.density_meas_esd            ? 
_exptl_crystal.density_meas_gt             ? 
_exptl_crystal.density_meas_lt             ? 
_exptl_crystal.density_meas_temp           ? 
_exptl_crystal.density_meas_temp_esd       ? 
_exptl_crystal.density_meas_temp_gt        ? 
_exptl_crystal.density_meas_temp_lt        ? 
_exptl_crystal.pdbx_crystal_image_url      ? 
_exptl_crystal.pdbx_crystal_image_format   ? 
_exptl_crystal.pdbx_mosaicity              ? 
_exptl_crystal.pdbx_mosaicity_esd          ? 
# 
_exptl_crystal_grow.apparatus       ? 
_exptl_crystal_grow.atmosphere      ? 
_exptl_crystal_grow.crystal_id      1 
_exptl_crystal_grow.details         ? 
_exptl_crystal_grow.method          'VAPOR DIFFUSION, HANGING DROP' 
_exptl_crystal_grow.method_ref      ? 
_exptl_crystal_grow.pH              ? 
_exptl_crystal_grow.pressure        ? 
_exptl_crystal_grow.pressure_esd    ? 
_exptl_crystal_grow.seeding         ? 
_exptl_crystal_grow.seeding_ref     ? 
_exptl_crystal_grow.temp            289 
_exptl_crystal_grow.temp_details    ? 
_exptl_crystal_grow.temp_esd        ? 
_exptl_crystal_grow.time            ? 
_exptl_crystal_grow.pdbx_details    
;0.2 M Sodium formate, 
20% w/v PEG 3350
;
_exptl_crystal_grow.pdbx_pH_range   ? 
# 
_diffrn.ambient_environment              ? 
_diffrn.ambient_temp                     100 
_diffrn.ambient_temp_details             ? 
_diffrn.ambient_temp_esd                 ? 
_diffrn.crystal_id                       1 
_diffrn.crystal_support                  ? 
_diffrn.crystal_treatment                ? 
_diffrn.details                          ? 
_diffrn.id                               1 
_diffrn.ambient_pressure                 ? 
_diffrn.ambient_pressure_esd             ? 
_diffrn.ambient_pressure_gt              ? 
_diffrn.ambient_pressure_lt              ? 
_diffrn.ambient_temp_gt                  ? 
_diffrn.ambient_temp_lt                  ? 
_diffrn.pdbx_serial_crystal_experiment   N 
# 
_diffrn_detector.details                      ? 
_diffrn_detector.detector                     CCD 
_diffrn_detector.diffrn_id                    1 
_diffrn_detector.type                         'MAR CCD 165 mm' 
_diffrn_detector.area_resol_mean              ? 
_diffrn_detector.dtime                        ? 
_diffrn_detector.pdbx_frames_total            ? 
_diffrn_detector.pdbx_collection_time_total   ? 
_diffrn_detector.pdbx_collection_date         2017-08-10 
_diffrn_detector.pdbx_frequency               ? 
# 
_diffrn_radiation.collimation                      ? 
_diffrn_radiation.diffrn_id                        1 
_diffrn_radiation.filter_edge                      ? 
_diffrn_radiation.inhomogeneity                    ? 
_diffrn_radiation.monochromator                    ? 
_diffrn_radiation.polarisn_norm                    ? 
_diffrn_radiation.polarisn_ratio                   ? 
_diffrn_radiation.probe                            ? 
_diffrn_radiation.type                             ? 
_diffrn_radiation.xray_symbol                      ? 
_diffrn_radiation.wavelength_id                    1 
_diffrn_radiation.pdbx_monochromatic_or_laue_m_l   M 
_diffrn_radiation.pdbx_wavelength_list             ? 
_diffrn_radiation.pdbx_wavelength                  ? 
_diffrn_radiation.pdbx_diffrn_protocol             'SINGLE WAVELENGTH' 
_diffrn_radiation.pdbx_analyzer                    ? 
_diffrn_radiation.pdbx_scattering_type             x-ray 
# 
_diffrn_radiation_wavelength.id           1 
_diffrn_radiation_wavelength.wavelength   1.5420 
_diffrn_radiation_wavelength.wt           1.0 
# 
_diffrn_source.current                     ? 
_diffrn_source.details                     ? 
_diffrn_source.diffrn_id                   1 
_diffrn_source.power                       ? 
_diffrn_source.size                        ? 
_diffrn_source.source                      'ROTATING ANODE' 
_diffrn_source.target                      ? 
_diffrn_source.type                        RIGAKU 
_diffrn_source.voltage                     ? 
_diffrn_source.take-off_angle              ? 
_diffrn_source.pdbx_wavelength_list        1.5420 
_diffrn_source.pdbx_wavelength             ? 
_diffrn_source.pdbx_synchrotron_beamline   ? 
_diffrn_source.pdbx_synchrotron_site       ? 
# 
_reflns.B_iso_Wilson_estimate                          ? 
_reflns.entry_id                                       7V9I 
_reflns.data_reduction_details                         ? 
_reflns.data_reduction_method                          ? 
_reflns.d_resolution_high                              3.5 
_reflns.d_resolution_low                               50 
_reflns.details                                        ? 
_reflns.limit_h_max                                    ? 
_reflns.limit_h_min                                    ? 
_reflns.limit_k_max                                    ? 
_reflns.limit_k_min                                    ? 
_reflns.limit_l_max                                    ? 
_reflns.limit_l_min                                    ? 
_reflns.number_all                                     ? 
_reflns.number_obs                                     2848 
_reflns.observed_criterion                             ? 
_reflns.observed_criterion_F_max                       ? 
_reflns.observed_criterion_F_min                       ? 
_reflns.observed_criterion_I_max                       ? 
_reflns.observed_criterion_I_min                       ? 
_reflns.observed_criterion_sigma_F                     ? 
_reflns.observed_criterion_sigma_I                     ? 
_reflns.percent_possible_obs                           95.6 
_reflns.R_free_details                                 ? 
_reflns.Rmerge_F_all                                   ? 
_reflns.Rmerge_F_obs                                   ? 
_reflns.Friedel_coverage                               ? 
_reflns.number_gt                                      ? 
_reflns.threshold_expression                           ? 
_reflns.pdbx_redundancy                                3.9 
_reflns.pdbx_Rmerge_I_obs                              0.209 
_reflns.pdbx_Rmerge_I_all                              ? 
_reflns.pdbx_Rsym_value                                ? 
_reflns.pdbx_netI_over_av_sigmaI                       ? 
_reflns.pdbx_netI_over_sigmaI                          6.1 
_reflns.pdbx_res_netI_over_av_sigmaI_2                 ? 
_reflns.pdbx_res_netI_over_sigmaI_2                    ? 
_reflns.pdbx_chi_squared                               ? 
_reflns.pdbx_scaling_rejects                           ? 
_reflns.pdbx_d_res_high_opt                            ? 
_reflns.pdbx_d_res_low_opt                             ? 
_reflns.pdbx_d_res_opt_method                          ? 
_reflns.phase_calculation_details                      ? 
_reflns.pdbx_Rrim_I_all                                ? 
_reflns.pdbx_Rpim_I_all                                ? 
_reflns.pdbx_d_opt                                     ? 
_reflns.pdbx_number_measured_all                       ? 
_reflns.pdbx_diffrn_id                                 1 
_reflns.pdbx_ordinal                                   1 
_reflns.pdbx_CC_half                                   ? 
_reflns.pdbx_CC_star                                   ? 
_reflns.pdbx_R_split                                   ? 
_reflns.pdbx_aniso_diffraction_limit_axis_1_ortho[1]   ? 
_reflns.pdbx_aniso_diffraction_limit_axis_1_ortho[2]   ? 
_reflns.pdbx_aniso_diffraction_limit_axis_1_ortho[3]   ? 
_reflns.pdbx_aniso_diffraction_limit_axis_2_ortho[1]   ? 
_reflns.pdbx_aniso_diffraction_limit_axis_2_ortho[2]   ? 
_reflns.pdbx_aniso_diffraction_limit_axis_2_ortho[3]   ? 
_reflns.pdbx_aniso_diffraction_limit_axis_3_ortho[1]   ? 
_reflns.pdbx_aniso_diffraction_limit_axis_3_ortho[2]   ? 
_reflns.pdbx_aniso_diffraction_limit_axis_3_ortho[3]   ? 
_reflns.pdbx_aniso_diffraction_limit_1                 ? 
_reflns.pdbx_aniso_diffraction_limit_2                 ? 
_reflns.pdbx_aniso_diffraction_limit_3                 ? 
_reflns.pdbx_aniso_B_tensor_eigenvector_1_ortho[1]     ? 
_reflns.pdbx_aniso_B_tensor_eigenvector_1_ortho[2]     ? 
_reflns.pdbx_aniso_B_tensor_eigenvector_1_ortho[3]     ? 
_reflns.pdbx_aniso_B_tensor_eigenvector_2_ortho[1]     ? 
_reflns.pdbx_aniso_B_tensor_eigenvector_2_ortho[2]     ? 
_reflns.pdbx_aniso_B_tensor_eigenvector_2_ortho[3]     ? 
_reflns.pdbx_aniso_B_tensor_eigenvector_3_ortho[1]     ? 
_reflns.pdbx_aniso_B_tensor_eigenvector_3_ortho[2]     ? 
_reflns.pdbx_aniso_B_tensor_eigenvector_3_ortho[3]     ? 
_reflns.pdbx_aniso_B_tensor_eigenvalue_1               ? 
_reflns.pdbx_aniso_B_tensor_eigenvalue_2               ? 
_reflns.pdbx_aniso_B_tensor_eigenvalue_3               ? 
_reflns.pdbx_orthogonalization_convention              ? 
_reflns.pdbx_percent_possible_ellipsoidal              ? 
_reflns.pdbx_percent_possible_spherical                ? 
_reflns.pdbx_percent_possible_ellipsoidal_anomalous    ? 
_reflns.pdbx_percent_possible_spherical_anomalous      ? 
_reflns.pdbx_redundancy_anomalous                      ? 
_reflns.pdbx_CC_half_anomalous                         ? 
_reflns.pdbx_absDiff_over_sigma_anomalous              ? 
_reflns.pdbx_percent_possible_anomalous                ? 
_reflns.pdbx_observed_signal_threshold                 ? 
_reflns.pdbx_signal_type                               ? 
_reflns.pdbx_signal_details                            ? 
_reflns.pdbx_signal_software_id                        ? 
# 
_reflns_shell.d_res_high                                    3.5 
_reflns_shell.d_res_low                                     3.63 
_reflns_shell.meanI_over_sigI_all                           ? 
_reflns_shell.meanI_over_sigI_obs                           ? 
_reflns_shell.number_measured_all                           ? 
_reflns_shell.number_measured_obs                           ? 
_reflns_shell.number_possible                               ? 
_reflns_shell.number_unique_all                             ? 
_reflns_shell.number_unique_obs                             292 
_reflns_shell.percent_possible_all                          ? 
_reflns_shell.percent_possible_obs                          ? 
_reflns_shell.Rmerge_F_all                                  ? 
_reflns_shell.Rmerge_F_obs                                  ? 
_reflns_shell.Rmerge_I_all                                  ? 
_reflns_shell.Rmerge_I_obs                                  0.461 
_reflns_shell.meanI_over_sigI_gt                            ? 
_reflns_shell.meanI_over_uI_all                             ? 
_reflns_shell.meanI_over_uI_gt                              ? 
_reflns_shell.number_measured_gt                            ? 
_reflns_shell.number_unique_gt                              ? 
_reflns_shell.percent_possible_gt                           ? 
_reflns_shell.Rmerge_F_gt                                   ? 
_reflns_shell.Rmerge_I_gt                                   ? 
_reflns_shell.pdbx_redundancy                               ? 
_reflns_shell.pdbx_Rsym_value                               ? 
_reflns_shell.pdbx_chi_squared                              ? 
_reflns_shell.pdbx_netI_over_sigmaI_all                     ? 
_reflns_shell.pdbx_netI_over_sigmaI_obs                     ? 
_reflns_shell.pdbx_Rrim_I_all                               ? 
_reflns_shell.pdbx_Rpim_I_all                               ? 
_reflns_shell.pdbx_rejects                                  ? 
_reflns_shell.pdbx_ordinal                                  1 
_reflns_shell.pdbx_diffrn_id                                1 
_reflns_shell.pdbx_CC_half                                  ? 
_reflns_shell.pdbx_CC_star                                  ? 
_reflns_shell.pdbx_R_split                                  ? 
_reflns_shell.pdbx_percent_possible_ellipsoidal             ? 
_reflns_shell.pdbx_percent_possible_spherical               ? 
_reflns_shell.pdbx_percent_possible_ellipsoidal_anomalous   ? 
_reflns_shell.pdbx_percent_possible_spherical_anomalous     ? 
_reflns_shell.pdbx_redundancy_anomalous                     ? 
_reflns_shell.pdbx_CC_half_anomalous                        ? 
_reflns_shell.pdbx_absDiff_over_sigma_anomalous             ? 
_reflns_shell.pdbx_percent_possible_anomalous               ? 
# 
_refine.aniso_B[1][1]                            ? 
_refine.aniso_B[1][2]                            ? 
_refine.aniso_B[1][3]                            ? 
_refine.aniso_B[2][2]                            ? 
_refine.aniso_B[2][3]                            ? 
_refine.aniso_B[3][3]                            ? 
_refine.B_iso_max                                86.380 
_refine.B_iso_mean                               43.6291 
_refine.B_iso_min                                24.120 
_refine.correlation_coeff_Fo_to_Fc               ? 
_refine.correlation_coeff_Fo_to_Fc_free          ? 
_refine.details                                  ? 
_refine.diff_density_max                         ? 
_refine.diff_density_max_esd                     ? 
_refine.diff_density_min                         ? 
_refine.diff_density_min_esd                     ? 
_refine.diff_density_rms                         ? 
_refine.diff_density_rms_esd                     ? 
_refine.entry_id                                 7V9I 
_refine.pdbx_refine_id                           'X-RAY DIFFRACTION' 
_refine.ls_abs_structure_details                 ? 
_refine.ls_abs_structure_Flack                   ? 
_refine.ls_abs_structure_Flack_esd               ? 
_refine.ls_abs_structure_Rogers                  ? 
_refine.ls_abs_structure_Rogers_esd              ? 
_refine.ls_d_res_high                            3.5000 
_refine.ls_d_res_low                             34.0100 
_refine.ls_extinction_coef                       ? 
_refine.ls_extinction_coef_esd                   ? 
_refine.ls_extinction_expression                 ? 
_refine.ls_extinction_method                     ? 
_refine.ls_goodness_of_fit_all                   ? 
_refine.ls_goodness_of_fit_all_esd               ? 
_refine.ls_goodness_of_fit_obs                   ? 
_refine.ls_goodness_of_fit_obs_esd               ? 
_refine.ls_hydrogen_treatment                    ? 
_refine.ls_matrix_type                           ? 
_refine.ls_number_constraints                    ? 
_refine.ls_number_parameters                     ? 
_refine.ls_number_reflns_all                     ? 
_refine.ls_number_reflns_obs                     2775 
_refine.ls_number_reflns_R_free                  158 
_refine.ls_number_reflns_R_work                  2617 
_refine.ls_number_restraints                     ? 
_refine.ls_percent_reflns_obs                    94.1300 
_refine.ls_percent_reflns_R_free                 5.6900 
_refine.ls_R_factor_all                          ? 
_refine.ls_R_factor_obs                          0.2139 
_refine.ls_R_factor_R_free                       0.2608 
_refine.ls_R_factor_R_free_error                 ? 
_refine.ls_R_factor_R_free_error_details         ? 
_refine.ls_R_factor_R_work                       0.2107 
_refine.ls_R_Fsqd_factor_obs                     ? 
_refine.ls_R_I_factor_obs                        ? 
_refine.ls_redundancy_reflns_all                 ? 
_refine.ls_redundancy_reflns_obs                 ? 
_refine.ls_restrained_S_all                      ? 
_refine.ls_restrained_S_obs                      ? 
_refine.ls_shift_over_esd_max                    ? 
_refine.ls_shift_over_esd_mean                   ? 
_refine.ls_structure_factor_coef                 ? 
_refine.ls_weighting_details                     ? 
_refine.ls_weighting_scheme                      ? 
_refine.ls_wR_factor_all                         ? 
_refine.ls_wR_factor_obs                         ? 
_refine.ls_wR_factor_R_free                      ? 
_refine.ls_wR_factor_R_work                      ? 
_refine.occupancy_max                            ? 
_refine.occupancy_min                            ? 
_refine.solvent_model_details                    'FLAT BULK SOLVENT MODEL' 
_refine.solvent_model_param_bsol                 ? 
_refine.solvent_model_param_ksol                 ? 
_refine.pdbx_R_complete                          ? 
_refine.ls_R_factor_gt                           ? 
_refine.ls_goodness_of_fit_gt                    ? 
_refine.ls_goodness_of_fit_ref                   ? 
_refine.ls_shift_over_su_max                     ? 
_refine.ls_shift_over_su_max_lt                  ? 
_refine.ls_shift_over_su_mean                    ? 
_refine.ls_shift_over_su_mean_lt                 ? 
_refine.pdbx_ls_sigma_I                          ? 
_refine.pdbx_ls_sigma_F                          1.360 
_refine.pdbx_ls_sigma_Fsqd                       ? 
_refine.pdbx_data_cutoff_high_absF               ? 
_refine.pdbx_data_cutoff_high_rms_absF           ? 
_refine.pdbx_data_cutoff_low_absF                ? 
_refine.pdbx_isotropic_thermal_model             ? 
_refine.pdbx_ls_cross_valid_method               THROUGHOUT 
_refine.pdbx_method_to_determine_struct          SAD 
_refine.pdbx_starting_model                      ? 
_refine.pdbx_stereochemistry_target_values       ML 
_refine.pdbx_R_Free_selection_details            ? 
_refine.pdbx_stereochem_target_val_spec_case     ? 
_refine.pdbx_overall_ESU_R                       ? 
_refine.pdbx_overall_ESU_R_Free                  ? 
_refine.pdbx_solvent_vdw_probe_radii             1.1100 
_refine.pdbx_solvent_ion_probe_radii             ? 
_refine.pdbx_solvent_shrinkage_radii             0.9000 
_refine.pdbx_real_space_R                        ? 
_refine.pdbx_density_correlation                 ? 
_refine.pdbx_pd_number_of_powder_patterns        ? 
_refine.pdbx_pd_number_of_points                 ? 
_refine.pdbx_pd_meas_number_of_points            ? 
_refine.pdbx_pd_proc_ls_prof_R_factor            ? 
_refine.pdbx_pd_proc_ls_prof_wR_factor           ? 
_refine.pdbx_pd_Marquardt_correlation_coeff      ? 
_refine.pdbx_pd_Fsqrd_R_factor                   ? 
_refine.pdbx_pd_ls_matrix_band_width             ? 
_refine.pdbx_overall_phase_error                 17.2600 
_refine.pdbx_overall_SU_R_free_Cruickshank_DPI   ? 
_refine.pdbx_overall_SU_R_free_Blow_DPI          ? 
_refine.pdbx_overall_SU_R_Blow_DPI               ? 
_refine.pdbx_TLS_residual_ADP_flag               ? 
_refine.pdbx_diffrn_id                           1 
_refine.overall_SU_B                             ? 
_refine.overall_SU_ML                            0.3800 
_refine.overall_SU_R_Cruickshank_DPI             ? 
_refine.overall_SU_R_free                        ? 
_refine.overall_FOM_free_R_set                   ? 
_refine.overall_FOM_work_R_set                   ? 
_refine.pdbx_average_fsc_overall                 ? 
_refine.pdbx_average_fsc_work                    ? 
_refine.pdbx_average_fsc_free                    ? 
# 
_refine_hist.pdbx_refine_id                   'X-RAY DIFFRACTION' 
_refine_hist.cycle_id                         final 
_refine_hist.details                          ? 
_refine_hist.d_res_high                       3.5000 
_refine_hist.d_res_low                        34.0100 
_refine_hist.number_atoms_solvent             0 
_refine_hist.number_atoms_total               1363 
_refine_hist.number_reflns_all                ? 
_refine_hist.number_reflns_obs                ? 
_refine_hist.number_reflns_R_free             ? 
_refine_hist.number_reflns_R_work             ? 
_refine_hist.R_factor_all                     ? 
_refine_hist.R_factor_obs                     ? 
_refine_hist.R_factor_R_free                  ? 
_refine_hist.R_factor_R_work                  ? 
_refine_hist.pdbx_number_residues_total       129 
_refine_hist.pdbx_B_iso_mean_ligand           ? 
_refine_hist.pdbx_B_iso_mean_solvent          ? 
_refine_hist.pdbx_number_atoms_protein        877 
_refine_hist.pdbx_number_atoms_nucleic_acid   486 
_refine_hist.pdbx_number_atoms_ligand         0 
_refine_hist.pdbx_number_atoms_lipid          ? 
_refine_hist.pdbx_number_atoms_carb           ? 
_refine_hist.pdbx_pseudo_atom_details         ? 
# 
_refine_ls_shell.pdbx_refine_id                   'X-RAY DIFFRACTION' 
_refine_ls_shell.d_res_high                       3.5000 
_refine_ls_shell.d_res_low                        3.63 
_refine_ls_shell.number_reflns_all                2775 
_refine_ls_shell.number_reflns_obs                ? 
_refine_ls_shell.number_reflns_R_free             158 
_refine_ls_shell.number_reflns_R_work             2617 
_refine_ls_shell.percent_reflns_obs               94.0000 
_refine_ls_shell.percent_reflns_R_free            ? 
_refine_ls_shell.R_factor_all                     ? 
_refine_ls_shell.R_factor_obs                     ? 
_refine_ls_shell.R_factor_R_free                  0.2608 
_refine_ls_shell.R_factor_R_free_error            0.0000 
_refine_ls_shell.R_factor_R_work                  0.2107 
_refine_ls_shell.redundancy_reflns_all            ? 
_refine_ls_shell.redundancy_reflns_obs            ? 
_refine_ls_shell.wR_factor_all                    ? 
_refine_ls_shell.wR_factor_obs                    ? 
_refine_ls_shell.wR_factor_R_free                 ? 
_refine_ls_shell.wR_factor_R_work                 ? 
_refine_ls_shell.pdbx_R_complete                  ? 
_refine_ls_shell.pdbx_total_number_of_bins_used   1 
_refine_ls_shell.pdbx_phase_error                 ? 
_refine_ls_shell.pdbx_fsc_work                    ? 
_refine_ls_shell.pdbx_fsc_free                    ? 
# 
_struct.entry_id                     7V9I 
_struct.title                        'The Monomer mutant of BEN4 domain of protein Bend3 with DNA' 
_struct.pdbx_model_details           ? 
_struct.pdbx_formula_weight          ? 
_struct.pdbx_formula_weight_method   ? 
_struct.pdbx_model_type_details      ? 
_struct.pdbx_CASP_flag               N 
# 
_struct_keywords.entry_id        7V9I 
_struct_keywords.text            'DNA BINDING PROTEIN-DNA COMPLEX' 
_struct_keywords.pdbx_keywords   'DNA BINDING PROTEIN/DNA' 
# 
loop_
_struct_asym.id 
_struct_asym.pdbx_blank_PDB_chainid_flag 
_struct_asym.pdbx_modified 
_struct_asym.entity_id 
_struct_asym.details 
A N N 1 ? 
B N N 2 ? 
C N N 3 ? 
# 
loop_
_struct_ref.id 
_struct_ref.db_name 
_struct_ref.db_code 
_struct_ref.pdbx_db_accession 
_struct_ref.pdbx_db_isoform 
_struct_ref.entity_id 
_struct_ref.pdbx_seq_one_letter_code 
_struct_ref.pdbx_align_begin 
1 UNP BEND3_MOUSE Q6PAL0 ? 1 
;VPSPYLLSDKEVREIVQQSLSVGNFAARLLVRLFPELFTTENLRLQYNHSGACNKKQLDPTRLRLIRHYVEAVYPVEKME
EVWHYECIPSIDERCRRPNRKKCDILKKAKKVEK
;
712 
2 PDB 7V9I        7V9I   ? 2 ? 1   
3 PDB 7V9I        7V9I   ? 3 ? 1   
# 
loop_
_struct_ref_seq.align_id 
_struct_ref_seq.ref_id 
_struct_ref_seq.pdbx_PDB_id_code 
_struct_ref_seq.pdbx_strand_id 
_struct_ref_seq.seq_align_beg 
_struct_ref_seq.pdbx_seq_align_beg_ins_code 
_struct_ref_seq.seq_align_end 
_struct_ref_seq.pdbx_seq_align_end_ins_code 
_struct_ref_seq.pdbx_db_accession 
_struct_ref_seq.db_align_beg 
_struct_ref_seq.pdbx_db_align_beg_ins_code 
_struct_ref_seq.db_align_end 
_struct_ref_seq.pdbx_db_align_end_ins_code 
_struct_ref_seq.pdbx_auth_seq_align_beg 
_struct_ref_seq.pdbx_auth_seq_align_end 
1 1 7V9I A 1 ? 114 ? Q6PAL0 712 ? 825 ? 712 825 
2 2 7V9I B 1 ? 12  ? 7V9I   3   ? 14  ? 3   14  
3 3 7V9I C 1 ? 12  ? 7V9I   3   ? 14  ? 3   14  
# 
loop_
_struct_ref_seq_dif.align_id 
_struct_ref_seq_dif.pdbx_pdb_id_code 
_struct_ref_seq_dif.mon_id 
_struct_ref_seq_dif.pdbx_pdb_strand_id 
_struct_ref_seq_dif.seq_num 
_struct_ref_seq_dif.pdbx_pdb_ins_code 
_struct_ref_seq_dif.pdbx_seq_db_name 
_struct_ref_seq_dif.pdbx_seq_db_accession_code 
_struct_ref_seq_dif.db_mon_id 
_struct_ref_seq_dif.pdbx_seq_db_seq_num 
_struct_ref_seq_dif.details 
_struct_ref_seq_dif.pdbx_auth_seq_num 
_struct_ref_seq_dif.pdbx_ordinal 
1 7V9I ARG A 76 ? UNP Q6PAL0 VAL 787 'engineered mutation' 787 1 
1 7V9I ALA A 77 ? UNP Q6PAL0 GLU 788 'engineered mutation' 788 2 
1 7V9I ASN A 79 ? UNP Q6PAL0 MET 790 'engineered mutation' 790 3 
1 7V9I ASP A 80 ? UNP Q6PAL0 GLU 791 'engineered mutation' 791 4 
1 7V9I ARG A 81 ? UNP Q6PAL0 GLU 792 'engineered mutation' 792 5 
# 
_pdbx_struct_assembly.id                   1 
_pdbx_struct_assembly.details              author_and_software_defined_assembly 
_pdbx_struct_assembly.method_details       PISA 
_pdbx_struct_assembly.oligomeric_details   trimeric 
_pdbx_struct_assembly.oligomeric_count     3 
# 
loop_
_pdbx_struct_assembly_prop.biol_id 
_pdbx_struct_assembly_prop.type 
_pdbx_struct_assembly_prop.value 
_pdbx_struct_assembly_prop.details 
1 'ABSA (A^2)' 2850  ? 
1 MORE         -24   ? 
1 'SSA (A^2)'  10110 ? 
# 
_pdbx_struct_assembly_gen.assembly_id       1 
_pdbx_struct_assembly_gen.oper_expression   1 
_pdbx_struct_assembly_gen.asym_id_list      A,B,C 
# 
_pdbx_struct_assembly_auth_evidence.id                     1 
_pdbx_struct_assembly_auth_evidence.assembly_id            1 
_pdbx_struct_assembly_auth_evidence.experimental_support   'gel filtration' 
_pdbx_struct_assembly_auth_evidence.details                ? 
# 
_pdbx_struct_oper_list.id                   1 
_pdbx_struct_oper_list.type                 'identity operation' 
_pdbx_struct_oper_list.name                 1_555 
_pdbx_struct_oper_list.symmetry_operation   x,y,z 
_pdbx_struct_oper_list.matrix[1][1]         1.0000000000 
_pdbx_struct_oper_list.matrix[1][2]         0.0000000000 
_pdbx_struct_oper_list.matrix[1][3]         0.0000000000 
_pdbx_struct_oper_list.vector[1]            0.0000000000 
_pdbx_struct_oper_list.matrix[2][1]         0.0000000000 
_pdbx_struct_oper_list.matrix[2][2]         1.0000000000 
_pdbx_struct_oper_list.matrix[2][3]         0.0000000000 
_pdbx_struct_oper_list.vector[2]            0.0000000000 
_pdbx_struct_oper_list.matrix[3][1]         0.0000000000 
_pdbx_struct_oper_list.matrix[3][2]         0.0000000000 
_pdbx_struct_oper_list.matrix[3][3]         1.0000000000 
_pdbx_struct_oper_list.vector[3]            0.0000000000 
# 
loop_
_struct_conf.conf_type_id 
_struct_conf.id 
_struct_conf.pdbx_PDB_helix_id 
_struct_conf.beg_label_comp_id 
_struct_conf.beg_label_asym_id 
_struct_conf.beg_label_seq_id 
_struct_conf.pdbx_beg_PDB_ins_code 
_struct_conf.end_label_comp_id 
_struct_conf.end_label_asym_id 
_struct_conf.end_label_seq_id 
_struct_conf.pdbx_end_PDB_ins_code 
_struct_conf.beg_auth_comp_id 
_struct_conf.beg_auth_asym_id 
_struct_conf.beg_auth_seq_id 
_struct_conf.end_auth_comp_id 
_struct_conf.end_auth_asym_id 
_struct_conf.end_auth_seq_id 
_struct_conf.pdbx_PDB_helix_class 
_struct_conf.details 
_struct_conf.pdbx_PDB_helix_length 
HELX_P HELX_P1 AA1 SER A 8   ? SER A 19  ? SER A 719 SER A 730 1 ? 12 
HELX_P HELX_P2 AA2 SER A 21  ? PHE A 34  ? SER A 732 PHE A 745 1 ? 14 
HELX_P HELX_P3 AA3 ASN A 42  ? LEU A 45  ? ASN A 753 LEU A 756 5 ? 4  
HELX_P HELX_P4 AA4 ASP A 59  ? TYR A 74  ? ASP A 770 TYR A 785 1 ? 16 
HELX_P HELX_P5 AA5 PRO A 75  ? LYS A 78  ? PRO A 786 LYS A 789 5 ? 4  
HELX_P HELX_P6 AA6 ASN A 79  ? ARG A 97  ? ASN A 790 ARG A 808 1 ? 19 
HELX_P HELX_P7 AA7 LYS A 101 ? LYS A 108 ? LYS A 812 LYS A 819 1 ? 8  
# 
_struct_conf_type.id          HELX_P 
_struct_conf_type.criteria    ? 
_struct_conf_type.reference   ? 
# 
loop_
_struct_conn.id 
_struct_conn.conn_type_id 
_struct_conn.pdbx_leaving_atom_flag 
_struct_conn.pdbx_PDB_id 
_struct_conn.ptnr1_label_asym_id 
_struct_conn.ptnr1_label_comp_id 
_struct_conn.ptnr1_label_seq_id 
_struct_conn.ptnr1_label_atom_id 
_struct_conn.pdbx_ptnr1_label_alt_id 
_struct_conn.pdbx_ptnr1_PDB_ins_code 
_struct_conn.pdbx_ptnr1_standard_comp_id 
_struct_conn.ptnr1_symmetry 
_struct_conn.ptnr2_label_asym_id 
_struct_conn.ptnr2_label_comp_id 
_struct_conn.ptnr2_label_seq_id 
_struct_conn.ptnr2_label_atom_id 
_struct_conn.pdbx_ptnr2_label_alt_id 
_struct_conn.pdbx_ptnr2_PDB_ins_code 
_struct_conn.ptnr1_auth_asym_id 
_struct_conn.ptnr1_auth_comp_id 
_struct_conn.ptnr1_auth_seq_id 
_struct_conn.ptnr2_auth_asym_id 
_struct_conn.ptnr2_auth_comp_id 
_struct_conn.ptnr2_auth_seq_id 
_struct_conn.ptnr2_symmetry 
_struct_conn.pdbx_ptnr3_label_atom_id 
_struct_conn.pdbx_ptnr3_label_seq_id 
_struct_conn.pdbx_ptnr3_label_comp_id 
_struct_conn.pdbx_ptnr3_label_asym_id 
_struct_conn.pdbx_ptnr3_label_alt_id 
_struct_conn.pdbx_ptnr3_PDB_ins_code 
_struct_conn.details 
_struct_conn.pdbx_dist_value 
_struct_conn.pdbx_value_order 
_struct_conn.pdbx_role 
hydrog1  hydrog ? ? B DG 1  N1 ? ? ? 1_555 C DC 12 N3 ? ? B DG 3  C DC 14 1_555 ? ? ? ? ? ? WATSON-CRICK ? ? ? 
hydrog2  hydrog ? ? B DG 1  N2 ? ? ? 1_555 C DC 12 O2 ? ? B DG 3  C DC 14 1_555 ? ? ? ? ? ? WATSON-CRICK ? ? ? 
hydrog3  hydrog ? ? B DG 1  O6 ? ? ? 1_555 C DC 12 N4 ? ? B DG 3  C DC 14 1_555 ? ? ? ? ? ? WATSON-CRICK ? ? ? 
hydrog4  hydrog ? ? B DC 2  N3 ? ? ? 1_555 C DG 11 N1 ? ? B DC 4  C DG 13 1_555 ? ? ? ? ? ? WATSON-CRICK ? ? ? 
hydrog5  hydrog ? ? B DC 2  N4 ? ? ? 1_555 C DG 11 O6 ? ? B DC 4  C DG 13 1_555 ? ? ? ? ? ? WATSON-CRICK ? ? ? 
hydrog6  hydrog ? ? B DC 2  O2 ? ? ? 1_555 C DG 11 N2 ? ? B DC 4  C DG 13 1_555 ? ? ? ? ? ? WATSON-CRICK ? ? ? 
hydrog7  hydrog ? ? B DC 3  N3 ? ? ? 1_555 C DG 10 N1 ? ? B DC 5  C DG 12 1_555 ? ? ? ? ? ? WATSON-CRICK ? ? ? 
hydrog8  hydrog ? ? B DC 3  N4 ? ? ? 1_555 C DG 10 O6 ? ? B DC 5  C DG 12 1_555 ? ? ? ? ? ? WATSON-CRICK ? ? ? 
hydrog9  hydrog ? ? B DC 3  O2 ? ? ? 1_555 C DG 10 N2 ? ? B DC 5  C DG 12 1_555 ? ? ? ? ? ? WATSON-CRICK ? ? ? 
hydrog10 hydrog ? ? B DC 4  N3 ? ? ? 1_555 C DG 9  N1 ? ? B DC 6  C DG 11 1_555 ? ? ? ? ? ? WATSON-CRICK ? ? ? 
hydrog11 hydrog ? ? B DC 4  N4 ? ? ? 1_555 C DG 9  O6 ? ? B DC 6  C DG 11 1_555 ? ? ? ? ? ? WATSON-CRICK ? ? ? 
hydrog12 hydrog ? ? B DC 4  O2 ? ? ? 1_555 C DG 9  N2 ? ? B DC 6  C DG 11 1_555 ? ? ? ? ? ? WATSON-CRICK ? ? ? 
hydrog13 hydrog ? ? B DC 5  N3 ? ? ? 1_555 C DG 8  N1 ? ? B DC 7  C DG 10 1_555 ? ? ? ? ? ? WATSON-CRICK ? ? ? 
hydrog14 hydrog ? ? B DC 5  N4 ? ? ? 1_555 C DG 8  O6 ? ? B DC 7  C DG 10 1_555 ? ? ? ? ? ? WATSON-CRICK ? ? ? 
hydrog15 hydrog ? ? B DC 5  O2 ? ? ? 1_555 C DG 8  N2 ? ? B DC 7  C DG 10 1_555 ? ? ? ? ? ? WATSON-CRICK ? ? ? 
hydrog16 hydrog ? ? B DA 6  N1 ? ? ? 1_555 C DT 7  N3 ? ? B DA 8  C DT 9  1_555 ? ? ? ? ? ? WATSON-CRICK ? ? ? 
hydrog17 hydrog ? ? B DA 6  N6 ? ? ? 1_555 C DT 7  O4 ? ? B DA 8  C DT 9  1_555 ? ? ? ? ? ? WATSON-CRICK ? ? ? 
hydrog18 hydrog ? ? B DC 7  N3 ? ? ? 1_555 C DG 6  N1 ? ? B DC 9  C DG 8  1_555 ? ? ? ? ? ? WATSON-CRICK ? ? ? 
hydrog19 hydrog ? ? B DC 7  N4 ? ? ? 1_555 C DG 6  O6 ? ? B DC 9  C DG 8  1_555 ? ? ? ? ? ? WATSON-CRICK ? ? ? 
hydrog20 hydrog ? ? B DC 7  O2 ? ? ? 1_555 C DG 6  N2 ? ? B DC 9  C DG 8  1_555 ? ? ? ? ? ? WATSON-CRICK ? ? ? 
hydrog21 hydrog ? ? B DG 8  N1 ? ? ? 1_555 C DC 5  N3 ? ? B DG 10 C DC 7  1_555 ? ? ? ? ? ? WATSON-CRICK ? ? ? 
hydrog22 hydrog ? ? B DG 8  N2 ? ? ? 1_555 C DC 5  O2 ? ? B DG 10 C DC 7  1_555 ? ? ? ? ? ? WATSON-CRICK ? ? ? 
hydrog23 hydrog ? ? B DG 8  O6 ? ? ? 1_555 C DC 5  N4 ? ? B DG 10 C DC 7  1_555 ? ? ? ? ? ? WATSON-CRICK ? ? ? 
hydrog24 hydrog ? ? B DC 9  N3 ? ? ? 1_555 C DG 4  N1 ? ? B DC 11 C DG 6  1_555 ? ? ? ? ? ? WATSON-CRICK ? ? ? 
hydrog25 hydrog ? ? B DC 9  N4 ? ? ? 1_555 C DG 4  O6 ? ? B DC 11 C DG 6  1_555 ? ? ? ? ? ? WATSON-CRICK ? ? ? 
hydrog26 hydrog ? ? B DC 9  O2 ? ? ? 1_555 C DG 4  N2 ? ? B DC 11 C DG 6  1_555 ? ? ? ? ? ? WATSON-CRICK ? ? ? 
hydrog27 hydrog ? ? B DG 10 N1 ? ? ? 1_555 C DC 3  N3 ? ? B DG 12 C DC 5  1_555 ? ? ? ? ? ? WATSON-CRICK ? ? ? 
hydrog28 hydrog ? ? B DG 10 N2 ? ? ? 1_555 C DC 3  O2 ? ? B DG 12 C DC 5  1_555 ? ? ? ? ? ? WATSON-CRICK ? ? ? 
hydrog29 hydrog ? ? B DG 10 O6 ? ? ? 1_555 C DC 3  N4 ? ? B DG 12 C DC 5  1_555 ? ? ? ? ? ? WATSON-CRICK ? ? ? 
hydrog30 hydrog ? ? B DG 11 N1 ? ? ? 1_555 C DC 2  N3 ? ? B DG 13 C DC 4  1_555 ? ? ? ? ? ? WATSON-CRICK ? ? ? 
hydrog31 hydrog ? ? B DG 11 N2 ? ? ? 1_555 C DC 2  O2 ? ? B DG 13 C DC 4  1_555 ? ? ? ? ? ? WATSON-CRICK ? ? ? 
hydrog32 hydrog ? ? B DG 11 O6 ? ? ? 1_555 C DC 2  N4 ? ? B DG 13 C DC 4  1_555 ? ? ? ? ? ? WATSON-CRICK ? ? ? 
hydrog33 hydrog ? ? B DT 12 N3 ? ? ? 1_555 C DA 1  N1 ? ? B DT 14 C DA 3  1_555 ? ? ? ? ? ? WATSON-CRICK ? ? ? 
hydrog34 hydrog ? ? B DT 12 O4 ? ? ? 1_555 C DA 1  N6 ? ? B DT 14 C DA 3  1_555 ? ? ? ? ? ? WATSON-CRICK ? ? ? 
# 
_struct_conn_type.id          hydrog 
_struct_conn_type.criteria    ? 
_struct_conn_type.reference   ? 
# 
_struct_sheet.id               AA1 
_struct_sheet.type             ? 
_struct_sheet.number_strands   2 
_struct_sheet.details          ? 
# 
_struct_sheet_order.sheet_id     AA1 
_struct_sheet_order.range_id_1   1 
_struct_sheet_order.range_id_2   2 
_struct_sheet_order.offset       ? 
_struct_sheet_order.sense        parallel 
# 
loop_
_struct_sheet_range.sheet_id 
_struct_sheet_range.id 
_struct_sheet_range.beg_label_comp_id 
_struct_sheet_range.beg_label_asym_id 
_struct_sheet_range.beg_label_seq_id 
_struct_sheet_range.pdbx_beg_PDB_ins_code 
_struct_sheet_range.end_label_comp_id 
_struct_sheet_range.end_label_asym_id 
_struct_sheet_range.end_label_seq_id 
_struct_sheet_range.pdbx_end_PDB_ins_code 
_struct_sheet_range.beg_auth_comp_id 
_struct_sheet_range.beg_auth_asym_id 
_struct_sheet_range.beg_auth_seq_id 
_struct_sheet_range.end_auth_comp_id 
_struct_sheet_range.end_auth_asym_id 
_struct_sheet_range.end_auth_seq_id 
AA1 1 TYR A 47 ? ASN A 48 ? TYR A 758 ASN A 759 
AA1 2 LYS A 56 ? GLN A 57 ? LYS A 767 GLN A 768 
# 
_pdbx_struct_sheet_hbond.sheet_id                AA1 
_pdbx_struct_sheet_hbond.range_id_1              1 
_pdbx_struct_sheet_hbond.range_id_2              2 
_pdbx_struct_sheet_hbond.range_1_label_atom_id   N 
_pdbx_struct_sheet_hbond.range_1_label_comp_id   ASN 
_pdbx_struct_sheet_hbond.range_1_label_asym_id   A 
_pdbx_struct_sheet_hbond.range_1_label_seq_id    48 
_pdbx_struct_sheet_hbond.range_1_PDB_ins_code    ? 
_pdbx_struct_sheet_hbond.range_1_auth_atom_id    N 
_pdbx_struct_sheet_hbond.range_1_auth_comp_id    ASN 
_pdbx_struct_sheet_hbond.range_1_auth_asym_id    A 
_pdbx_struct_sheet_hbond.range_1_auth_seq_id     759 
_pdbx_struct_sheet_hbond.range_2_label_atom_id   O 
_pdbx_struct_sheet_hbond.range_2_label_comp_id   LYS 
_pdbx_struct_sheet_hbond.range_2_label_asym_id   A 
_pdbx_struct_sheet_hbond.range_2_label_seq_id    56 
_pdbx_struct_sheet_hbond.range_2_PDB_ins_code    ? 
_pdbx_struct_sheet_hbond.range_2_auth_atom_id    O 
_pdbx_struct_sheet_hbond.range_2_auth_comp_id    LYS 
_pdbx_struct_sheet_hbond.range_2_auth_asym_id    A 
_pdbx_struct_sheet_hbond.range_2_auth_seq_id     767 
# 
_pdbx_validate_torsion.id              1 
_pdbx_validate_torsion.PDB_model_num   1 
_pdbx_validate_torsion.auth_comp_id    ASP 
_pdbx_validate_torsion.auth_asym_id    A 
_pdbx_validate_torsion.auth_seq_id     770 
_pdbx_validate_torsion.PDB_ins_code    ? 
_pdbx_validate_torsion.label_alt_id    ? 
_pdbx_validate_torsion.phi             -44.96 
_pdbx_validate_torsion.psi             107.97 
# 
loop_
_pdbx_unobs_or_zero_occ_residues.id 
_pdbx_unobs_or_zero_occ_residues.PDB_model_num 
_pdbx_unobs_or_zero_occ_residues.polymer_flag 
_pdbx_unobs_or_zero_occ_residues.occupancy_flag 
_pdbx_unobs_or_zero_occ_residues.auth_asym_id 
_pdbx_unobs_or_zero_occ_residues.auth_comp_id 
_pdbx_unobs_or_zero_occ_residues.auth_seq_id 
_pdbx_unobs_or_zero_occ_residues.PDB_ins_code 
_pdbx_unobs_or_zero_occ_residues.label_asym_id 
_pdbx_unobs_or_zero_occ_residues.label_comp_id 
_pdbx_unobs_or_zero_occ_residues.label_seq_id 
1 1 Y 1 A VAL 712 ? A VAL 1   
2 1 Y 1 A PRO 713 ? A PRO 2   
3 1 Y 1 A SER 714 ? A SER 3   
4 1 Y 1 A PRO 715 ? A PRO 4   
5 1 Y 1 A TYR 716 ? A TYR 5   
6 1 Y 1 A LYS 822 ? A LYS 111 
7 1 Y 1 A VAL 823 ? A VAL 112 
8 1 Y 1 A GLU 824 ? A GLU 113 
9 1 Y 1 A LYS 825 ? A LYS 114 
# 
loop_
_chem_comp_atom.comp_id 
_chem_comp_atom.atom_id 
_chem_comp_atom.type_symbol 
_chem_comp_atom.pdbx_aromatic_flag 
_chem_comp_atom.pdbx_stereo_config 
_chem_comp_atom.pdbx_ordinal 
ALA N      N N N 1   
ALA CA     C N S 2   
ALA C      C N N 3   
ALA O      O N N 4   
ALA CB     C N N 5   
ALA OXT    O N N 6   
ALA H      H N N 7   
ALA H2     H N N 8   
ALA HA     H N N 9   
ALA HB1    H N N 10  
ALA HB2    H N N 11  
ALA HB3    H N N 12  
ALA HXT    H N N 13  
ARG N      N N N 14  
ARG CA     C N S 15  
ARG C      C N N 16  
ARG O      O N N 17  
ARG CB     C N N 18  
ARG CG     C N N 19  
ARG CD     C N N 20  
ARG NE     N N N 21  
ARG CZ     C N N 22  
ARG NH1    N N N 23  
ARG NH2    N N N 24  
ARG OXT    O N N 25  
ARG H      H N N 26  
ARG H2     H N N 27  
ARG HA     H N N 28  
ARG HB2    H N N 29  
ARG HB3    H N N 30  
ARG HG2    H N N 31  
ARG HG3    H N N 32  
ARG HD2    H N N 33  
ARG HD3    H N N 34  
ARG HE     H N N 35  
ARG HH11   H N N 36  
ARG HH12   H N N 37  
ARG HH21   H N N 38  
ARG HH22   H N N 39  
ARG HXT    H N N 40  
ASN N      N N N 41  
ASN CA     C N S 42  
ASN C      C N N 43  
ASN O      O N N 44  
ASN CB     C N N 45  
ASN CG     C N N 46  
ASN OD1    O N N 47  
ASN ND2    N N N 48  
ASN OXT    O N N 49  
ASN H      H N N 50  
ASN H2     H N N 51  
ASN HA     H N N 52  
ASN HB2    H N N 53  
ASN HB3    H N N 54  
ASN HD21   H N N 55  
ASN HD22   H N N 56  
ASN HXT    H N N 57  
ASP N      N N N 58  
ASP CA     C N S 59  
ASP C      C N N 60  
ASP O      O N N 61  
ASP CB     C N N 62  
ASP CG     C N N 63  
ASP OD1    O N N 64  
ASP OD2    O N N 65  
ASP OXT    O N N 66  
ASP H      H N N 67  
ASP H2     H N N 68  
ASP HA     H N N 69  
ASP HB2    H N N 70  
ASP HB3    H N N 71  
ASP HD2    H N N 72  
ASP HXT    H N N 73  
CYS N      N N N 74  
CYS CA     C N R 75  
CYS C      C N N 76  
CYS O      O N N 77  
CYS CB     C N N 78  
CYS SG     S N N 79  
CYS OXT    O N N 80  
CYS H      H N N 81  
CYS H2     H N N 82  
CYS HA     H N N 83  
CYS HB2    H N N 84  
CYS HB3    H N N 85  
CYS HG     H N N 86  
CYS HXT    H N N 87  
DA  OP3    O N N 88  
DA  P      P N N 89  
DA  OP1    O N N 90  
DA  OP2    O N N 91  
DA  "O5'"  O N N 92  
DA  "C5'"  C N N 93  
DA  "C4'"  C N R 94  
DA  "O4'"  O N N 95  
DA  "C3'"  C N S 96  
DA  "O3'"  O N N 97  
DA  "C2'"  C N N 98  
DA  "C1'"  C N R 99  
DA  N9     N Y N 100 
DA  C8     C Y N 101 
DA  N7     N Y N 102 
DA  C5     C Y N 103 
DA  C6     C Y N 104 
DA  N6     N N N 105 
DA  N1     N Y N 106 
DA  C2     C Y N 107 
DA  N3     N Y N 108 
DA  C4     C Y N 109 
DA  HOP3   H N N 110 
DA  HOP2   H N N 111 
DA  "H5'"  H N N 112 
DA  "H5''" H N N 113 
DA  "H4'"  H N N 114 
DA  "H3'"  H N N 115 
DA  "HO3'" H N N 116 
DA  "H2'"  H N N 117 
DA  "H2''" H N N 118 
DA  "H1'"  H N N 119 
DA  H8     H N N 120 
DA  H61    H N N 121 
DA  H62    H N N 122 
DA  H2     H N N 123 
DC  OP3    O N N 124 
DC  P      P N N 125 
DC  OP1    O N N 126 
DC  OP2    O N N 127 
DC  "O5'"  O N N 128 
DC  "C5'"  C N N 129 
DC  "C4'"  C N R 130 
DC  "O4'"  O N N 131 
DC  "C3'"  C N S 132 
DC  "O3'"  O N N 133 
DC  "C2'"  C N N 134 
DC  "C1'"  C N R 135 
DC  N1     N N N 136 
DC  C2     C N N 137 
DC  O2     O N N 138 
DC  N3     N N N 139 
DC  C4     C N N 140 
DC  N4     N N N 141 
DC  C5     C N N 142 
DC  C6     C N N 143 
DC  HOP3   H N N 144 
DC  HOP2   H N N 145 
DC  "H5'"  H N N 146 
DC  "H5''" H N N 147 
DC  "H4'"  H N N 148 
DC  "H3'"  H N N 149 
DC  "HO3'" H N N 150 
DC  "H2'"  H N N 151 
DC  "H2''" H N N 152 
DC  "H1'"  H N N 153 
DC  H41    H N N 154 
DC  H42    H N N 155 
DC  H5     H N N 156 
DC  H6     H N N 157 
DG  OP3    O N N 158 
DG  P      P N N 159 
DG  OP1    O N N 160 
DG  OP2    O N N 161 
DG  "O5'"  O N N 162 
DG  "C5'"  C N N 163 
DG  "C4'"  C N R 164 
DG  "O4'"  O N N 165 
DG  "C3'"  C N S 166 
DG  "O3'"  O N N 167 
DG  "C2'"  C N N 168 
DG  "C1'"  C N R 169 
DG  N9     N Y N 170 
DG  C8     C Y N 171 
DG  N7     N Y N 172 
DG  C5     C Y N 173 
DG  C6     C N N 174 
DG  O6     O N N 175 
DG  N1     N N N 176 
DG  C2     C N N 177 
DG  N2     N N N 178 
DG  N3     N N N 179 
DG  C4     C Y N 180 
DG  HOP3   H N N 181 
DG  HOP2   H N N 182 
DG  "H5'"  H N N 183 
DG  "H5''" H N N 184 
DG  "H4'"  H N N 185 
DG  "H3'"  H N N 186 
DG  "HO3'" H N N 187 
DG  "H2'"  H N N 188 
DG  "H2''" H N N 189 
DG  "H1'"  H N N 190 
DG  H8     H N N 191 
DG  H1     H N N 192 
DG  H21    H N N 193 
DG  H22    H N N 194 
DT  OP3    O N N 195 
DT  P      P N N 196 
DT  OP1    O N N 197 
DT  OP2    O N N 198 
DT  "O5'"  O N N 199 
DT  "C5'"  C N N 200 
DT  "C4'"  C N R 201 
DT  "O4'"  O N N 202 
DT  "C3'"  C N S 203 
DT  "O3'"  O N N 204 
DT  "C2'"  C N N 205 
DT  "C1'"  C N R 206 
DT  N1     N N N 207 
DT  C2     C N N 208 
DT  O2     O N N 209 
DT  N3     N N N 210 
DT  C4     C N N 211 
DT  O4     O N N 212 
DT  C5     C N N 213 
DT  C7     C N N 214 
DT  C6     C N N 215 
DT  HOP3   H N N 216 
DT  HOP2   H N N 217 
DT  "H5'"  H N N 218 
DT  "H5''" H N N 219 
DT  "H4'"  H N N 220 
DT  "H3'"  H N N 221 
DT  "HO3'" H N N 222 
DT  "H2'"  H N N 223 
DT  "H2''" H N N 224 
DT  "H1'"  H N N 225 
DT  H3     H N N 226 
DT  H71    H N N 227 
DT  H72    H N N 228 
DT  H73    H N N 229 
DT  H6     H N N 230 
GLN N      N N N 231 
GLN CA     C N S 232 
GLN C      C N N 233 
GLN O      O N N 234 
GLN CB     C N N 235 
GLN CG     C N N 236 
GLN CD     C N N 237 
GLN OE1    O N N 238 
GLN NE2    N N N 239 
GLN OXT    O N N 240 
GLN H      H N N 241 
GLN H2     H N N 242 
GLN HA     H N N 243 
GLN HB2    H N N 244 
GLN HB3    H N N 245 
GLN HG2    H N N 246 
GLN HG3    H N N 247 
GLN HE21   H N N 248 
GLN HE22   H N N 249 
GLN HXT    H N N 250 
GLU N      N N N 251 
GLU CA     C N S 252 
GLU C      C N N 253 
GLU O      O N N 254 
GLU CB     C N N 255 
GLU CG     C N N 256 
GLU CD     C N N 257 
GLU OE1    O N N 258 
GLU OE2    O N N 259 
GLU OXT    O N N 260 
GLU H      H N N 261 
GLU H2     H N N 262 
GLU HA     H N N 263 
GLU HB2    H N N 264 
GLU HB3    H N N 265 
GLU HG2    H N N 266 
GLU HG3    H N N 267 
GLU HE2    H N N 268 
GLU HXT    H N N 269 
GLY N      N N N 270 
GLY CA     C N N 271 
GLY C      C N N 272 
GLY O      O N N 273 
GLY OXT    O N N 274 
GLY H      H N N 275 
GLY H2     H N N 276 
GLY HA2    H N N 277 
GLY HA3    H N N 278 
GLY HXT    H N N 279 
HIS N      N N N 280 
HIS CA     C N S 281 
HIS C      C N N 282 
HIS O      O N N 283 
HIS CB     C N N 284 
HIS CG     C Y N 285 
HIS ND1    N Y N 286 
HIS CD2    C Y N 287 
HIS CE1    C Y N 288 
HIS NE2    N Y N 289 
HIS OXT    O N N 290 
HIS H      H N N 291 
HIS H2     H N N 292 
HIS HA     H N N 293 
HIS HB2    H N N 294 
HIS HB3    H N N 295 
HIS HD1    H N N 296 
HIS HD2    H N N 297 
HIS HE1    H N N 298 
HIS HE2    H N N 299 
HIS HXT    H N N 300 
ILE N      N N N 301 
ILE CA     C N S 302 
ILE C      C N N 303 
ILE O      O N N 304 
ILE CB     C N S 305 
ILE CG1    C N N 306 
ILE CG2    C N N 307 
ILE CD1    C N N 308 
ILE OXT    O N N 309 
ILE H      H N N 310 
ILE H2     H N N 311 
ILE HA     H N N 312 
ILE HB     H N N 313 
ILE HG12   H N N 314 
ILE HG13   H N N 315 
ILE HG21   H N N 316 
ILE HG22   H N N 317 
ILE HG23   H N N 318 
ILE HD11   H N N 319 
ILE HD12   H N N 320 
ILE HD13   H N N 321 
ILE HXT    H N N 322 
LEU N      N N N 323 
LEU CA     C N S 324 
LEU C      C N N 325 
LEU O      O N N 326 
LEU CB     C N N 327 
LEU CG     C N N 328 
LEU CD1    C N N 329 
LEU CD2    C N N 330 
LEU OXT    O N N 331 
LEU H      H N N 332 
LEU H2     H N N 333 
LEU HA     H N N 334 
LEU HB2    H N N 335 
LEU HB3    H N N 336 
LEU HG     H N N 337 
LEU HD11   H N N 338 
LEU HD12   H N N 339 
LEU HD13   H N N 340 
LEU HD21   H N N 341 
LEU HD22   H N N 342 
LEU HD23   H N N 343 
LEU HXT    H N N 344 
LYS N      N N N 345 
LYS CA     C N S 346 
LYS C      C N N 347 
LYS O      O N N 348 
LYS CB     C N N 349 
LYS CG     C N N 350 
LYS CD     C N N 351 
LYS CE     C N N 352 
LYS NZ     N N N 353 
LYS OXT    O N N 354 
LYS H      H N N 355 
LYS H2     H N N 356 
LYS HA     H N N 357 
LYS HB2    H N N 358 
LYS HB3    H N N 359 
LYS HG2    H N N 360 
LYS HG3    H N N 361 
LYS HD2    H N N 362 
LYS HD3    H N N 363 
LYS HE2    H N N 364 
LYS HE3    H N N 365 
LYS HZ1    H N N 366 
LYS HZ2    H N N 367 
LYS HZ3    H N N 368 
LYS HXT    H N N 369 
MET N      N N N 370 
MET CA     C N S 371 
MET C      C N N 372 
MET O      O N N 373 
MET CB     C N N 374 
MET CG     C N N 375 
MET SD     S N N 376 
MET CE     C N N 377 
MET OXT    O N N 378 
MET H      H N N 379 
MET H2     H N N 380 
MET HA     H N N 381 
MET HB2    H N N 382 
MET HB3    H N N 383 
MET HG2    H N N 384 
MET HG3    H N N 385 
MET HE1    H N N 386 
MET HE2    H N N 387 
MET HE3    H N N 388 
MET HXT    H N N 389 
PHE N      N N N 390 
PHE CA     C N S 391 
PHE C      C N N 392 
PHE O      O N N 393 
PHE CB     C N N 394 
PHE CG     C Y N 395 
PHE CD1    C Y N 396 
PHE CD2    C Y N 397 
PHE CE1    C Y N 398 
PHE CE2    C Y N 399 
PHE CZ     C Y N 400 
PHE OXT    O N N 401 
PHE H      H N N 402 
PHE H2     H N N 403 
PHE HA     H N N 404 
PHE HB2    H N N 405 
PHE HB3    H N N 406 
PHE HD1    H N N 407 
PHE HD2    H N N 408 
PHE HE1    H N N 409 
PHE HE2    H N N 410 
PHE HZ     H N N 411 
PHE HXT    H N N 412 
PRO N      N N N 413 
PRO CA     C N S 414 
PRO C      C N N 415 
PRO O      O N N 416 
PRO CB     C N N 417 
PRO CG     C N N 418 
PRO CD     C N N 419 
PRO OXT    O N N 420 
PRO H      H N N 421 
PRO HA     H N N 422 
PRO HB2    H N N 423 
PRO HB3    H N N 424 
PRO HG2    H N N 425 
PRO HG3    H N N 426 
PRO HD2    H N N 427 
PRO HD3    H N N 428 
PRO HXT    H N N 429 
SER N      N N N 430 
SER CA     C N S 431 
SER C      C N N 432 
SER O      O N N 433 
SER CB     C N N 434 
SER OG     O N N 435 
SER OXT    O N N 436 
SER H      H N N 437 
SER H2     H N N 438 
SER HA     H N N 439 
SER HB2    H N N 440 
SER HB3    H N N 441 
SER HG     H N N 442 
SER HXT    H N N 443 
THR N      N N N 444 
THR CA     C N S 445 
THR C      C N N 446 
THR O      O N N 447 
THR CB     C N R 448 
THR OG1    O N N 449 
THR CG2    C N N 450 
THR OXT    O N N 451 
THR H      H N N 452 
THR H2     H N N 453 
THR HA     H N N 454 
THR HB     H N N 455 
THR HG1    H N N 456 
THR HG21   H N N 457 
THR HG22   H N N 458 
THR HG23   H N N 459 
THR HXT    H N N 460 
TRP N      N N N 461 
TRP CA     C N S 462 
TRP C      C N N 463 
TRP O      O N N 464 
TRP CB     C N N 465 
TRP CG     C Y N 466 
TRP CD1    C Y N 467 
TRP CD2    C Y N 468 
TRP NE1    N Y N 469 
TRP CE2    C Y N 470 
TRP CE3    C Y N 471 
TRP CZ2    C Y N 472 
TRP CZ3    C Y N 473 
TRP CH2    C Y N 474 
TRP OXT    O N N 475 
TRP H      H N N 476 
TRP H2     H N N 477 
TRP HA     H N N 478 
TRP HB2    H N N 479 
TRP HB3    H N N 480 
TRP HD1    H N N 481 
TRP HE1    H N N 482 
TRP HE3    H N N 483 
TRP HZ2    H N N 484 
TRP HZ3    H N N 485 
TRP HH2    H N N 486 
TRP HXT    H N N 487 
TYR N      N N N 488 
TYR CA     C N S 489 
TYR C      C N N 490 
TYR O      O N N 491 
TYR CB     C N N 492 
TYR CG     C Y N 493 
TYR CD1    C Y N 494 
TYR CD2    C Y N 495 
TYR CE1    C Y N 496 
TYR CE2    C Y N 497 
TYR CZ     C Y N 498 
TYR OH     O N N 499 
TYR OXT    O N N 500 
TYR H      H N N 501 
TYR H2     H N N 502 
TYR HA     H N N 503 
TYR HB2    H N N 504 
TYR HB3    H N N 505 
TYR HD1    H N N 506 
TYR HD2    H N N 507 
TYR HE1    H N N 508 
TYR HE2    H N N 509 
TYR HH     H N N 510 
TYR HXT    H N N 511 
VAL N      N N N 512 
VAL CA     C N S 513 
VAL C      C N N 514 
VAL O      O N N 515 
VAL CB     C N N 516 
VAL CG1    C N N 517 
VAL CG2    C N N 518 
VAL OXT    O N N 519 
VAL H      H N N 520 
VAL H2     H N N 521 
VAL HA     H N N 522 
VAL HB     H N N 523 
VAL HG11   H N N 524 
VAL HG12   H N N 525 
VAL HG13   H N N 526 
VAL HG21   H N N 527 
VAL HG22   H N N 528 
VAL HG23   H N N 529 
VAL HXT    H N N 530 
# 
loop_
_chem_comp_bond.comp_id 
_chem_comp_bond.atom_id_1 
_chem_comp_bond.atom_id_2 
_chem_comp_bond.value_order 
_chem_comp_bond.pdbx_aromatic_flag 
_chem_comp_bond.pdbx_stereo_config 
_chem_comp_bond.pdbx_ordinal 
ALA N     CA     sing N N 1   
ALA N     H      sing N N 2   
ALA N     H2     sing N N 3   
ALA CA    C      sing N N 4   
ALA CA    CB     sing N N 5   
ALA CA    HA     sing N N 6   
ALA C     O      doub N N 7   
ALA C     OXT    sing N N 8   
ALA CB    HB1    sing N N 9   
ALA CB    HB2    sing N N 10  
ALA CB    HB3    sing N N 11  
ALA OXT   HXT    sing N N 12  
ARG N     CA     sing N N 13  
ARG N     H      sing N N 14  
ARG N     H2     sing N N 15  
ARG CA    C      sing N N 16  
ARG CA    CB     sing N N 17  
ARG CA    HA     sing N N 18  
ARG C     O      doub N N 19  
ARG C     OXT    sing N N 20  
ARG CB    CG     sing N N 21  
ARG CB    HB2    sing N N 22  
ARG CB    HB3    sing N N 23  
ARG CG    CD     sing N N 24  
ARG CG    HG2    sing N N 25  
ARG CG    HG3    sing N N 26  
ARG CD    NE     sing N N 27  
ARG CD    HD2    sing N N 28  
ARG CD    HD3    sing N N 29  
ARG NE    CZ     sing N N 30  
ARG NE    HE     sing N N 31  
ARG CZ    NH1    sing N N 32  
ARG CZ    NH2    doub N N 33  
ARG NH1   HH11   sing N N 34  
ARG NH1   HH12   sing N N 35  
ARG NH2   HH21   sing N N 36  
ARG NH2   HH22   sing N N 37  
ARG OXT   HXT    sing N N 38  
ASN N     CA     sing N N 39  
ASN N     H      sing N N 40  
ASN N     H2     sing N N 41  
ASN CA    C      sing N N 42  
ASN CA    CB     sing N N 43  
ASN CA    HA     sing N N 44  
ASN C     O      doub N N 45  
ASN C     OXT    sing N N 46  
ASN CB    CG     sing N N 47  
ASN CB    HB2    sing N N 48  
ASN CB    HB3    sing N N 49  
ASN CG    OD1    doub N N 50  
ASN CG    ND2    sing N N 51  
ASN ND2   HD21   sing N N 52  
ASN ND2   HD22   sing N N 53  
ASN OXT   HXT    sing N N 54  
ASP N     CA     sing N N 55  
ASP N     H      sing N N 56  
ASP N     H2     sing N N 57  
ASP CA    C      sing N N 58  
ASP CA    CB     sing N N 59  
ASP CA    HA     sing N N 60  
ASP C     O      doub N N 61  
ASP C     OXT    sing N N 62  
ASP CB    CG     sing N N 63  
ASP CB    HB2    sing N N 64  
ASP CB    HB3    sing N N 65  
ASP CG    OD1    doub N N 66  
ASP CG    OD2    sing N N 67  
ASP OD2   HD2    sing N N 68  
ASP OXT   HXT    sing N N 69  
CYS N     CA     sing N N 70  
CYS N     H      sing N N 71  
CYS N     H2     sing N N 72  
CYS CA    C      sing N N 73  
CYS CA    CB     sing N N 74  
CYS CA    HA     sing N N 75  
CYS C     O      doub N N 76  
CYS C     OXT    sing N N 77  
CYS CB    SG     sing N N 78  
CYS CB    HB2    sing N N 79  
CYS CB    HB3    sing N N 80  
CYS SG    HG     sing N N 81  
CYS OXT   HXT    sing N N 82  
DA  OP3   P      sing N N 83  
DA  OP3   HOP3   sing N N 84  
DA  P     OP1    doub N N 85  
DA  P     OP2    sing N N 86  
DA  P     "O5'"  sing N N 87  
DA  OP2   HOP2   sing N N 88  
DA  "O5'" "C5'"  sing N N 89  
DA  "C5'" "C4'"  sing N N 90  
DA  "C5'" "H5'"  sing N N 91  
DA  "C5'" "H5''" sing N N 92  
DA  "C4'" "O4'"  sing N N 93  
DA  "C4'" "C3'"  sing N N 94  
DA  "C4'" "H4'"  sing N N 95  
DA  "O4'" "C1'"  sing N N 96  
DA  "C3'" "O3'"  sing N N 97  
DA  "C3'" "C2'"  sing N N 98  
DA  "C3'" "H3'"  sing N N 99  
DA  "O3'" "HO3'" sing N N 100 
DA  "C2'" "C1'"  sing N N 101 
DA  "C2'" "H2'"  sing N N 102 
DA  "C2'" "H2''" sing N N 103 
DA  "C1'" N9     sing N N 104 
DA  "C1'" "H1'"  sing N N 105 
DA  N9    C8     sing Y N 106 
DA  N9    C4     sing Y N 107 
DA  C8    N7     doub Y N 108 
DA  C8    H8     sing N N 109 
DA  N7    C5     sing Y N 110 
DA  C5    C6     sing Y N 111 
DA  C5    C4     doub Y N 112 
DA  C6    N6     sing N N 113 
DA  C6    N1     doub Y N 114 
DA  N6    H61    sing N N 115 
DA  N6    H62    sing N N 116 
DA  N1    C2     sing Y N 117 
DA  C2    N3     doub Y N 118 
DA  C2    H2     sing N N 119 
DA  N3    C4     sing Y N 120 
DC  OP3   P      sing N N 121 
DC  OP3   HOP3   sing N N 122 
DC  P     OP1    doub N N 123 
DC  P     OP2    sing N N 124 
DC  P     "O5'"  sing N N 125 
DC  OP2   HOP2   sing N N 126 
DC  "O5'" "C5'"  sing N N 127 
DC  "C5'" "C4'"  sing N N 128 
DC  "C5'" "H5'"  sing N N 129 
DC  "C5'" "H5''" sing N N 130 
DC  "C4'" "O4'"  sing N N 131 
DC  "C4'" "C3'"  sing N N 132 
DC  "C4'" "H4'"  sing N N 133 
DC  "O4'" "C1'"  sing N N 134 
DC  "C3'" "O3'"  sing N N 135 
DC  "C3'" "C2'"  sing N N 136 
DC  "C3'" "H3'"  sing N N 137 
DC  "O3'" "HO3'" sing N N 138 
DC  "C2'" "C1'"  sing N N 139 
DC  "C2'" "H2'"  sing N N 140 
DC  "C2'" "H2''" sing N N 141 
DC  "C1'" N1     sing N N 142 
DC  "C1'" "H1'"  sing N N 143 
DC  N1    C2     sing N N 144 
DC  N1    C6     sing N N 145 
DC  C2    O2     doub N N 146 
DC  C2    N3     sing N N 147 
DC  N3    C4     doub N N 148 
DC  C4    N4     sing N N 149 
DC  C4    C5     sing N N 150 
DC  N4    H41    sing N N 151 
DC  N4    H42    sing N N 152 
DC  C5    C6     doub N N 153 
DC  C5    H5     sing N N 154 
DC  C6    H6     sing N N 155 
DG  OP3   P      sing N N 156 
DG  OP3   HOP3   sing N N 157 
DG  P     OP1    doub N N 158 
DG  P     OP2    sing N N 159 
DG  P     "O5'"  sing N N 160 
DG  OP2   HOP2   sing N N 161 
DG  "O5'" "C5'"  sing N N 162 
DG  "C5'" "C4'"  sing N N 163 
DG  "C5'" "H5'"  sing N N 164 
DG  "C5'" "H5''" sing N N 165 
DG  "C4'" "O4'"  sing N N 166 
DG  "C4'" "C3'"  sing N N 167 
DG  "C4'" "H4'"  sing N N 168 
DG  "O4'" "C1'"  sing N N 169 
DG  "C3'" "O3'"  sing N N 170 
DG  "C3'" "C2'"  sing N N 171 
DG  "C3'" "H3'"  sing N N 172 
DG  "O3'" "HO3'" sing N N 173 
DG  "C2'" "C1'"  sing N N 174 
DG  "C2'" "H2'"  sing N N 175 
DG  "C2'" "H2''" sing N N 176 
DG  "C1'" N9     sing N N 177 
DG  "C1'" "H1'"  sing N N 178 
DG  N9    C8     sing Y N 179 
DG  N9    C4     sing Y N 180 
DG  C8    N7     doub Y N 181 
DG  C8    H8     sing N N 182 
DG  N7    C5     sing Y N 183 
DG  C5    C6     sing N N 184 
DG  C5    C4     doub Y N 185 
DG  C6    O6     doub N N 186 
DG  C6    N1     sing N N 187 
DG  N1    C2     sing N N 188 
DG  N1    H1     sing N N 189 
DG  C2    N2     sing N N 190 
DG  C2    N3     doub N N 191 
DG  N2    H21    sing N N 192 
DG  N2    H22    sing N N 193 
DG  N3    C4     sing N N 194 
DT  OP3   P      sing N N 195 
DT  OP3   HOP3   sing N N 196 
DT  P     OP1    doub N N 197 
DT  P     OP2    sing N N 198 
DT  P     "O5'"  sing N N 199 
DT  OP2   HOP2   sing N N 200 
DT  "O5'" "C5'"  sing N N 201 
DT  "C5'" "C4'"  sing N N 202 
DT  "C5'" "H5'"  sing N N 203 
DT  "C5'" "H5''" sing N N 204 
DT  "C4'" "O4'"  sing N N 205 
DT  "C4'" "C3'"  sing N N 206 
DT  "C4'" "H4'"  sing N N 207 
DT  "O4'" "C1'"  sing N N 208 
DT  "C3'" "O3'"  sing N N 209 
DT  "C3'" "C2'"  sing N N 210 
DT  "C3'" "H3'"  sing N N 211 
DT  "O3'" "HO3'" sing N N 212 
DT  "C2'" "C1'"  sing N N 213 
DT  "C2'" "H2'"  sing N N 214 
DT  "C2'" "H2''" sing N N 215 
DT  "C1'" N1     sing N N 216 
DT  "C1'" "H1'"  sing N N 217 
DT  N1    C2     sing N N 218 
DT  N1    C6     sing N N 219 
DT  C2    O2     doub N N 220 
DT  C2    N3     sing N N 221 
DT  N3    C4     sing N N 222 
DT  N3    H3     sing N N 223 
DT  C4    O4     doub N N 224 
DT  C4    C5     sing N N 225 
DT  C5    C7     sing N N 226 
DT  C5    C6     doub N N 227 
DT  C7    H71    sing N N 228 
DT  C7    H72    sing N N 229 
DT  C7    H73    sing N N 230 
DT  C6    H6     sing N N 231 
GLN N     CA     sing N N 232 
GLN N     H      sing N N 233 
GLN N     H2     sing N N 234 
GLN CA    C      sing N N 235 
GLN CA    CB     sing N N 236 
GLN CA    HA     sing N N 237 
GLN C     O      doub N N 238 
GLN C     OXT    sing N N 239 
GLN CB    CG     sing N N 240 
GLN CB    HB2    sing N N 241 
GLN CB    HB3    sing N N 242 
GLN CG    CD     sing N N 243 
GLN CG    HG2    sing N N 244 
GLN CG    HG3    sing N N 245 
GLN CD    OE1    doub N N 246 
GLN CD    NE2    sing N N 247 
GLN NE2   HE21   sing N N 248 
GLN NE2   HE22   sing N N 249 
GLN OXT   HXT    sing N N 250 
GLU N     CA     sing N N 251 
GLU N     H      sing N N 252 
GLU N     H2     sing N N 253 
GLU CA    C      sing N N 254 
GLU CA    CB     sing N N 255 
GLU CA    HA     sing N N 256 
GLU C     O      doub N N 257 
GLU C     OXT    sing N N 258 
GLU CB    CG     sing N N 259 
GLU CB    HB2    sing N N 260 
GLU CB    HB3    sing N N 261 
GLU CG    CD     sing N N 262 
GLU CG    HG2    sing N N 263 
GLU CG    HG3    sing N N 264 
GLU CD    OE1    doub N N 265 
GLU CD    OE2    sing N N 266 
GLU OE2   HE2    sing N N 267 
GLU OXT   HXT    sing N N 268 
GLY N     CA     sing N N 269 
GLY N     H      sing N N 270 
GLY N     H2     sing N N 271 
GLY CA    C      sing N N 272 
GLY CA    HA2    sing N N 273 
GLY CA    HA3    sing N N 274 
GLY C     O      doub N N 275 
GLY C     OXT    sing N N 276 
GLY OXT   HXT    sing N N 277 
HIS N     CA     sing N N 278 
HIS N     H      sing N N 279 
HIS N     H2     sing N N 280 
HIS CA    C      sing N N 281 
HIS CA    CB     sing N N 282 
HIS CA    HA     sing N N 283 
HIS C     O      doub N N 284 
HIS C     OXT    sing N N 285 
HIS CB    CG     sing N N 286 
HIS CB    HB2    sing N N 287 
HIS CB    HB3    sing N N 288 
HIS CG    ND1    sing Y N 289 
HIS CG    CD2    doub Y N 290 
HIS ND1   CE1    doub Y N 291 
HIS ND1   HD1    sing N N 292 
HIS CD2   NE2    sing Y N 293 
HIS CD2   HD2    sing N N 294 
HIS CE1   NE2    sing Y N 295 
HIS CE1   HE1    sing N N 296 
HIS NE2   HE2    sing N N 297 
HIS OXT   HXT    sing N N 298 
ILE N     CA     sing N N 299 
ILE N     H      sing N N 300 
ILE N     H2     sing N N 301 
ILE CA    C      sing N N 302 
ILE CA    CB     sing N N 303 
ILE CA    HA     sing N N 304 
ILE C     O      doub N N 305 
ILE C     OXT    sing N N 306 
ILE CB    CG1    sing N N 307 
ILE CB    CG2    sing N N 308 
ILE CB    HB     sing N N 309 
ILE CG1   CD1    sing N N 310 
ILE CG1   HG12   sing N N 311 
ILE CG1   HG13   sing N N 312 
ILE CG2   HG21   sing N N 313 
ILE CG2   HG22   sing N N 314 
ILE CG2   HG23   sing N N 315 
ILE CD1   HD11   sing N N 316 
ILE CD1   HD12   sing N N 317 
ILE CD1   HD13   sing N N 318 
ILE OXT   HXT    sing N N 319 
LEU N     CA     sing N N 320 
LEU N     H      sing N N 321 
LEU N     H2     sing N N 322 
LEU CA    C      sing N N 323 
LEU CA    CB     sing N N 324 
LEU CA    HA     sing N N 325 
LEU C     O      doub N N 326 
LEU C     OXT    sing N N 327 
LEU CB    CG     sing N N 328 
LEU CB    HB2    sing N N 329 
LEU CB    HB3    sing N N 330 
LEU CG    CD1    sing N N 331 
LEU CG    CD2    sing N N 332 
LEU CG    HG     sing N N 333 
LEU CD1   HD11   sing N N 334 
LEU CD1   HD12   sing N N 335 
LEU CD1   HD13   sing N N 336 
LEU CD2   HD21   sing N N 337 
LEU CD2   HD22   sing N N 338 
LEU CD2   HD23   sing N N 339 
LEU OXT   HXT    sing N N 340 
LYS N     CA     sing N N 341 
LYS N     H      sing N N 342 
LYS N     H2     sing N N 343 
LYS CA    C      sing N N 344 
LYS CA    CB     sing N N 345 
LYS CA    HA     sing N N 346 
LYS C     O      doub N N 347 
LYS C     OXT    sing N N 348 
LYS CB    CG     sing N N 349 
LYS CB    HB2    sing N N 350 
LYS CB    HB3    sing N N 351 
LYS CG    CD     sing N N 352 
LYS CG    HG2    sing N N 353 
LYS CG    HG3    sing N N 354 
LYS CD    CE     sing N N 355 
LYS CD    HD2    sing N N 356 
LYS CD    HD3    sing N N 357 
LYS CE    NZ     sing N N 358 
LYS CE    HE2    sing N N 359 
LYS CE    HE3    sing N N 360 
LYS NZ    HZ1    sing N N 361 
LYS NZ    HZ2    sing N N 362 
LYS NZ    HZ3    sing N N 363 
LYS OXT   HXT    sing N N 364 
MET N     CA     sing N N 365 
MET N     H      sing N N 366 
MET N     H2     sing N N 367 
MET CA    C      sing N N 368 
MET CA    CB     sing N N 369 
MET CA    HA     sing N N 370 
MET C     O      doub N N 371 
MET C     OXT    sing N N 372 
MET CB    CG     sing N N 373 
MET CB    HB2    sing N N 374 
MET CB    HB3    sing N N 375 
MET CG    SD     sing N N 376 
MET CG    HG2    sing N N 377 
MET CG    HG3    sing N N 378 
MET SD    CE     sing N N 379 
MET CE    HE1    sing N N 380 
MET CE    HE2    sing N N 381 
MET CE    HE3    sing N N 382 
MET OXT   HXT    sing N N 383 
PHE N     CA     sing N N 384 
PHE N     H      sing N N 385 
PHE N     H2     sing N N 386 
PHE CA    C      sing N N 387 
PHE CA    CB     sing N N 388 
PHE CA    HA     sing N N 389 
PHE C     O      doub N N 390 
PHE C     OXT    sing N N 391 
PHE CB    CG     sing N N 392 
PHE CB    HB2    sing N N 393 
PHE CB    HB3    sing N N 394 
PHE CG    CD1    doub Y N 395 
PHE CG    CD2    sing Y N 396 
PHE CD1   CE1    sing Y N 397 
PHE CD1   HD1    sing N N 398 
PHE CD2   CE2    doub Y N 399 
PHE CD2   HD2    sing N N 400 
PHE CE1   CZ     doub Y N 401 
PHE CE1   HE1    sing N N 402 
PHE CE2   CZ     sing Y N 403 
PHE CE2   HE2    sing N N 404 
PHE CZ    HZ     sing N N 405 
PHE OXT   HXT    sing N N 406 
PRO N     CA     sing N N 407 
PRO N     CD     sing N N 408 
PRO N     H      sing N N 409 
PRO CA    C      sing N N 410 
PRO CA    CB     sing N N 411 
PRO CA    HA     sing N N 412 
PRO C     O      doub N N 413 
PRO C     OXT    sing N N 414 
PRO CB    CG     sing N N 415 
PRO CB    HB2    sing N N 416 
PRO CB    HB3    sing N N 417 
PRO CG    CD     sing N N 418 
PRO CG    HG2    sing N N 419 
PRO CG    HG3    sing N N 420 
PRO CD    HD2    sing N N 421 
PRO CD    HD3    sing N N 422 
PRO OXT   HXT    sing N N 423 
SER N     CA     sing N N 424 
SER N     H      sing N N 425 
SER N     H2     sing N N 426 
SER CA    C      sing N N 427 
SER CA    CB     sing N N 428 
SER CA    HA     sing N N 429 
SER C     O      doub N N 430 
SER C     OXT    sing N N 431 
SER CB    OG     sing N N 432 
SER CB    HB2    sing N N 433 
SER CB    HB3    sing N N 434 
SER OG    HG     sing N N 435 
SER OXT   HXT    sing N N 436 
THR N     CA     sing N N 437 
THR N     H      sing N N 438 
THR N     H2     sing N N 439 
THR CA    C      sing N N 440 
THR CA    CB     sing N N 441 
THR CA    HA     sing N N 442 
THR C     O      doub N N 443 
THR C     OXT    sing N N 444 
THR CB    OG1    sing N N 445 
THR CB    CG2    sing N N 446 
THR CB    HB     sing N N 447 
THR OG1   HG1    sing N N 448 
THR CG2   HG21   sing N N 449 
THR CG2   HG22   sing N N 450 
THR CG2   HG23   sing N N 451 
THR OXT   HXT    sing N N 452 
TRP N     CA     sing N N 453 
TRP N     H      sing N N 454 
TRP N     H2     sing N N 455 
TRP CA    C      sing N N 456 
TRP CA    CB     sing N N 457 
TRP CA    HA     sing N N 458 
TRP C     O      doub N N 459 
TRP C     OXT    sing N N 460 
TRP CB    CG     sing N N 461 
TRP CB    HB2    sing N N 462 
TRP CB    HB3    sing N N 463 
TRP CG    CD1    doub Y N 464 
TRP CG    CD2    sing Y N 465 
TRP CD1   NE1    sing Y N 466 
TRP CD1   HD1    sing N N 467 
TRP CD2   CE2    doub Y N 468 
TRP CD2   CE3    sing Y N 469 
TRP NE1   CE2    sing Y N 470 
TRP NE1   HE1    sing N N 471 
TRP CE2   CZ2    sing Y N 472 
TRP CE3   CZ3    doub Y N 473 
TRP CE3   HE3    sing N N 474 
TRP CZ2   CH2    doub Y N 475 
TRP CZ2   HZ2    sing N N 476 
TRP CZ3   CH2    sing Y N 477 
TRP CZ3   HZ3    sing N N 478 
TRP CH2   HH2    sing N N 479 
TRP OXT   HXT    sing N N 480 
TYR N     CA     sing N N 481 
TYR N     H      sing N N 482 
TYR N     H2     sing N N 483 
TYR CA    C      sing N N 484 
TYR CA    CB     sing N N 485 
TYR CA    HA     sing N N 486 
TYR C     O      doub N N 487 
TYR C     OXT    sing N N 488 
TYR CB    CG     sing N N 489 
TYR CB    HB2    sing N N 490 
TYR CB    HB3    sing N N 491 
TYR CG    CD1    doub Y N 492 
TYR CG    CD2    sing Y N 493 
TYR CD1   CE1    sing Y N 494 
TYR CD1   HD1    sing N N 495 
TYR CD2   CE2    doub Y N 496 
TYR CD2   HD2    sing N N 497 
TYR CE1   CZ     doub Y N 498 
TYR CE1   HE1    sing N N 499 
TYR CE2   CZ     sing Y N 500 
TYR CE2   HE2    sing N N 501 
TYR CZ    OH     sing N N 502 
TYR OH    HH     sing N N 503 
TYR OXT   HXT    sing N N 504 
VAL N     CA     sing N N 505 
VAL N     H      sing N N 506 
VAL N     H2     sing N N 507 
VAL CA    C      sing N N 508 
VAL CA    CB     sing N N 509 
VAL CA    HA     sing N N 510 
VAL C     O      doub N N 511 
VAL C     OXT    sing N N 512 
VAL CB    CG1    sing N N 513 
VAL CB    CG2    sing N N 514 
VAL CB    HB     sing N N 515 
VAL CG1   HG11   sing N N 516 
VAL CG1   HG12   sing N N 517 
VAL CG1   HG13   sing N N 518 
VAL CG2   HG21   sing N N 519 
VAL CG2   HG22   sing N N 520 
VAL CG2   HG23   sing N N 521 
VAL OXT   HXT    sing N N 522 
# 
loop_
_ndb_struct_conf_na.entry_id 
_ndb_struct_conf_na.feature 
7V9I 'double helix'        
7V9I 'b-form double helix' 
# 
loop_
_ndb_struct_na_base_pair.model_number 
_ndb_struct_na_base_pair.i_label_asym_id 
_ndb_struct_na_base_pair.i_label_comp_id 
_ndb_struct_na_base_pair.i_label_seq_id 
_ndb_struct_na_base_pair.i_symmetry 
_ndb_struct_na_base_pair.j_label_asym_id 
_ndb_struct_na_base_pair.j_label_comp_id 
_ndb_struct_na_base_pair.j_label_seq_id 
_ndb_struct_na_base_pair.j_symmetry 
_ndb_struct_na_base_pair.shear 
_ndb_struct_na_base_pair.stretch 
_ndb_struct_na_base_pair.stagger 
_ndb_struct_na_base_pair.buckle 
_ndb_struct_na_base_pair.propeller 
_ndb_struct_na_base_pair.opening 
_ndb_struct_na_base_pair.pair_number 
_ndb_struct_na_base_pair.pair_name 
_ndb_struct_na_base_pair.i_auth_asym_id 
_ndb_struct_na_base_pair.i_auth_seq_id 
_ndb_struct_na_base_pair.i_PDB_ins_code 
_ndb_struct_na_base_pair.j_auth_asym_id 
_ndb_struct_na_base_pair.j_auth_seq_id 
_ndb_struct_na_base_pair.j_PDB_ins_code 
_ndb_struct_na_base_pair.hbond_type_28 
_ndb_struct_na_base_pair.hbond_type_12 
1 B DG 1  1_555 C DC 12 1_555 -0.154 -0.176 0.724  6.457  -4.789 -0.712 1  B_DG3:DC14_C B 3  ? C 14 ? 19 1 
1 B DC 2  1_555 C DG 11 1_555 0.234  -0.051 0.032  -0.822 -7.562 0.170  2  B_DC4:DG13_C B 4  ? C 13 ? 19 1 
1 B DC 3  1_555 C DG 10 1_555 0.216  -0.131 -0.082 -3.388 -2.824 1.000  3  B_DC5:DG12_C B 5  ? C 12 ? 19 1 
1 B DC 4  1_555 C DG 9  1_555 0.174  -0.116 0.158  0.046  -3.736 -2.339 4  B_DC6:DG11_C B 6  ? C 11 ? 19 1 
1 B DC 5  1_555 C DG 8  1_555 0.202  -0.110 -0.169 0.775  4.035  2.100  5  B_DC7:DG10_C B 7  ? C 10 ? 19 1 
1 B DA 6  1_555 C DT 7  1_555 0.012  -0.068 0.269  -1.059 -1.607 -0.256 6  B_DA8:DT9_C  B 8  ? C 9  ? 20 1 
1 B DC 7  1_555 C DG 6  1_555 0.246  -0.199 0.594  1.333  0.906  1.831  7  B_DC9:DG8_C  B 9  ? C 8  ? 19 1 
1 B DG 8  1_555 C DC 5  1_555 -0.159 -0.170 0.338  3.315  -3.420 -3.062 8  B_DG10:DC7_C B 10 ? C 7  ? 19 1 
1 B DC 9  1_555 C DG 4  1_555 0.148  -0.149 -0.016 -0.495 -1.405 -0.211 9  B_DC11:DG6_C B 11 ? C 6  ? 19 1 
1 B DG 10 1_555 C DC 3  1_555 -0.226 -0.071 0.030  0.785  -6.184 3.307  10 B_DG12:DC5_C B 12 ? C 5  ? 19 1 
1 B DG 11 1_555 C DC 2  1_555 -0.205 -0.154 0.236  0.069  -6.454 -1.213 11 B_DG13:DC4_C B 13 ? C 4  ? 19 1 
1 B DT 12 1_555 C DA 1  1_555 -0.128 -0.125 -0.026 -4.984 -6.876 0.260  12 B_DT14:DA3_C B 14 ? C 3  ? 20 1 
# 
loop_
_ndb_struct_na_base_pair_step.model_number 
_ndb_struct_na_base_pair_step.i_label_asym_id_1 
_ndb_struct_na_base_pair_step.i_label_comp_id_1 
_ndb_struct_na_base_pair_step.i_label_seq_id_1 
_ndb_struct_na_base_pair_step.i_symmetry_1 
_ndb_struct_na_base_pair_step.j_label_asym_id_1 
_ndb_struct_na_base_pair_step.j_label_comp_id_1 
_ndb_struct_na_base_pair_step.j_label_seq_id_1 
_ndb_struct_na_base_pair_step.j_symmetry_1 
_ndb_struct_na_base_pair_step.i_label_asym_id_2 
_ndb_struct_na_base_pair_step.i_label_comp_id_2 
_ndb_struct_na_base_pair_step.i_label_seq_id_2 
_ndb_struct_na_base_pair_step.i_symmetry_2 
_ndb_struct_na_base_pair_step.j_label_asym_id_2 
_ndb_struct_na_base_pair_step.j_label_comp_id_2 
_ndb_struct_na_base_pair_step.j_label_seq_id_2 
_ndb_struct_na_base_pair_step.j_symmetry_2 
_ndb_struct_na_base_pair_step.shift 
_ndb_struct_na_base_pair_step.slide 
_ndb_struct_na_base_pair_step.rise 
_ndb_struct_na_base_pair_step.tilt 
_ndb_struct_na_base_pair_step.roll 
_ndb_struct_na_base_pair_step.twist 
_ndb_struct_na_base_pair_step.x_displacement 
_ndb_struct_na_base_pair_step.y_displacement 
_ndb_struct_na_base_pair_step.helical_rise 
_ndb_struct_na_base_pair_step.inclination 
_ndb_struct_na_base_pair_step.tip 
_ndb_struct_na_base_pair_step.helical_twist 
_ndb_struct_na_base_pair_step.step_number 
_ndb_struct_na_base_pair_step.step_name 
_ndb_struct_na_base_pair_step.i_auth_asym_id_1 
_ndb_struct_na_base_pair_step.i_auth_seq_id_1 
_ndb_struct_na_base_pair_step.i_PDB_ins_code_1 
_ndb_struct_na_base_pair_step.j_auth_asym_id_1 
_ndb_struct_na_base_pair_step.j_auth_seq_id_1 
_ndb_struct_na_base_pair_step.j_PDB_ins_code_1 
_ndb_struct_na_base_pair_step.i_auth_asym_id_2 
_ndb_struct_na_base_pair_step.i_auth_seq_id_2 
_ndb_struct_na_base_pair_step.i_PDB_ins_code_2 
_ndb_struct_na_base_pair_step.j_auth_asym_id_2 
_ndb_struct_na_base_pair_step.j_auth_seq_id_2 
_ndb_struct_na_base_pair_step.j_PDB_ins_code_2 
1 B DG 1  1_555 C DC 12 1_555 B DC 2  1_555 C DG 11 1_555 -0.646 -0.617 3.468 2.451  -2.266 38.873 -0.634 1.282  3.452 -3.397 
-3.675 39.010 1  BB_DG3DC4:DG13DC14_CC B 3  ? C 14 ? B 4  ? C 13 ? 
1 B DC 2  1_555 C DG 11 1_555 B DC 3  1_555 C DG 10 1_555 1.109  0.049  3.385 2.234  -1.638 35.320 0.333  -1.480 3.441 -2.695 
-3.675 35.425 2  BB_DC4DC5:DG12DG13_CC B 4  ? C 13 ? B 5  ? C 12 ? 
1 B DC 3  1_555 C DG 10 1_555 B DC 4  1_555 C DG 9  1_555 -0.818 -0.849 3.301 0.914  4.637  28.330 -2.739 1.852  3.098 9.392  
-1.852 28.713 3  BB_DC5DC6:DG11DG12_CC B 5  ? C 12 ? B 6  ? C 11 ? 
1 B DC 4  1_555 C DG 9  1_555 B DC 5  1_555 C DG 8  1_555 1.334  0.517  3.326 5.416  -0.793 36.691 0.923  -1.341 3.469 -1.252 
-8.544 37.083 4  BB_DC6DC7:DG10DG11_CC B 6  ? C 11 ? B 7  ? C 10 ? 
1 B DC 5  1_555 C DG 8  1_555 B DA 6  1_555 C DT 7  1_555 -0.386 0.556  3.532 -4.637 4.146  35.635 0.255  -0.095 3.592 6.712  
7.506  36.157 5  BB_DC7DA8:DT9DG10_CC  B 7  ? C 10 ? B 8  ? C 9  ? 
1 B DA 6  1_555 C DT 7  1_555 B DC 7  1_555 C DG 6  1_555 -0.162 -1.059 3.262 -1.091 5.803  28.006 -3.414 0.089  2.990 11.825 
2.223  28.609 6  BB_DA8DC9:DG8DT9_CC   B 8  ? C 9  ? B 9  ? C 8  ? 
1 B DC 7  1_555 C DG 6  1_555 B DG 8  1_555 C DC 5  1_555 -0.856 0.740  3.350 -2.285 -2.403 38.593 1.417  1.003  3.343 -3.627 
3.450  38.729 7  BB_DC9DG10:DC7DG8_CC  B 9  ? C 8  ? B 10 ? C 7  ? 
1 B DG 8  1_555 C DC 5  1_555 B DC 9  1_555 C DG 4  1_555 0.728  -0.573 3.315 1.785  0.467  35.931 -0.995 -0.919 3.338 0.756  
-2.891 35.977 8  BB_DG10DC11:DG6DC7_CC B 10 ? C 7  ? B 11 ? C 6  ? 
1 B DC 9  1_555 C DG 4  1_555 B DG 10 1_555 C DC 3  1_555 -0.090 0.854  3.580 -0.939 3.067  33.436 0.922  -0.015 3.643 5.316  
1.627  33.585 9  BB_DC11DG12:DC5DG6_CC B 11 ? C 6  ? B 12 ? C 5  ? 
1 B DG 10 1_555 C DC 3  1_555 B DG 11 1_555 C DC 2  1_555 -0.666 0.080  3.211 -3.387 0.948  37.093 0.001  0.597  3.258 1.486  
5.310  37.253 10 BB_DG12DG13:DC4DC5_CC B 12 ? C 5  ? B 13 ? C 4  ? 
1 B DG 11 1_555 C DC 2  1_555 B DT 12 1_555 C DA 1  1_555 0.119  -0.767 3.408 1.177  -0.087 34.294 -1.286 -0.009 3.412 -0.147 
-1.996 34.314 11 BB_DG13DT14:DA3DC4_CC B 13 ? C 4  ? B 14 ? C 3  ? 
# 
loop_
_pdbx_audit_support.funding_organization 
_pdbx_audit_support.country 
_pdbx_audit_support.grant_number 
_pdbx_audit_support.ordinal 
'Ministry of Science and Technology (MoST, China)' China '2019YFA0508900, 2017YFA0504202' 1 
'National Science Foundation (NSF, China)'         China '31991162, 31521002'             2 
'Chinese Academy of Sciences'                      China 'XDB 37010100'                   3 
# 
_atom_sites.entry_id                    7V9I 
_atom_sites.Cartn_transf_matrix[1][1]   ? 
_atom_sites.Cartn_transf_matrix[1][2]   ? 
_atom_sites.Cartn_transf_matrix[1][3]   ? 
_atom_sites.Cartn_transf_matrix[2][1]   ? 
_atom_sites.Cartn_transf_matrix[2][2]   ? 
_atom_sites.Cartn_transf_matrix[2][3]   ? 
_atom_sites.Cartn_transf_matrix[3][1]   ? 
_atom_sites.Cartn_transf_matrix[3][2]   ? 
_atom_sites.Cartn_transf_matrix[3][3]   ? 
_atom_sites.Cartn_transf_vector[1]      ? 
_atom_sites.Cartn_transf_vector[2]      ? 
_atom_sites.Cartn_transf_vector[3]      ? 
_atom_sites.fract_transf_matrix[1][1]   -0.01791186 
_atom_sites.fract_transf_matrix[1][2]   -0.00710792 
_atom_sites.fract_transf_matrix[1][3]   0.00237143 
_atom_sites.fract_transf_matrix[2][1]   -0.00349466 
_atom_sites.fract_transf_matrix[2][2]   0.01214971 
_atom_sites.fract_transf_matrix[2][3]   0.01002064 
_atom_sites.fract_transf_matrix[3][1]   -0.00234814 
_atom_sites.fract_transf_matrix[3][2]   0.00401850 
_atom_sites.fract_transf_matrix[3][3]   -0.00569121 
_atom_sites.fract_transf_vector[1]      1.027220 
_atom_sites.fract_transf_vector[2]      0.196062 
_atom_sites.fract_transf_vector[3]      0.059645 
_atom_sites.solution_primary            ? 
_atom_sites.solution_secondary          ? 
_atom_sites.solution_hydrogens          ? 
_atom_sites.special_details             ? 
# 
loop_
_atom_type.symbol 
C 
N 
O 
P 
S 
# 
loop_
_atom_site.group_PDB 
_atom_site.id 
_atom_site.type_symbol 
_atom_site.label_atom_id 
_atom_site.label_alt_id 
_atom_site.label_comp_id 
_atom_site.label_asym_id 
_atom_site.label_entity_id 
_atom_site.label_seq_id 
_atom_site.pdbx_PDB_ins_code 
_atom_site.Cartn_x 
_atom_site.Cartn_y 
_atom_site.Cartn_z 
_atom_site.occupancy 
_atom_site.B_iso_or_equiv 
_atom_site.pdbx_formal_charge 
_atom_site.auth_seq_id 
_atom_site.auth_comp_id 
_atom_site.auth_asym_id 
_atom_site.auth_atom_id 
_atom_site.pdbx_PDB_model_num 
ATOM 1    N N     . LEU A 1 6   ? 1.333   -13.358 6.840   1.00 34.82 ? 717 LEU A N     1 
ATOM 2    C CA    . LEU A 1 6   ? 2.414   -13.764 7.733   1.00 39.94 ? 717 LEU A CA    1 
ATOM 3    C C     . LEU A 1 6   ? 3.682   -14.038 6.939   1.00 43.37 ? 717 LEU A C     1 
ATOM 4    O O     . LEU A 1 6   ? 3.688   -14.919 6.082   1.00 46.34 ? 717 LEU A O     1 
ATOM 5    C CB    . LEU A 1 6   ? 2.019   -15.009 8.517   1.00 43.93 ? 717 LEU A CB    1 
ATOM 6    C CG    . LEU A 1 6   ? 0.854   -14.858 9.489   1.00 47.67 ? 717 LEU A CG    1 
ATOM 7    C CD1   . LEU A 1 6   ? 0.212   -16.215 9.750   1.00 41.88 ? 717 LEU A CD1   1 
ATOM 8    C CD2   . LEU A 1 6   ? 1.324   -14.215 10.793  1.00 44.39 ? 717 LEU A CD2   1 
ATOM 9    N N     . LEU A 1 7   ? 4.754   -13.296 7.220   1.00 43.54 ? 718 LEU A N     1 
ATOM 10   C CA    . LEU A 1 7   ? 5.992   -13.429 6.461   1.00 44.43 ? 718 LEU A CA    1 
ATOM 11   C C     . LEU A 1 7   ? 7.195   -13.301 7.386   1.00 47.60 ? 718 LEU A C     1 
ATOM 12   O O     . LEU A 1 7   ? 7.141   -12.626 8.419   1.00 47.69 ? 718 LEU A O     1 
ATOM 13   C CB    . LEU A 1 7   ? 6.083   -12.400 5.324   1.00 40.75 ? 718 LEU A CB    1 
ATOM 14   C CG    . LEU A 1 7   ? 5.979   -10.909 5.630   1.00 39.57 ? 718 LEU A CG    1 
ATOM 15   C CD1   . LEU A 1 7   ? 6.624   -10.151 4.505   1.00 43.55 ? 718 LEU A CD1   1 
ATOM 16   C CD2   . LEU A 1 7   ? 4.541   -10.469 5.759   1.00 41.49 ? 718 LEU A CD2   1 
ATOM 17   N N     . SER A 1 8   ? 8.290   -13.950 6.980   1.00 49.37 ? 719 SER A N     1 
ATOM 18   C CA    . SER A 1 8   ? 9.466   -14.153 7.815   1.00 49.18 ? 719 SER A CA    1 
ATOM 19   C C     . SER A 1 8   ? 10.151  -12.833 8.148   1.00 44.98 ? 719 SER A C     1 
ATOM 20   O O     . SER A 1 8   ? 9.913   -11.796 7.525   1.00 45.70 ? 719 SER A O     1 
ATOM 21   C CB    . SER A 1 8   ? 10.469  -15.071 7.116   1.00 51.58 ? 719 SER A CB    1 
ATOM 22   O OG    . SER A 1 8   ? 11.103  -14.401 6.035   1.00 47.70 ? 719 SER A OG    1 
ATOM 23   N N     . ASP A 1 9   ? 11.040  -12.897 9.143   1.00 42.90 ? 720 ASP A N     1 
ATOM 24   C CA    . ASP A 1 9   ? 11.848  -11.733 9.496   1.00 48.02 ? 720 ASP A CA    1 
ATOM 25   C C     . ASP A 1 9   ? 12.840  -11.399 8.389   1.00 47.31 ? 720 ASP A C     1 
ATOM 26   O O     . ASP A 1 9   ? 13.088  -10.220 8.097   1.00 45.01 ? 720 ASP A O     1 
ATOM 27   C CB    . ASP A 1 9   ? 12.577  -11.986 10.815  1.00 50.50 ? 720 ASP A CB    1 
ATOM 28   C CG    . ASP A 1 9   ? 11.643  -12.463 11.910  1.00 54.49 ? 720 ASP A CG    1 
ATOM 29   O OD1   . ASP A 1 9   ? 10.449  -12.692 11.611  1.00 55.13 ? 720 ASP A OD1   1 
ATOM 30   O OD2   . ASP A 1 9   ? 12.098  -12.608 13.064  1.00 54.56 ? 720 ASP A OD2   1 
ATOM 31   N N     . LYS A 1 10  ? 13.418  -12.429 7.767   1.00 47.91 ? 721 LYS A N     1 
ATOM 32   C CA    . LYS A 1 10  ? 14.281  -12.219 6.610   1.00 49.88 ? 721 LYS A CA    1 
ATOM 33   C C     . LYS A 1 10  ? 13.549  -11.444 5.519   1.00 49.04 ? 721 LYS A C     1 
ATOM 34   O O     . LYS A 1 10  ? 14.076  -10.465 4.975   1.00 45.65 ? 721 LYS A O     1 
ATOM 35   C CB    . LYS A 1 10  ? 14.771  -13.570 6.076   1.00 52.69 ? 721 LYS A CB    1 
ATOM 36   C CG    . LYS A 1 10  ? 15.542  -13.499 4.758   1.00 52.11 ? 721 LYS A CG    1 
ATOM 37   C CD    . LYS A 1 10  ? 14.957  -14.450 3.719   1.00 48.64 ? 721 LYS A CD    1 
ATOM 38   C CE    . LYS A 1 10  ? 15.718  -14.359 2.403   1.00 49.32 ? 721 LYS A CE    1 
ATOM 39   N NZ    . LYS A 1 10  ? 15.022  -15.080 1.300   1.00 50.17 ? 721 LYS A NZ    1 
ATOM 40   N N     . GLU A 1 11  ? 12.317  -11.861 5.202   1.00 49.61 ? 722 GLU A N     1 
ATOM 41   C CA    . GLU A 1 11  ? 11.589  -11.248 4.096   1.00 46.33 ? 722 GLU A CA    1 
ATOM 42   C C     . GLU A 1 11  ? 11.139  -9.832  4.440   1.00 43.25 ? 722 GLU A C     1 
ATOM 43   O O     . GLU A 1 11  ? 11.177  -8.936  3.588   1.00 43.99 ? 722 GLU A O     1 
ATOM 44   C CB    . GLU A 1 11  ? 10.397  -12.123 3.715   1.00 44.84 ? 722 GLU A CB    1 
ATOM 45   C CG    . GLU A 1 11  ? 9.851   -11.847 2.326   1.00 43.74 ? 722 GLU A CG    1 
ATOM 46   C CD    . GLU A 1 11  ? 8.833   -12.882 1.891   1.00 45.77 ? 722 GLU A CD    1 
ATOM 47   O OE1   . GLU A 1 11  ? 8.594   -13.851 2.652   1.00 44.06 ? 722 GLU A OE1   1 
ATOM 48   O OE2   . GLU A 1 11  ? 8.274   -12.721 0.784   1.00 42.31 ? 722 GLU A OE2   1 
ATOM 49   N N     . VAL A 1 12  ? 10.725  -9.603  5.686   1.00 40.42 ? 723 VAL A N     1 
ATOM 50   C CA    . VAL A 1 12  ? 10.369  -8.252  6.107   1.00 39.68 ? 723 VAL A CA    1 
ATOM 51   C C     . VAL A 1 12  ? 11.577  -7.326  5.996   1.00 40.77 ? 723 VAL A C     1 
ATOM 52   O O     . VAL A 1 12  ? 11.478  -6.211  5.473   1.00 40.38 ? 723 VAL A O     1 
ATOM 53   C CB    . VAL A 1 12  ? 9.790   -8.266  7.534   1.00 40.55 ? 723 VAL A CB    1 
ATOM 54   C CG1   . VAL A 1 12  ? 9.607   -6.846  8.056   1.00 37.26 ? 723 VAL A CG1   1 
ATOM 55   C CG2   . VAL A 1 12  ? 8.467   -9.009  7.550   1.00 40.70 ? 723 VAL A CG2   1 
ATOM 56   N N     . ARG A 1 13  ? 12.740  -7.780  6.479   1.00 40.03 ? 724 ARG A N     1 
ATOM 57   C CA    . ARG A 1 13  ? 13.927  -6.933  6.383   1.00 38.73 ? 724 ARG A CA    1 
ATOM 58   C C     . ARG A 1 13  ? 14.358  -6.731  4.934   1.00 39.16 ? 724 ARG A C     1 
ATOM 59   O O     . ARG A 1 13  ? 14.840  -5.647  4.576   1.00 39.62 ? 724 ARG A O     1 
ATOM 60   C CB    . ARG A 1 13  ? 15.063  -7.523  7.221   1.00 43.25 ? 724 ARG A CB    1 
ATOM 61   C CG    . ARG A 1 13  ? 14.821  -7.428  8.731   1.00 43.47 ? 724 ARG A CG    1 
ATOM 62   C CD    . ARG A 1 13  ? 16.010  -7.936  9.558   1.00 49.16 ? 724 ARG A CD    1 
ATOM 63   N NE    . ARG A 1 13  ? 16.013  -9.391  9.735   1.00 50.03 ? 724 ARG A NE    1 
ATOM 64   C CZ    . ARG A 1 13  ? 16.683  -10.245 8.962   1.00 50.96 ? 724 ARG A CZ    1 
ATOM 65   N NH1   . ARG A 1 13  ? 16.623  -11.549 9.201   1.00 46.50 ? 724 ARG A NH1   1 
ATOM 66   N NH2   . ARG A 1 13  ? 17.415  -9.799  7.945   1.00 51.68 ? 724 ARG A NH2   1 
ATOM 67   N N     . GLU A 1 14  ? 14.167  -7.740  4.080   1.00 40.94 ? 725 GLU A N     1 
ATOM 68   C CA    . GLU A 1 14  ? 14.445  -7.566  2.657   1.00 42.74 ? 725 GLU A CA    1 
ATOM 69   C C     . GLU A 1 14  ? 13.512  -6.542  2.023   1.00 45.65 ? 725 GLU A C     1 
ATOM 70   O O     . GLU A 1 14  ? 13.908  -5.839  1.084   1.00 47.43 ? 725 GLU A O     1 
ATOM 71   C CB    . GLU A 1 14  ? 14.333  -8.903  1.927   1.00 40.53 ? 725 GLU A CB    1 
ATOM 72   C CG    . GLU A 1 14  ? 15.547  -9.791  2.086   1.00 46.40 ? 725 GLU A CG    1 
ATOM 73   C CD    . GLU A 1 14  ? 15.463  -11.056 1.253   1.00 52.71 ? 725 GLU A CD    1 
ATOM 74   O OE1   . GLU A 1 14  ? 14.340  -11.567 1.057   1.00 53.44 ? 725 GLU A OE1   1 
ATOM 75   O OE2   . GLU A 1 14  ? 16.522  -11.536 0.792   1.00 53.17 ? 725 GLU A OE2   1 
ATOM 76   N N     . ILE A 1 15  ? 12.268  -6.456  2.506   1.00 44.08 ? 726 ILE A N     1 
ATOM 77   C CA    . ILE A 1 15  ? 11.360  -5.414  2.031   1.00 40.30 ? 726 ILE A CA    1 
ATOM 78   C C     . ILE A 1 15  ? 11.816  -4.043  2.523   1.00 38.95 ? 726 ILE A C     1 
ATOM 79   O O     . ILE A 1 15  ? 11.761  -3.052  1.782   1.00 37.52 ? 726 ILE A O     1 
ATOM 80   C CB    . ILE A 1 15  ? 9.916   -5.720  2.470   1.00 36.81 ? 726 ILE A CB    1 
ATOM 81   C CG1   . ILE A 1 15  ? 9.431   -7.035  1.863   1.00 36.58 ? 726 ILE A CG1   1 
ATOM 82   C CG2   . ILE A 1 15  ? 8.987   -4.596  2.060   1.00 35.17 ? 726 ILE A CG2   1 
ATOM 83   C CD1   . ILE A 1 15  ? 7.993   -7.343  2.183   1.00 32.23 ? 726 ILE A CD1   1 
ATOM 84   N N     . VAL A 1 16  ? 12.266  -3.963  3.781   1.00 39.43 ? 727 VAL A N     1 
ATOM 85   C CA    . VAL A 1 16  ? 12.751  -2.695  4.328   1.00 37.71 ? 727 VAL A CA    1 
ATOM 86   C C     . VAL A 1 16  ? 13.942  -2.192  3.527   1.00 38.76 ? 727 VAL A C     1 
ATOM 87   O O     . VAL A 1 16  ? 14.115  -0.983  3.327   1.00 36.67 ? 727 VAL A O     1 
ATOM 88   C CB    . VAL A 1 16  ? 13.105  -2.845  5.820   1.00 34.69 ? 727 VAL A CB    1 
ATOM 89   C CG1   . VAL A 1 16  ? 13.715  -1.557  6.354   1.00 32.14 ? 727 VAL A CG1   1 
ATOM 90   C CG2   . VAL A 1 16  ? 11.879  -3.226  6.625   1.00 34.24 ? 727 VAL A CG2   1 
ATOM 91   N N     . GLN A 1 17  ? 14.783  -3.113  3.058   1.00 40.93 ? 728 GLN A N     1 
ATOM 92   C CA    . GLN A 1 17  ? 15.946  -2.717  2.272   1.00 42.26 ? 728 GLN A CA    1 
ATOM 93   C C     . GLN A 1 17  ? 15.551  -1.886  1.056   1.00 42.98 ? 728 GLN A C     1 
ATOM 94   O O     . GLN A 1 17  ? 16.230  -0.911  0.717   1.00 45.54 ? 728 GLN A O     1 
ATOM 95   C CB    . GLN A 1 17  ? 16.732  -3.955  1.838   1.00 44.80 ? 728 GLN A CB    1 
ATOM 96   C CG    . GLN A 1 17  ? 17.407  -4.708  2.979   1.00 46.68 ? 728 GLN A CG    1 
ATOM 97   C CD    . GLN A 1 17  ? 18.497  -3.896  3.667   1.00 50.81 ? 728 GLN A CD    1 
ATOM 98   O OE1   . GLN A 1 17  ? 18.926  -2.852  3.165   1.00 49.56 ? 728 GLN A OE1   1 
ATOM 99   N NE2   . GLN A 1 17  ? 18.953  -4.378  4.821   1.00 49.81 ? 728 GLN A NE2   1 
ATOM 100  N N     . GLN A 1 18  ? 14.448  -2.243  0.393   1.00 41.45 ? 729 GLN A N     1 
ATOM 101  C CA    . GLN A 1 18  ? 14.092  -1.637  -0.884  1.00 43.47 ? 729 GLN A CA    1 
ATOM 102  C C     . GLN A 1 18  ? 13.103  -0.481  -0.776  1.00 41.78 ? 729 GLN A C     1 
ATOM 103  O O     . GLN A 1 18  ? 12.926  0.254   -1.756  1.00 41.29 ? 729 GLN A O     1 
ATOM 104  C CB    . GLN A 1 18  ? 13.509  -2.696  -1.825  1.00 44.59 ? 729 GLN A CB    1 
ATOM 105  C CG    . GLN A 1 18  ? 14.477  -3.797  -2.197  1.00 47.42 ? 729 GLN A CG    1 
ATOM 106  C CD    . GLN A 1 18  ? 13.825  -4.867  -3.050  1.00 58.79 ? 729 GLN A CD    1 
ATOM 107  O OE1   . GLN A 1 18  ? 12.637  -4.780  -3.376  1.00 55.14 ? 729 GLN A OE1   1 
ATOM 108  N NE2   . GLN A 1 18  ? 14.600  -5.884  -3.416  1.00 63.16 ? 729 GLN A NE2   1 
ATOM 109  N N     . SER A 1 19  ? 12.448  -0.304  0.367   1.00 37.90 ? 730 SER A N     1 
ATOM 110  C CA    . SER A 1 19  ? 11.477  0.769   0.520   1.00 34.32 ? 730 SER A CA    1 
ATOM 111  C C     . SER A 1 19  ? 12.182  2.087   0.801   1.00 31.17 ? 730 SER A C     1 
ATOM 112  O O     . SER A 1 19  ? 13.206  2.123   1.485   1.00 32.11 ? 730 SER A O     1 
ATOM 113  C CB    . SER A 1 19  ? 10.506  0.444   1.652   1.00 34.13 ? 730 SER A CB    1 
ATOM 114  O OG    . SER A 1 19  ? 11.222  0.067   2.814   1.00 37.00 ? 730 SER A OG    1 
ATOM 115  N N     . LEU A 1 20  ? 11.626  3.176   0.273   1.00 30.94 ? 731 LEU A N     1 
ATOM 116  C CA    . LEU A 1 20  ? 12.262  4.484   0.397   1.00 33.66 ? 731 LEU A CA    1 
ATOM 117  C C     . LEU A 1 20  ? 11.883  5.198   1.690   1.00 33.06 ? 731 LEU A C     1 
ATOM 118  O O     . LEU A 1 20  ? 12.741  5.794   2.350   1.00 34.25 ? 731 LEU A O     1 
ATOM 119  C CB    . LEU A 1 20  ? 11.901  5.359   -0.803  1.00 34.54 ? 731 LEU A CB    1 
ATOM 120  C CG    . LEU A 1 20  ? 12.303  4.805   -2.169  1.00 33.87 ? 731 LEU A CG    1 
ATOM 121  C CD1   . LEU A 1 20  ? 11.919  5.801   -3.247  1.00 34.76 ? 731 LEU A CD1   1 
ATOM 122  C CD2   . LEU A 1 20  ? 13.791  4.492   -2.215  1.00 31.23 ? 731 LEU A CD2   1 
ATOM 123  N N     . SER A 1 21  ? 10.605  5.165   2.049   1.00 31.47 ? 732 SER A N     1 
ATOM 124  C CA    . SER A 1 21  ? 10.131  5.762   3.286   1.00 31.75 ? 732 SER A CA    1 
ATOM 125  C C     . SER A 1 21  ? 9.138   4.810   3.932   1.00 31.80 ? 732 SER A C     1 
ATOM 126  O O     . SER A 1 21  ? 8.732   3.808   3.337   1.00 32.82 ? 732 SER A O     1 
ATOM 127  C CB    . SER A 1 21  ? 9.489   7.129   3.038   1.00 33.49 ? 732 SER A CB    1 
ATOM 128  O OG    . SER A 1 21  ? 8.522   7.041   2.007   1.00 36.71 ? 732 SER A OG    1 
ATOM 129  N N     . VAL A 1 22  ? 8.743   5.138   5.166   1.00 31.27 ? 733 VAL A N     1 
ATOM 130  C CA    . VAL A 1 22  ? 7.821   4.274   5.896   1.00 30.49 ? 733 VAL A CA    1 
ATOM 131  C C     . VAL A 1 22  ? 6.492   4.171   5.159   1.00 28.88 ? 733 VAL A C     1 
ATOM 132  O O     . VAL A 1 22  ? 5.844   3.113   5.169   1.00 27.41 ? 733 VAL A O     1 
ATOM 133  C CB    . VAL A 1 22  ? 7.654   4.781   7.343   1.00 28.47 ? 733 VAL A CB    1 
ATOM 134  C CG1   . VAL A 1 22  ? 7.015   6.161   7.370   1.00 30.03 ? 733 VAL A CG1   1 
ATOM 135  C CG2   . VAL A 1 22  ? 6.859   3.793   8.166   1.00 30.26 ? 733 VAL A CG2   1 
ATOM 136  N N     . GLY A 1 23  ? 6.081   5.247   4.485   1.00 26.87 ? 734 GLY A N     1 
ATOM 137  C CA    . GLY A 1 23  ? 4.940   5.151   3.595   1.00 29.14 ? 734 GLY A CA    1 
ATOM 138  C C     . GLY A 1 23  ? 5.143   4.109   2.511   1.00 30.40 ? 734 GLY A C     1 
ATOM 139  O O     . GLY A 1 23  ? 4.254   3.295   2.239   1.00 32.15 ? 734 GLY A O     1 
ATOM 140  N N     . ASN A 1 24  ? 6.321   4.103   1.884   1.00 29.50 ? 735 ASN A N     1 
ATOM 141  C CA    . ASN A 1 24  ? 6.570   3.099   0.857   1.00 28.26 ? 735 ASN A CA    1 
ATOM 142  C C     . ASN A 1 24  ? 6.743   1.711   1.459   1.00 29.25 ? 735 ASN A C     1 
ATOM 143  O O     . ASN A 1 24  ? 6.452   0.715   0.793   1.00 30.11 ? 735 ASN A O     1 
ATOM 144  C CB    . ASN A 1 24  ? 7.790   3.466   0.017   1.00 29.93 ? 735 ASN A CB    1 
ATOM 145  C CG    . ASN A 1 24  ? 7.850   2.681   -1.283  1.00 31.31 ? 735 ASN A CG    1 
ATOM 146  O OD1   . ASN A 1 24  ? 8.508   1.644   -1.368  1.00 34.81 ? 735 ASN A OD1   1 
ATOM 147  N ND2   . ASN A 1 24  ? 7.143   3.164   -2.299  1.00 29.02 ? 735 ASN A ND2   1 
ATOM 148  N N     . PHE A 1 25  ? 7.193   1.620   2.712   1.00 29.35 ? 736 PHE A N     1 
ATOM 149  C CA    . PHE A 1 25  ? 7.207   0.326   3.390   1.00 28.26 ? 736 PHE A CA    1 
ATOM 150  C C     . PHE A 1 25  ? 5.793   -0.223  3.520   1.00 27.73 ? 736 PHE A C     1 
ATOM 151  O O     . PHE A 1 25  ? 5.542   -1.402  3.238   1.00 27.90 ? 736 PHE A O     1 
ATOM 152  C CB    . PHE A 1 25  ? 7.866   0.455   4.765   1.00 29.38 ? 736 PHE A CB    1 
ATOM 153  C CG    . PHE A 1 25  ? 7.968   -0.846  5.520   1.00 29.20 ? 736 PHE A CG    1 
ATOM 154  C CD1   . PHE A 1 25  ? 8.461   -1.983  4.908   1.00 30.63 ? 736 PHE A CD1   1 
ATOM 155  C CD2   . PHE A 1 25  ? 7.593   -0.924  6.850   1.00 30.67 ? 736 PHE A CD2   1 
ATOM 156  C CE1   . PHE A 1 25  ? 8.560   -3.179  5.603   1.00 29.69 ? 736 PHE A CE1   1 
ATOM 157  C CE2   . PHE A 1 25  ? 7.692   -2.116  7.546   1.00 30.88 ? 736 PHE A CE2   1 
ATOM 158  C CZ    . PHE A 1 25  ? 8.181   -3.243  6.921   1.00 29.27 ? 736 PHE A CZ    1 
ATOM 159  N N     . ALA A 1 26  ? 4.850   0.627   3.931   1.00 27.31 ? 737 ALA A N     1 
ATOM 160  C CA    . ALA A 1 26  ? 3.460   0.190   4.028   1.00 27.51 ? 737 ALA A CA    1 
ATOM 161  C C     . ALA A 1 26  ? 2.898   -0.172  2.661   1.00 26.72 ? 737 ALA A C     1 
ATOM 162  O O     . ALA A 1 26  ? 2.177   -1.164  2.521   1.00 27.86 ? 737 ALA A O     1 
ATOM 163  C CB    . ALA A 1 26  ? 2.611   1.273   4.686   1.00 29.99 ? 737 ALA A CB    1 
ATOM 164  N N     . ALA A 1 27  ? 3.224   0.616   1.636   1.00 26.10 ? 738 ALA A N     1 
ATOM 165  C CA    . ALA A 1 27  ? 2.755   0.296   0.292   1.00 25.77 ? 738 ALA A CA    1 
ATOM 166  C C     . ALA A 1 27  ? 3.297   -1.049  -0.176  1.00 25.90 ? 738 ALA A C     1 
ATOM 167  O O     . ALA A 1 27  ? 2.572   -1.848  -0.784  1.00 28.16 ? 738 ALA A O     1 
ATOM 168  C CB    . ALA A 1 27  ? 3.151   1.406   -0.681  1.00 25.01 ? 738 ALA A CB    1 
ATOM 169  N N     . ARG A 1 28  ? 4.569   -1.322  0.102   1.00 24.87 ? 739 ARG A N     1 
ATOM 170  C CA    . ARG A 1 28  ? 5.162   -2.578  -0.333  1.00 27.68 ? 739 ARG A CA    1 
ATOM 171  C C     . ARG A 1 28  ? 4.558   -3.756  0.412   1.00 26.44 ? 739 ARG A C     1 
ATOM 172  O O     . ARG A 1 28  ? 4.276   -4.797  -0.191  1.00 28.24 ? 739 ARG A O     1 
ATOM 173  C CB    . ARG A 1 28  ? 6.677   -2.539  -0.145  1.00 32.54 ? 739 ARG A CB    1 
ATOM 174  C CG    . ARG A 1 28  ? 7.403   -1.733  -1.202  1.00 32.93 ? 739 ARG A CG    1 
ATOM 175  C CD    . ARG A 1 28  ? 8.873   -1.615  -0.868  1.00 35.73 ? 739 ARG A CD    1 
ATOM 176  N NE    . ARG A 1 28  ? 9.623   -1.030  -1.969  1.00 36.62 ? 739 ARG A NE    1 
ATOM 177  C CZ    . ARG A 1 28  ? 10.100  -1.732  -2.989  1.00 44.23 ? 739 ARG A CZ    1 
ATOM 178  N NH1   . ARG A 1 28  ? 9.900   -3.046  -3.044  1.00 44.06 ? 739 ARG A NH1   1 
ATOM 179  N NH2   . ARG A 1 28  ? 10.778  -1.123  -3.954  1.00 48.00 ? 739 ARG A NH2   1 
ATOM 180  N N     . LEU A 1 29  ? 4.371   -3.621  1.724   1.00 25.41 ? 740 LEU A N     1 
ATOM 181  C CA    . LEU A 1 29  ? 3.689   -4.672  2.466   1.00 25.46 ? 740 LEU A CA    1 
ATOM 182  C C     . LEU A 1 29  ? 2.283   -4.885  1.940   1.00 28.66 ? 740 LEU A C     1 
ATOM 183  O O     . LEU A 1 29  ? 1.786   -6.016  1.939   1.00 29.78 ? 740 LEU A O     1 
ATOM 184  C CB    . LEU A 1 29  ? 3.654   -4.331  3.947   1.00 24.12 ? 740 LEU A CB    1 
ATOM 185  C CG    . LEU A 1 29  ? 5.049   -4.207  4.527   1.00 24.92 ? 740 LEU A CG    1 
ATOM 186  C CD1   . LEU A 1 29  ? 4.959   -3.691  5.934   1.00 31.28 ? 740 LEU A CD1   1 
ATOM 187  C CD2   . LEU A 1 29  ? 5.749   -5.549  4.476   1.00 25.82 ? 740 LEU A CD2   1 
ATOM 188  N N     . LEU A 1 30  ? 1.635   -3.812  1.480   1.00 30.64 ? 741 LEU A N     1 
ATOM 189  C CA    . LEU A 1 30  ? 0.327   -3.937  0.848   1.00 29.81 ? 741 LEU A CA    1 
ATOM 190  C C     . LEU A 1 30  ? 0.407   -4.812  -0.397  1.00 28.27 ? 741 LEU A C     1 
ATOM 191  O O     . LEU A 1 30  ? -0.338  -5.788  -0.535  1.00 27.75 ? 741 LEU A O     1 
ATOM 192  C CB    . LEU A 1 30  ? -0.207  -2.549  0.502   1.00 26.36 ? 741 LEU A CB    1 
ATOM 193  C CG    . LEU A 1 30  ? -1.523  -2.477  -0.262  1.00 24.92 ? 741 LEU A CG    1 
ATOM 194  C CD1   . LEU A 1 30  ? -2.676  -2.748  0.683   1.00 27.85 ? 741 LEU A CD1   1 
ATOM 195  C CD2   . LEU A 1 30  ? -1.664  -1.128  -0.928  1.00 25.44 ? 741 LEU A CD2   1 
ATOM 196  N N     . VAL A 1 31  ? 1.327   -4.481  -1.305  1.00 26.99 ? 742 VAL A N     1 
ATOM 197  C CA    . VAL A 1 31  ? 1.448   -5.233  -2.551  1.00 26.16 ? 742 VAL A CA    1 
ATOM 198  C C     . VAL A 1 31  ? 1.790   -6.691  -2.271  1.00 26.27 ? 742 VAL A C     1 
ATOM 199  O O     . VAL A 1 31  ? 1.282   -7.603  -2.932  1.00 24.37 ? 742 VAL A O     1 
ATOM 200  C CB    . VAL A 1 31  ? 2.492   -4.577  -3.471  1.00 28.02 ? 742 VAL A CB    1 
ATOM 201  C CG1   . VAL A 1 31  ? 2.638   -5.370  -4.746  1.00 31.02 ? 742 VAL A CG1   1 
ATOM 202  C CG2   . VAL A 1 31  ? 2.096   -3.140  -3.776  1.00 30.78 ? 742 VAL A CG2   1 
ATOM 203  N N     . ARG A 1 32  ? 2.654   -6.930  -1.284  1.00 29.63 ? 743 ARG A N     1 
ATOM 204  C CA    . ARG A 1 32  ? 3.087   -8.293  -0.991  1.00 30.28 ? 743 ARG A CA    1 
ATOM 205  C C     . ARG A 1 32  ? 1.971   -9.095  -0.326  1.00 32.06 ? 743 ARG A C     1 
ATOM 206  O O     . ARG A 1 32  ? 1.831   -10.300 -0.571  1.00 35.40 ? 743 ARG A O     1 
ATOM 207  C CB    . ARG A 1 32  ? 4.336   -8.258  -0.107  1.00 28.15 ? 743 ARG A CB    1 
ATOM 208  C CG    . ARG A 1 32  ? 4.809   -9.616  0.379   1.00 32.46 ? 743 ARG A CG    1 
ATOM 209  C CD    . ARG A 1 32  ? 5.136   -10.559 -0.770  1.00 35.65 ? 743 ARG A CD    1 
ATOM 210  N NE    . ARG A 1 32  ? 5.683   -11.825 -0.285  1.00 35.37 ? 743 ARG A NE    1 
ATOM 211  C CZ    . ARG A 1 32  ? 4.953   -12.800 0.249   1.00 36.37 ? 743 ARG A CZ    1 
ATOM 212  N NH1   . ARG A 1 32  ? 3.641   -12.656 0.374   1.00 35.11 ? 743 ARG A NH1   1 
ATOM 213  N NH2   . ARG A 1 32  ? 5.532   -13.919 0.663   1.00 40.66 ? 743 ARG A NH2   1 
ATOM 214  N N     . LEU A 1 33  ? 1.166   -8.449  0.518   1.00 31.08 ? 744 LEU A N     1 
ATOM 215  C CA    . LEU A 1 33  ? 0.105   -9.152  1.226   1.00 29.31 ? 744 LEU A CA    1 
ATOM 216  C C     . LEU A 1 33  ? -1.212  -9.205  0.468   1.00 30.72 ? 744 LEU A C     1 
ATOM 217  O O     . LEU A 1 33  ? -2.078  -10.008 0.834   1.00 33.08 ? 744 LEU A O     1 
ATOM 218  C CB    . LEU A 1 33  ? -0.134  -8.512  2.595   1.00 28.73 ? 744 LEU A CB    1 
ATOM 219  C CG    . LEU A 1 33  ? 1.020   -8.636  3.588   1.00 26.63 ? 744 LEU A CG    1 
ATOM 220  C CD1   . LEU A 1 33  ? 0.566   -8.207  4.965   1.00 28.96 ? 744 LEU A CD1   1 
ATOM 221  C CD2   . LEU A 1 33  ? 1.561   -10.049 3.608   1.00 24.76 ? 744 LEU A CD2   1 
ATOM 222  N N     . PHE A 1 34  ? -1.390  -8.391  -0.575  1.00 31.31 ? 745 PHE A N     1 
ATOM 223  C CA    . PHE A 1 34  ? -2.618  -8.383  -1.370  1.00 32.15 ? 745 PHE A CA    1 
ATOM 224  C C     . PHE A 1 34  ? -2.349  -8.702  -2.843  1.00 32.16 ? 745 PHE A C     1 
ATOM 225  O O     . PHE A 1 34  ? -2.773  -7.946  -3.721  1.00 30.24 ? 745 PHE A O     1 
ATOM 226  C CB    . PHE A 1 34  ? -3.330  -7.036  -1.270  1.00 31.28 ? 745 PHE A CB    1 
ATOM 227  C CG    . PHE A 1 34  ? -3.871  -6.719  0.095   1.00 29.23 ? 745 PHE A CG    1 
ATOM 228  C CD1   . PHE A 1 34  ? -3.025  -6.330  1.125   1.00 28.26 ? 745 PHE A CD1   1 
ATOM 229  C CD2   . PHE A 1 34  ? -5.234  -6.754  0.328   1.00 27.32 ? 745 PHE A CD2   1 
ATOM 230  C CE1   . PHE A 1 34  ? -3.533  -6.015  2.361   1.00 29.13 ? 745 PHE A CE1   1 
ATOM 231  C CE2   . PHE A 1 34  ? -5.740  -6.439  1.557   1.00 29.14 ? 745 PHE A CE2   1 
ATOM 232  C CZ    . PHE A 1 34  ? -4.887  -6.068  2.575   1.00 29.39 ? 745 PHE A CZ    1 
ATOM 233  N N     . PRO A 1 35  ? -1.675  -9.823  -3.148  1.00 32.82 ? 746 PRO A N     1 
ATOM 234  C CA    . PRO A 1 35  ? -1.313  -10.088 -4.553  1.00 32.82 ? 746 PRO A CA    1 
ATOM 235  C C     . PRO A 1 35  ? -2.506  -10.275 -5.464  1.00 31.77 ? 746 PRO A C     1 
ATOM 236  O O     . PRO A 1 35  ? -2.342  -10.156 -6.682  1.00 34.30 ? 746 PRO A O     1 
ATOM 237  C CB    . PRO A 1 35  ? -0.463  -11.366 -4.471  1.00 29.48 ? 746 PRO A CB    1 
ATOM 238  C CG    . PRO A 1 35  ? -0.911  -12.026 -3.251  1.00 32.36 ? 746 PRO A CG    1 
ATOM 239  C CD    . PRO A 1 35  ? -1.271  -10.939 -2.280  1.00 30.57 ? 746 PRO A CD    1 
ATOM 240  N N     . GLU A 1 36  ? -3.699  -10.526 -4.919  1.00 29.44 ? 747 GLU A N     1 
ATOM 241  C CA    . GLU A 1 36  ? -4.885  -10.665 -5.758  1.00 30.33 ? 747 GLU A CA    1 
ATOM 242  C C     . GLU A 1 36  ? -5.224  -9.370  -6.482  1.00 34.62 ? 747 GLU A C     1 
ATOM 243  O O     . GLU A 1 36  ? -5.704  -9.400  -7.621  1.00 37.48 ? 747 GLU A O     1 
ATOM 244  C CB    . GLU A 1 36  ? -6.078  -11.106 -4.916  1.00 33.00 ? 747 GLU A CB    1 
ATOM 245  C CG    . GLU A 1 36  ? -6.384  -10.193 -3.738  1.00 32.15 ? 747 GLU A CG    1 
ATOM 246  C CD    . GLU A 1 36  ? -5.808  -10.715 -2.437  1.00 33.34 ? 747 GLU A CD    1 
ATOM 247  O OE1   . GLU A 1 36  ? -4.605  -11.058 -2.413  1.00 31.15 ? 747 GLU A OE1   1 
ATOM 248  O OE2   . GLU A 1 36  ? -6.568  -10.795 -1.446  1.00 33.77 ? 747 GLU A OE2   1 
ATOM 249  N N     . LEU A 1 37  ? -4.986  -8.231  -5.841  1.00 36.83 ? 748 LEU A N     1 
ATOM 250  C CA    . LEU A 1 37  ? -5.369  -6.944  -6.402  1.00 36.28 ? 748 LEU A CA    1 
ATOM 251  C C     . LEU A 1 37  ? -4.349  -6.395  -7.386  1.00 36.81 ? 748 LEU A C     1 
ATOM 252  O O     . LEU A 1 37  ? -4.667  -5.457  -8.123  1.00 39.93 ? 748 LEU A O     1 
ATOM 253  C CB    . LEU A 1 37  ? -5.578  -5.941  -5.272  1.00 33.64 ? 748 LEU A CB    1 
ATOM 254  C CG    . LEU A 1 37  ? -6.556  -6.431  -4.210  1.00 32.94 ? 748 LEU A CG    1 
ATOM 255  C CD1   . LEU A 1 37  ? -6.349  -5.692  -2.913  1.00 32.17 ? 748 LEU A CD1   1 
ATOM 256  C CD2   . LEU A 1 37  ? -7.977  -6.251  -4.694  1.00 36.94 ? 748 LEU A CD2   1 
ATOM 257  N N     . PHE A 1 38  ? -3.144  -6.950  -7.422  1.00 34.87 ? 749 PHE A N     1 
ATOM 258  C CA    . PHE A 1 38  ? -2.061  -6.397  -8.222  1.00 38.51 ? 749 PHE A CA    1 
ATOM 259  C C     . PHE A 1 38  ? -1.688  -7.301  -9.393  1.00 44.35 ? 749 PHE A C     1 
ATOM 260  O O     . PHE A 1 38  ? -0.558  -7.262  -9.890  1.00 47.84 ? 749 PHE A O     1 
ATOM 261  C CB    . PHE A 1 38  ? -0.848  -6.112  -7.341  1.00 38.66 ? 749 PHE A CB    1 
ATOM 262  C CG    . PHE A 1 38  ? -1.084  -5.035  -6.327  1.00 34.85 ? 749 PHE A CG    1 
ATOM 263  C CD1   . PHE A 1 38  ? -1.419  -5.354  -5.022  1.00 34.72 ? 749 PHE A CD1   1 
ATOM 264  C CD2   . PHE A 1 38  ? -0.992  -3.701  -6.687  1.00 32.98 ? 749 PHE A CD2   1 
ATOM 265  C CE1   . PHE A 1 38  ? -1.645  -4.362  -4.091  1.00 33.33 ? 749 PHE A CE1   1 
ATOM 266  C CE2   . PHE A 1 38  ? -1.215  -2.708  -5.764  1.00 32.02 ? 749 PHE A CE2   1 
ATOM 267  C CZ    . PHE A 1 38  ? -1.542  -3.036  -4.465  1.00 33.09 ? 749 PHE A CZ    1 
ATOM 268  N N     . THR A 1 39  ? -2.630  -8.124  -9.841  1.00 42.74 ? 750 THR A N     1 
ATOM 269  C CA    . THR A 1 39  ? -2.484  -8.808  -11.113 1.00 44.19 ? 750 THR A CA    1 
ATOM 270  C C     . THR A 1 39  ? -2.788  -7.834  -12.247 1.00 47.53 ? 750 THR A C     1 
ATOM 271  O O     . THR A 1 39  ? -3.129  -6.669  -12.023 1.00 48.92 ? 750 THR A O     1 
ATOM 272  C CB    . THR A 1 39  ? -3.409  -10.019 -11.170 1.00 46.09 ? 750 THR A CB    1 
ATOM 273  O OG1   . THR A 1 39  ? -4.756  -9.604  -10.891 1.00 44.66 ? 750 THR A OG1   1 
ATOM 274  C CG2   . THR A 1 39  ? -2.973  -11.062 -10.150 1.00 40.71 ? 750 THR A CG2   1 
ATOM 275  N N     . THR A 1 40  ? -2.673  -8.307  -13.489 1.00 46.66 ? 751 THR A N     1 
ATOM 276  C CA    . THR A 1 40  ? -3.079  -7.478  -14.620 1.00 48.04 ? 751 THR A CA    1 
ATOM 277  C C     . THR A 1 40  ? -4.577  -7.202  -14.634 1.00 47.31 ? 751 THR A C     1 
ATOM 278  O O     . THR A 1 40  ? -5.025  -6.345  -15.404 1.00 43.77 ? 751 THR A O     1 
ATOM 279  C CB    . THR A 1 40  ? -2.664  -8.135  -15.933 1.00 48.98 ? 751 THR A CB    1 
ATOM 280  O OG1   . THR A 1 40  ? -3.109  -9.495  -15.943 1.00 55.26 ? 751 THR A OG1   1 
ATOM 281  C CG2   . THR A 1 40  ? -1.154  -8.101  -16.087 1.00 53.10 ? 751 THR A CG2   1 
ATOM 282  N N     . GLU A 1 41  ? -5.351  -7.907  -13.807 1.00 50.32 ? 752 GLU A N     1 
ATOM 283  C CA    . GLU A 1 41  ? -6.766  -7.598  -13.644 1.00 51.79 ? 752 GLU A CA    1 
ATOM 284  C C     . GLU A 1 41  ? -6.968  -6.232  -12.994 1.00 50.44 ? 752 GLU A C     1 
ATOM 285  O O     . GLU A 1 41  ? -7.981  -5.570  -13.248 1.00 47.20 ? 752 GLU A O     1 
ATOM 286  C CB    . GLU A 1 41  ? -7.434  -8.698  -12.816 1.00 51.42 ? 752 GLU A CB    1 
ATOM 287  C CG    . GLU A 1 41  ? -8.944  -8.569  -12.666 1.00 55.84 ? 752 GLU A CG    1 
ATOM 288  C CD    . GLU A 1 41  ? -9.570  -9.809  -12.045 1.00 59.23 ? 752 GLU A CD    1 
ATOM 289  O OE1   . GLU A 1 41  ? -8.809  -10.746 -11.713 1.00 60.58 ? 752 GLU A OE1   1 
ATOM 290  O OE2   . GLU A 1 41  ? -10.814 -9.852  -11.893 1.00 53.29 ? 752 GLU A OE2   1 
ATOM 291  N N     . ASN A 1 42  ? -6.012  -5.798  -12.169 1.00 50.20 ? 753 ASN A N     1 
ATOM 292  C CA    . ASN A 1 42  ? -6.051  -4.504  -11.484 1.00 46.28 ? 753 ASN A CA    1 
ATOM 293  C C     . ASN A 1 42  ? -7.343  -4.331  -10.692 1.00 45.36 ? 753 ASN A C     1 
ATOM 294  O O     . ASN A 1 42  ? -8.065  -3.342  -10.834 1.00 45.77 ? 753 ASN A O     1 
ATOM 295  C CB    . ASN A 1 42  ? -5.854  -3.346  -12.464 1.00 47.23 ? 753 ASN A CB    1 
ATOM 296  C CG    . ASN A 1 42  ? -4.400  -3.152  -12.856 1.00 52.17 ? 753 ASN A CG    1 
ATOM 297  O OD1   . ASN A 1 42  ? -3.553  -2.842  -12.014 1.00 51.89 ? 753 ASN A OD1   1 
ATOM 298  N ND2   . ASN A 1 42  ? -4.107  -3.318  -14.142 1.00 56.36 ? 753 ASN A ND2   1 
ATOM 299  N N     . LEU A 1 43  ? -7.634  -5.314  -9.841  1.00 43.03 ? 754 LEU A N     1 
ATOM 300  C CA    . LEU A 1 43  ? -8.755  -5.176  -8.922  1.00 43.76 ? 754 LEU A CA    1 
ATOM 301  C C     . LEU A 1 43  ? -8.505  -4.108  -7.865  1.00 41.41 ? 754 LEU A C     1 
ATOM 302  O O     . LEU A 1 43  ? -9.464  -3.614  -7.260  1.00 41.00 ? 754 LEU A O     1 
ATOM 303  C CB    . LEU A 1 43  ? -9.047  -6.517  -8.258  1.00 43.51 ? 754 LEU A CB    1 
ATOM 304  C CG    . LEU A 1 43  ? -9.727  -7.538  -9.163  1.00 49.86 ? 754 LEU A CG    1 
ATOM 305  C CD1   . LEU A 1 43  ? -9.675  -8.923  -8.536  1.00 55.32 ? 754 LEU A CD1   1 
ATOM 306  C CD2   . LEU A 1 43  ? -11.167 -7.121  -9.427  1.00 52.66 ? 754 LEU A CD2   1 
ATOM 307  N N     . ARG A 1 44  ? -7.240  -3.743  -7.639  1.00 40.09 ? 755 ARG A N     1 
ATOM 308  C CA    . ARG A 1 44  ? -6.901  -2.716  -6.660  1.00 38.81 ? 755 ARG A CA    1 
ATOM 309  C C     . ARG A 1 44  ? -7.710  -1.444  -6.863  1.00 39.32 ? 755 ARG A C     1 
ATOM 310  O O     . ARG A 1 44  ? -8.021  -0.742  -5.893  1.00 39.80 ? 755 ARG A O     1 
ATOM 311  C CB    . ARG A 1 44  ? -5.406  -2.400  -6.742  1.00 37.66 ? 755 ARG A CB    1 
ATOM 312  C CG    . ARG A 1 44  ? -4.956  -2.005  -8.140  1.00 40.35 ? 755 ARG A CG    1 
ATOM 313  C CD    . ARG A 1 44  ? -3.477  -1.702  -8.189  1.00 40.33 ? 755 ARG A CD    1 
ATOM 314  N NE    . ARG A 1 44  ? -3.018  -1.450  -9.553  1.00 44.07 ? 755 ARG A NE    1 
ATOM 315  C CZ    . ARG A 1 44  ? -3.025  -0.254  -10.133 1.00 44.67 ? 755 ARG A CZ    1 
ATOM 316  N NH1   . ARG A 1 44  ? -3.469  0.808   -9.467  1.00 40.21 ? 755 ARG A NH1   1 
ATOM 317  N NH2   . ARG A 1 44  ? -2.585  -0.120  -11.380 1.00 46.53 ? 755 ARG A NH2   1 
ATOM 318  N N     . LEU A 1 45  ? -8.072  -1.140  -8.107  1.00 39.72 ? 756 LEU A N     1 
ATOM 319  C CA    . LEU A 1 45  ? -8.788  0.086   -8.430  1.00 39.98 ? 756 LEU A CA    1 
ATOM 320  C C     . LEU A 1 45  ? -10.206 0.112   -7.878  1.00 40.25 ? 756 LEU A C     1 
ATOM 321  O O     . LEU A 1 45  ? -10.882 1.140   -8.006  1.00 42.37 ? 756 LEU A O     1 
ATOM 322  C CB    . LEU A 1 45  ? -8.802  0.276   -9.946  1.00 40.91 ? 756 LEU A CB    1 
ATOM 323  C CG    . LEU A 1 45  ? -7.409  0.235   -10.579 1.00 41.63 ? 756 LEU A CG    1 
ATOM 324  C CD1   . LEU A 1 45  ? -7.487  0.177   -12.100 1.00 44.08 ? 756 LEU A CD1   1 
ATOM 325  C CD2   . LEU A 1 45  ? -6.585  1.428   -10.122 1.00 39.61 ? 756 LEU A CD2   1 
ATOM 326  N N     . GLN A 1 46  ? -10.675 -0.973  -7.269  1.00 39.91 ? 757 GLN A N     1 
ATOM 327  C CA    . GLN A 1 46  ? -11.989 -1.005  -6.647  1.00 40.78 ? 757 GLN A CA    1 
ATOM 328  C C     . GLN A 1 46  ? -11.912 -0.944  -5.129  1.00 38.79 ? 757 GLN A C     1 
ATOM 329  O O     . GLN A 1 46  ? -12.947 -1.053  -4.464  1.00 40.85 ? 757 GLN A O     1 
ATOM 330  C CB    . GLN A 1 46  ? -12.745 -2.265  -7.073  1.00 44.87 ? 757 GLN A CB    1 
ATOM 331  C CG    . GLN A 1 46  ? -12.718 -2.531  -8.571  1.00 48.40 ? 757 GLN A CG    1 
ATOM 332  C CD    . GLN A 1 46  ? -13.383 -3.845  -8.944  1.00 55.71 ? 757 GLN A CD    1 
ATOM 333  O OE1   . GLN A 1 46  ? -14.010 -4.502  -8.109  1.00 56.01 ? 757 GLN A OE1   1 
ATOM 334  N NE2   . GLN A 1 46  ? -13.247 -4.236  -10.206 1.00 56.74 ? 757 GLN A NE2   1 
ATOM 335  N N     . TYR A 1 47  ? -10.716 -0.765  -4.569  1.00 36.52 ? 758 TYR A N     1 
ATOM 336  C CA    . TYR A 1 47  ? -10.494 -0.886  -3.135  1.00 35.08 ? 758 TYR A CA    1 
ATOM 337  C C     . TYR A 1 47  ? -9.799  0.351   -2.586  1.00 34.55 ? 758 TYR A C     1 
ATOM 338  O O     . TYR A 1 47  ? -9.164  1.113   -3.320  1.00 36.69 ? 758 TYR A O     1 
ATOM 339  C CB    . TYR A 1 47  ? -9.641  -2.118  -2.801  1.00 36.45 ? 758 TYR A CB    1 
ATOM 340  C CG    . TYR A 1 47  ? -10.395 -3.422  -2.800  1.00 37.79 ? 758 TYR A CG    1 
ATOM 341  C CD1   . TYR A 1 47  ? -10.662 -4.093  -3.986  1.00 39.82 ? 758 TYR A CD1   1 
ATOM 342  C CD2   . TYR A 1 47  ? -10.834 -3.989  -1.610  1.00 37.51 ? 758 TYR A CD2   1 
ATOM 343  C CE1   . TYR A 1 47  ? -11.354 -5.292  -3.987  1.00 41.18 ? 758 TYR A CE1   1 
ATOM 344  C CE2   . TYR A 1 47  ? -11.524 -5.188  -1.601  1.00 37.28 ? 758 TYR A CE2   1 
ATOM 345  C CZ    . TYR A 1 47  ? -11.783 -5.833  -2.790  1.00 38.18 ? 758 TYR A CZ    1 
ATOM 346  O OH    . TYR A 1 47  ? -12.472 -7.021  -2.782  1.00 39.00 ? 758 TYR A OH    1 
ATOM 347  N N     . ASN A 1 48  ? -9.927  0.531   -1.274  1.00 32.36 ? 759 ASN A N     1 
ATOM 348  C CA    . ASN A 1 48  ? -9.073  1.439   -0.513  1.00 34.37 ? 759 ASN A CA    1 
ATOM 349  C C     . ASN A 1 48  ? -8.979  0.899   0.910   1.00 34.68 ? 759 ASN A C     1 
ATOM 350  O O     . ASN A 1 48  ? -9.465  -0.197  1.208   1.00 35.03 ? 759 ASN A O     1 
ATOM 351  C CB    . ASN A 1 48  ? -9.589  2.884   -0.560  1.00 35.61 ? 759 ASN A CB    1 
ATOM 352  C CG    . ASN A 1 48  ? -10.669 3.157   0.465   1.00 37.00 ? 759 ASN A CG    1 
ATOM 353  O OD1   . ASN A 1 48  ? -10.407 3.229   1.670   1.00 36.20 ? 759 ASN A OD1   1 
ATOM 354  N ND2   . ASN A 1 48  ? -11.893 3.335   -0.011  1.00 40.04 ? 759 ASN A ND2   1 
ATOM 355  N N     . HIS A 1 49  ? -8.366  1.683   1.804   1.00 33.83 ? 760 HIS A N     1 
ATOM 356  C CA    . HIS A 1 49  ? -8.101  1.189   3.150   1.00 33.91 ? 760 HIS A CA    1 
ATOM 357  C C     . HIS A 1 49  ? -9.328  1.247   4.052   1.00 32.56 ? 760 HIS A C     1 
ATOM 358  O O     . HIS A 1 49  ? -9.438  0.443   4.983   1.00 32.31 ? 760 HIS A O     1 
ATOM 359  C CB    . HIS A 1 49  ? -6.953  1.973   3.786   1.00 34.26 ? 760 HIS A CB    1 
ATOM 360  C CG    . HIS A 1 49  ? -7.388  3.197   4.534   1.00 37.54 ? 760 HIS A CG    1 
ATOM 361  N ND1   . HIS A 1 49  ? -8.034  4.253   3.926   1.00 38.03 ? 760 HIS A ND1   1 
ATOM 362  C CD2   . HIS A 1 49  ? -7.254  3.539   5.839   1.00 38.67 ? 760 HIS A CD2   1 
ATOM 363  C CE1   . HIS A 1 49  ? -8.288  5.188   4.826   1.00 39.94 ? 760 HIS A CE1   1 
ATOM 364  N NE2   . HIS A 1 49  ? -7.825  4.780   5.995   1.00 40.83 ? 760 HIS A NE2   1 
ATOM 365  N N     . SER A 1 50  ? -10.261 2.165   3.804   1.00 33.24 ? 761 SER A N     1 
ATOM 366  C CA    . SER A 1 50  ? -11.377 2.347   4.721   1.00 37.52 ? 761 SER A CA    1 
ATOM 367  C C     . SER A 1 50  ? -12.718 1.863   4.188   1.00 36.73 ? 761 SER A C     1 
ATOM 368  O O     . SER A 1 50  ? -13.612 1.583   4.993   1.00 37.99 ? 761 SER A O     1 
ATOM 369  C CB    . SER A 1 50  ? -11.510 3.828   5.124   1.00 38.76 ? 761 SER A CB    1 
ATOM 370  O OG    . SER A 1 50  ? -11.836 4.657   4.020   1.00 37.38 ? 761 SER A OG    1 
ATOM 371  N N     . GLY A 1 51  ? -12.879 1.740   2.875   1.00 35.32 ? 762 GLY A N     1 
ATOM 372  C CA    . GLY A 1 51  ? -14.194 1.533   2.302   1.00 36.05 ? 762 GLY A CA    1 
ATOM 373  C C     . GLY A 1 51  ? -14.939 2.811   2.001   1.00 38.66 ? 762 GLY A C     1 
ATOM 374  O O     . GLY A 1 51  ? -16.176 2.799   1.948   1.00 39.03 ? 762 GLY A O     1 
ATOM 375  N N     . ALA A 1 52  ? -14.224 3.915   1.818   1.00 36.43 ? 763 ALA A N     1 
ATOM 376  C CA    . ALA A 1 52  ? -14.800 5.215   1.523   1.00 35.51 ? 763 ALA A CA    1 
ATOM 377  C C     . ALA A 1 52  ? -14.808 5.457   0.020   1.00 36.93 ? 763 ALA A C     1 
ATOM 378  O O     . ALA A 1 52  ? -14.194 4.726   -0.758  1.00 37.74 ? 763 ALA A O     1 
ATOM 379  C CB    . ALA A 1 52  ? -14.016 6.317   2.240   1.00 37.31 ? 763 ALA A CB    1 
ATOM 380  N N     . CYS A 1 53  ? -15.515 6.513   -0.380  1.00 40.47 ? 764 CYS A N     1 
ATOM 381  C CA    . CYS A 1 53  ? -15.634 6.902   -1.785  1.00 41.39 ? 764 CYS A CA    1 
ATOM 382  C C     . CYS A 1 53  ? -16.180 5.754   -2.632  1.00 45.71 ? 764 CYS A C     1 
ATOM 383  O O     . CYS A 1 53  ? -15.659 5.441   -3.705  1.00 44.57 ? 764 CYS A O     1 
ATOM 384  C CB    . CYS A 1 53  ? -14.297 7.402   -2.337  1.00 37.90 ? 764 CYS A CB    1 
ATOM 385  S SG    . CYS A 1 53  ? -13.906 9.113   -1.904  1.00 42.70 ? 764 CYS A SG    1 
ATOM 386  N N     . ASN A 1 54  ? -17.241 5.115   -2.130  1.00 47.74 ? 765 ASN A N     1 
ATOM 387  C CA    . ASN A 1 54  ? -17.966 4.071   -2.857  1.00 47.32 ? 765 ASN A CA    1 
ATOM 388  C C     . ASN A 1 54  ? -17.052 2.927   -3.286  1.00 45.55 ? 765 ASN A C     1 
ATOM 389  O O     . ASN A 1 54  ? -17.259 2.317   -4.337  1.00 49.16 ? 765 ASN A O     1 
ATOM 390  C CB    . ASN A 1 54  ? -18.694 4.650   -4.078  1.00 51.05 ? 765 ASN A CB    1 
ATOM 391  C CG    . ASN A 1 54  ? -19.616 5.811   -3.722  1.00 58.84 ? 765 ASN A CG    1 
ATOM 392  O OD1   . ASN A 1 54  ? -20.266 5.806   -2.674  1.00 63.32 ? 765 ASN A OD1   1 
ATOM 393  N ND2   . ASN A 1 54  ? -19.671 6.815   -4.596  1.00 55.10 ? 765 ASN A ND2   1 
ATOM 394  N N     . LYS A 1 55  ? -16.034 2.626   -2.483  1.00 40.63 ? 766 LYS A N     1 
ATOM 395  C CA    . LYS A 1 55  ? -15.050 1.608   -2.819  1.00 37.98 ? 766 LYS A CA    1 
ATOM 396  C C     . LYS A 1 55  ? -15.072 0.476   -1.802  1.00 37.14 ? 766 LYS A C     1 
ATOM 397  O O     . LYS A 1 55  ? -15.444 0.666   -0.640  1.00 37.16 ? 766 LYS A O     1 
ATOM 398  C CB    . LYS A 1 55  ? -13.636 2.199   -2.887  1.00 37.27 ? 766 LYS A CB    1 
ATOM 399  C CG    . LYS A 1 55  ? -13.339 2.971   -4.150  1.00 34.05 ? 766 LYS A CG    1 
ATOM 400  C CD    . LYS A 1 55  ? -11.852 3.185   -4.313  1.00 31.12 ? 766 LYS A CD    1 
ATOM 401  C CE    . LYS A 1 55  ? -11.531 3.683   -5.706  1.00 33.24 ? 766 LYS A CE    1 
ATOM 402  N NZ    . LYS A 1 55  ? -10.076 3.918   -5.901  1.00 36.50 ? 766 LYS A NZ    1 
ATOM 403  N N     . LYS A 1 56  ? -14.658 -0.705  -2.250  1.00 38.05 ? 767 LYS A N     1 
ATOM 404  C CA    . LYS A 1 56  ? -14.546 -1.851  -1.359  1.00 36.58 ? 767 LYS A CA    1 
ATOM 405  C C     . LYS A 1 56  ? -13.388 -1.660  -0.384  1.00 34.95 ? 767 LYS A C     1 
ATOM 406  O O     . LYS A 1 56  ? -12.389 -0.999  -0.683  1.00 33.40 ? 767 LYS A O     1 
ATOM 407  C CB    . LYS A 1 56  ? -14.360 -3.138  -2.164  1.00 37.26 ? 767 LYS A CB    1 
ATOM 408  C CG    . LYS A 1 56  ? -15.396 -3.338  -3.266  1.00 42.08 ? 767 LYS A CG    1 
ATOM 409  C CD    . LYS A 1 56  ? -15.113 -4.599  -4.077  1.00 43.58 ? 767 LYS A CD    1 
ATOM 410  C CE    . LYS A 1 56  ? -15.954 -4.634  -5.349  1.00 49.45 ? 767 LYS A CE    1 
ATOM 411  N NZ    . LYS A 1 56  ? -15.668 -5.833  -6.190  1.00 53.91 ? 767 LYS A NZ    1 
ATOM 412  N N     . GLN A 1 57  ? -13.533 -2.248  0.797   1.00 37.08 ? 768 GLN A N     1 
ATOM 413  C CA    . GLN A 1 57  ? -12.590 -2.069  1.891   1.00 34.88 ? 768 GLN A CA    1 
ATOM 414  C C     . GLN A 1 57  ? -11.567 -3.195  1.880   1.00 35.21 ? 768 GLN A C     1 
ATOM 415  O O     . GLN A 1 57  ? -11.937 -4.374  1.846   1.00 35.34 ? 768 GLN A O     1 
ATOM 416  C CB    . GLN A 1 57  ? -13.323 -2.044  3.231   1.00 34.27 ? 768 GLN A CB    1 
ATOM 417  C CG    . GLN A 1 57  ? -12.434 -1.803  4.429   1.00 33.88 ? 768 GLN A CG    1 
ATOM 418  C CD    . GLN A 1 57  ? -13.197 -1.901  5.736   1.00 37.18 ? 768 GLN A CD    1 
ATOM 419  O OE1   . GLN A 1 57  ? -14.430 -1.941  5.752   1.00 34.03 ? 768 GLN A OE1   1 
ATOM 420  N NE2   . GLN A 1 57  ? -12.465 -1.948  6.843   1.00 42.28 ? 768 GLN A NE2   1 
ATOM 421  N N     . LEU A 1 58  ? -10.287 -2.826  1.908   1.00 35.23 ? 769 LEU A N     1 
ATOM 422  C CA    . LEU A 1 58  ? -9.222  -3.812  2.025   1.00 33.36 ? 769 LEU A CA    1 
ATOM 423  C C     . LEU A 1 58  ? -9.430  -4.671  3.261   1.00 32.38 ? 769 LEU A C     1 
ATOM 424  O O     . LEU A 1 58  ? -9.996  -4.221  4.262   1.00 35.00 ? 769 LEU A O     1 
ATOM 425  C CB    . LEU A 1 58  ? -7.859  -3.124  2.105   1.00 30.81 ? 769 LEU A CB    1 
ATOM 426  C CG    . LEU A 1 58  ? -7.302  -2.513  0.827   1.00 30.36 ? 769 LEU A CG    1 
ATOM 427  C CD1   . LEU A 1 58  ? -6.080  -1.694  1.160   1.00 30.97 ? 769 LEU A CD1   1 
ATOM 428  C CD2   . LEU A 1 58  ? -6.959  -3.598  -0.173  1.00 28.99 ? 769 LEU A CD2   1 
ATOM 429  N N     . ASP A 1 59  ? -8.971  -5.924  3.178   1.00 28.91 ? 770 ASP A N     1 
ATOM 430  C CA    . ASP A 1 59  ? -9.003  -6.876  4.283   1.00 29.94 ? 770 ASP A CA    1 
ATOM 431  C C     . ASP A 1 59  ? -8.535  -6.206  5.567   1.00 30.84 ? 770 ASP A C     1 
ATOM 432  O O     . ASP A 1 59  ? -7.341  -5.924  5.715   1.00 32.45 ? 770 ASP A O     1 
ATOM 433  C CB    . ASP A 1 59  ? -8.123  -8.083  3.962   1.00 29.48 ? 770 ASP A CB    1 
ATOM 434  C CG    . ASP A 1 59  ? -8.208  -9.179  5.007   1.00 28.14 ? 770 ASP A CG    1 
ATOM 435  O OD1   . ASP A 1 59  ? -8.240  -8.884  6.223   1.00 28.37 ? 770 ASP A OD1   1 
ATOM 436  O OD2   . ASP A 1 59  ? -8.231  -10.356 4.597   1.00 28.85 ? 770 ASP A OD2   1 
ATOM 437  N N     . PRO A 1 60  ? -9.437  -5.936  6.512   1.00 30.81 ? 771 PRO A N     1 
ATOM 438  C CA    . PRO A 1 60  ? -9.014  -5.246  7.738   1.00 33.61 ? 771 PRO A CA    1 
ATOM 439  C C     . PRO A 1 60  ? -7.891  -5.957  8.470   1.00 33.51 ? 771 PRO A C     1 
ATOM 440  O O     . PRO A 1 60  ? -6.997  -5.290  9.007   1.00 35.43 ? 771 PRO A O     1 
ATOM 441  C CB    . PRO A 1 60  ? -10.301 -5.204  8.576   1.00 33.18 ? 771 PRO A CB    1 
ATOM 442  C CG    . PRO A 1 60  ? -11.403 -5.304  7.580   1.00 30.96 ? 771 PRO A CG    1 
ATOM 443  C CD    . PRO A 1 60  ? -10.881 -6.217  6.509   1.00 31.36 ? 771 PRO A CD    1 
ATOM 444  N N     . THR A 1 61  ? -7.884  -7.291  8.471   1.00 30.66 ? 772 THR A N     1 
ATOM 445  C CA    . THR A 1 61  ? -6.904  -8.012  9.274   1.00 31.91 ? 772 THR A CA    1 
ATOM 446  C C     . THR A 1 61  ? -5.521  -7.993  8.635   1.00 32.10 ? 772 THR A C     1 
ATOM 447  O O     . THR A 1 61  ? -4.514  -7.816  9.330   1.00 34.48 ? 772 THR A O     1 
ATOM 448  C CB    . THR A 1 61  ? -7.387  -9.437  9.520   1.00 30.09 ? 772 THR A CB    1 
ATOM 449  O OG1   . THR A 1 61  ? -8.687  -9.384  10.121  1.00 29.03 ? 772 THR A OG1   1 
ATOM 450  C CG2   . THR A 1 61  ? -6.448  -10.153 10.477  1.00 32.44 ? 772 THR A CG2   1 
ATOM 451  N N     . ARG A 1 62  ? -5.444  -8.151  7.315   1.00 31.36 ? 773 ARG A N     1 
ATOM 452  C CA    . ARG A 1 62  ? -4.159  -7.968  6.648   1.00 33.57 ? 773 ARG A CA    1 
ATOM 453  C C     . ARG A 1 62  ? -3.646  -6.541  6.826   1.00 32.72 ? 773 ARG A C     1 
ATOM 454  O O     . ARG A 1 62  ? -2.440  -6.323  6.989   1.00 32.72 ? 773 ARG A O     1 
ATOM 455  C CB    . ARG A 1 62  ? -4.275  -8.325  5.165   1.00 30.39 ? 773 ARG A CB    1 
ATOM 456  C CG    . ARG A 1 62  ? -4.144  -9.799  4.887   1.00 28.00 ? 773 ARG A CG    1 
ATOM 457  C CD    . ARG A 1 62  ? -4.287  -10.086 3.412   1.00 27.55 ? 773 ARG A CD    1 
ATOM 458  N NE    . ARG A 1 62  ? -5.656  -9.893  2.949   1.00 28.37 ? 773 ARG A NE    1 
ATOM 459  C CZ    . ARG A 1 62  ? -6.042  -10.061 1.689   1.00 31.71 ? 773 ARG A CZ    1 
ATOM 460  N NH1   . ARG A 1 62  ? -5.153  -10.423 0.774   1.00 32.50 ? 773 ARG A NH1   1 
ATOM 461  N NH2   . ARG A 1 62  ? -7.309  -9.869  1.339   1.00 31.62 ? 773 ARG A NH2   1 
ATOM 462  N N     . LEU A 1 63  ? -4.545  -5.554  6.790   1.00 31.59 ? 774 LEU A N     1 
ATOM 463  C CA    . LEU A 1 63  ? -4.130  -4.173  7.015   1.00 33.34 ? 774 LEU A CA    1 
ATOM 464  C C     . LEU A 1 63  ? -3.558  -4.007  8.415   1.00 35.51 ? 774 LEU A C     1 
ATOM 465  O O     . LEU A 1 63  ? -2.554  -3.307  8.615   1.00 35.36 ? 774 LEU A O     1 
ATOM 466  C CB    . LEU A 1 63  ? -5.315  -3.230  6.796   1.00 31.60 ? 774 LEU A CB    1 
ATOM 467  C CG    . LEU A 1 63  ? -4.979  -1.830  6.285   1.00 29.05 ? 774 LEU A CG    1 
ATOM 468  C CD1   . LEU A 1 63  ? -4.272  -1.933  4.951   1.00 32.31 ? 774 LEU A CD1   1 
ATOM 469  C CD2   . LEU A 1 63  ? -6.227  -0.982  6.156   1.00 28.08 ? 774 LEU A CD2   1 
ATOM 470  N N     . ARG A 1 64  ? -4.189  -4.656  9.396   1.00 35.24 ? 775 ARG A N     1 
ATOM 471  C CA    . ARG A 1 64  ? -3.666  -4.665  10.757  1.00 36.17 ? 775 ARG A CA    1 
ATOM 472  C C     . ARG A 1 64  ? -2.276  -5.286  10.807  1.00 37.18 ? 775 ARG A C     1 
ATOM 473  O O     . ARG A 1 64  ? -1.386  -4.782  11.499  1.00 35.29 ? 775 ARG A O     1 
ATOM 474  C CB    . ARG A 1 64  ? -4.638  -5.416  11.667  1.00 35.06 ? 775 ARG A CB    1 
ATOM 475  C CG    . ARG A 1 64  ? -4.094  -5.791  13.032  1.00 39.86 ? 775 ARG A CG    1 
ATOM 476  C CD    . ARG A 1 64  ? -5.163  -6.487  13.862  1.00 37.29 ? 775 ARG A CD    1 
ATOM 477  N NE    . ARG A 1 64  ? -6.273  -5.589  14.169  1.00 33.10 ? 775 ARG A NE    1 
ATOM 478  C CZ    . ARG A 1 64  ? -6.364  -4.878  15.286  1.00 33.70 ? 775 ARG A CZ    1 
ATOM 479  N NH1   . ARG A 1 64  ? -5.413  -4.964  16.205  1.00 35.03 ? 775 ARG A NH1   1 
ATOM 480  N NH2   . ARG A 1 64  ? -7.406  -4.084  15.485  1.00 35.95 ? 775 ARG A NH2   1 
ATOM 481  N N     . LEU A 1 65  ? -2.073  -6.383  10.070  1.00 37.51 ? 776 LEU A N     1 
ATOM 482  C CA    . LEU A 1 65  ? -0.754  -7.011  10.012  1.00 38.38 ? 776 LEU A CA    1 
ATOM 483  C C     . LEU A 1 65  ? 0.283   -6.062  9.416   1.00 38.41 ? 776 LEU A C     1 
ATOM 484  O O     . LEU A 1 65  ? 1.433   -5.995  9.881   1.00 38.38 ? 776 LEU A O     1 
ATOM 485  C CB    . LEU A 1 65  ? -0.838  -8.305  9.199   1.00 34.67 ? 776 LEU A CB    1 
ATOM 486  C CG    . LEU A 1 65  ? 0.442   -9.128  9.047   1.00 35.14 ? 776 LEU A CG    1 
ATOM 487  C CD1   . LEU A 1 65  ? 0.935   -9.597  10.403  1.00 40.74 ? 776 LEU A CD1   1 
ATOM 488  C CD2   . LEU A 1 65  ? 0.218   -10.310 8.119   1.00 36.09 ? 776 LEU A CD2   1 
ATOM 489  N N     . ILE A 1 66  ? -0.103  -5.338  8.365   1.00 37.33 ? 777 ILE A N     1 
ATOM 490  C CA    . ILE A 1 66  ? 0.786   -4.347  7.767   1.00 35.92 ? 777 ILE A CA    1 
ATOM 491  C C     . ILE A 1 66  ? 1.189   -3.319  8.808   1.00 38.29 ? 777 ILE A C     1 
ATOM 492  O O     . ILE A 1 66  ? 2.371   -2.991  8.955   1.00 38.94 ? 777 ILE A O     1 
ATOM 493  C CB    . ILE A 1 66  ? 0.117   -3.680  6.552   1.00 33.26 ? 777 ILE A CB    1 
ATOM 494  C CG1   . ILE A 1 66  ? 0.006   -4.665  5.392   1.00 31.45 ? 777 ILE A CG1   1 
ATOM 495  C CG2   . ILE A 1 66  ? 0.895   -2.441  6.125   1.00 30.40 ? 777 ILE A CG2   1 
ATOM 496  C CD1   . ILE A 1 66  ? -0.750  -4.114  4.224   1.00 30.49 ? 777 ILE A CD1   1 
ATOM 497  N N     . ARG A 1 67  ? 0.206   -2.791  9.541   1.00 39.97 ? 778 ARG A N     1 
ATOM 498  C CA    . ARG A 1 67  ? 0.511   -1.811  10.581  1.00 40.27 ? 778 ARG A CA    1 
ATOM 499  C C     . ARG A 1 67  ? 1.418   -2.418  11.641  1.00 40.60 ? 778 ARG A C     1 
ATOM 500  O O     . ARG A 1 67  ? 2.286   -1.737  12.196  1.00 40.13 ? 778 ARG A O     1 
ATOM 501  C CB    . ARG A 1 67  ? -0.780  -1.288  11.210  1.00 40.10 ? 778 ARG A CB    1 
ATOM 502  C CG    . ARG A 1 67  ? -0.586  -0.122  12.151  1.00 37.88 ? 778 ARG A CG    1 
ATOM 503  C CD    . ARG A 1 67  ? -1.917  0.535   12.394  1.00 41.94 ? 778 ARG A CD    1 
ATOM 504  N NE    . ARG A 1 67  ? -1.803  1.793   13.117  1.00 47.68 ? 778 ARG A NE    1 
ATOM 505  C CZ    . ARG A 1 67  ? -2.072  1.930   14.408  1.00 54.69 ? 778 ARG A CZ    1 
ATOM 506  N NH1   . ARG A 1 67  ? -2.468  0.880   15.118  1.00 58.72 ? 778 ARG A NH1   1 
ATOM 507  N NH2   . ARG A 1 67  ? -1.947  3.116   14.988  1.00 57.83 ? 778 ARG A NH2   1 
ATOM 508  N N     . HIS A 1 68  ? 1.217   -3.702  11.936  1.00 42.99 ? 779 HIS A N     1 
ATOM 509  C CA    . HIS A 1 68  ? 2.093   -4.397  12.867  1.00 45.15 ? 779 HIS A CA    1 
ATOM 510  C C     . HIS A 1 68  ? 3.535   -4.308  12.405  1.00 43.17 ? 779 HIS A C     1 
ATOM 511  O O     . HIS A 1 68  ? 4.408   -3.837  13.141  1.00 45.30 ? 779 HIS A O     1 
ATOM 512  C CB    . HIS A 1 68  ? 1.664   -5.858  13.003  1.00 44.36 ? 779 HIS A CB    1 
ATOM 513  C CG    . HIS A 1 68  ? 2.574   -6.674  13.868  1.00 44.46 ? 779 HIS A CG    1 
ATOM 514  N ND1   . HIS A 1 68  ? 3.392   -6.113  14.825  1.00 44.17 ? 779 HIS A ND1   1 
ATOM 515  C CD2   . HIS A 1 68  ? 2.794   -8.009  13.918  1.00 46.51 ? 779 HIS A CD2   1 
ATOM 516  C CE1   . HIS A 1 68  ? 4.077   -7.068  15.430  1.00 49.15 ? 779 HIS A CE1   1 
ATOM 517  N NE2   . HIS A 1 68  ? 3.731   -8.227  14.899  1.00 55.45 ? 779 HIS A NE2   1 
ATOM 518  N N     . TYR A 1 69  ? 3.791   -4.739  11.169  1.00 41.39 ? 780 TYR A N     1 
ATOM 519  C CA    . TYR A 1 69  ? 5.152   -4.703  10.639  1.00 41.51 ? 780 TYR A CA    1 
ATOM 520  C C     . TYR A 1 69  ? 5.697   -3.274  10.571  1.00 41.36 ? 780 TYR A C     1 
ATOM 521  O O     . TYR A 1 69  ? 6.885   -3.039  10.836  1.00 41.10 ? 780 TYR A O     1 
ATOM 522  C CB    . TYR A 1 69  ? 5.194   -5.362  9.263   1.00 36.87 ? 780 TYR A CB    1 
ATOM 523  C CG    . TYR A 1 69  ? 5.052   -6.863  9.289   1.00 36.82 ? 780 TYR A CG    1 
ATOM 524  C CD1   . TYR A 1 69  ? 6.016   -7.658  9.891   1.00 41.34 ? 780 TYR A CD1   1 
ATOM 525  C CD2   . TYR A 1 69  ? 3.967   -7.490  8.696   1.00 38.32 ? 780 TYR A CD2   1 
ATOM 526  C CE1   . TYR A 1 69  ? 5.898   -9.042  9.915   1.00 44.68 ? 780 TYR A CE1   1 
ATOM 527  C CE2   . TYR A 1 69  ? 3.841   -8.868  8.712   1.00 41.49 ? 780 TYR A CE2   1 
ATOM 528  C CZ    . TYR A 1 69  ? 4.808   -9.640  9.322   1.00 43.78 ? 780 TYR A CZ    1 
ATOM 529  O OH    . TYR A 1 69  ? 4.688   -11.013 9.340   1.00 42.76 ? 780 TYR A OH    1 
ATOM 530  N N     . VAL A 1 70  ? 4.840   -2.306  10.232  1.00 39.57 ? 781 VAL A N     1 
ATOM 531  C CA    . VAL A 1 70  ? 5.279   -0.917  10.104  1.00 38.28 ? 781 VAL A CA    1 
ATOM 532  C C     . VAL A 1 70  ? 5.739   -0.380  11.452  1.00 41.87 ? 781 VAL A C     1 
ATOM 533  O O     . VAL A 1 70  ? 6.861   0.115   11.596  1.00 42.92 ? 781 VAL A O     1 
ATOM 534  C CB    . VAL A 1 70  ? 4.159   -0.041  9.518   1.00 36.82 ? 781 VAL A CB    1 
ATOM 535  C CG1   . VAL A 1 70  ? 4.537   1.421   9.623   1.00 33.72 ? 781 VAL A CG1   1 
ATOM 536  C CG2   . VAL A 1 70  ? 3.879   -0.416  8.075   1.00 34.94 ? 781 VAL A CG2   1 
ATOM 537  N N     . GLU A 1 71  ? 4.864   -0.454  12.457  1.00 46.00 ? 782 GLU A N     1 
ATOM 538  C CA    . GLU A 1 71  ? 5.224   -0.006  13.796  1.00 49.51 ? 782 GLU A CA    1 
ATOM 539  C C     . GLU A 1 71  ? 6.366   -0.822  14.382  1.00 48.92 ? 782 GLU A C     1 
ATOM 540  O O     . GLU A 1 71  ? 7.080   -0.325  15.260  1.00 52.15 ? 782 GLU A O     1 
ATOM 541  C CB    . GLU A 1 71  ? 4.004   -0.069  14.717  1.00 52.32 ? 782 GLU A CB    1 
ATOM 542  C CG    . GLU A 1 71  ? 2.880   0.853   14.278  1.00 55.37 ? 782 GLU A CG    1 
ATOM 543  C CD    . GLU A 1 71  ? 1.582   0.600   15.017  1.00 58.62 ? 782 GLU A CD    1 
ATOM 544  O OE1   . GLU A 1 71  ? 1.342   -0.557  15.429  1.00 58.01 ? 782 GLU A OE1   1 
ATOM 545  O OE2   . GLU A 1 71  ? 0.804   1.564   15.180  1.00 57.38 ? 782 GLU A OE2   1 
ATOM 546  N N     . ALA A 1 72  ? 6.562   -2.056  13.908  1.00 44.14 ? 783 ALA A N     1 
ATOM 547  C CA    . ALA A 1 72  ? 7.688   -2.855  14.370  1.00 41.62 ? 783 ALA A CA    1 
ATOM 548  C C     . ALA A 1 72  ? 9.002   -2.292  13.852  1.00 42.24 ? 783 ALA A C     1 
ATOM 549  O O     . ALA A 1 72  ? 9.887   -1.928  14.636  1.00 45.29 ? 783 ALA A O     1 
ATOM 550  C CB    . ALA A 1 72  ? 7.512   -4.309  13.930  1.00 45.69 ? 783 ALA A CB    1 
ATOM 551  N N     . VAL A 1 73  ? 9.147   -2.211  12.528  1.00 38.26 ? 784 VAL A N     1 
ATOM 552  C CA    . VAL A 1 73  ? 10.402  -1.727  11.958  1.00 37.64 ? 784 VAL A CA    1 
ATOM 553  C C     . VAL A 1 73  ? 10.614  -0.261  12.309  1.00 38.83 ? 784 VAL A C     1 
ATOM 554  O O     . VAL A 1 73  ? 11.692  0.140   12.763  1.00 39.31 ? 784 VAL A O     1 
ATOM 555  C CB    . VAL A 1 73  ? 10.426  -1.950  10.436  1.00 34.66 ? 784 VAL A CB    1 
ATOM 556  C CG1   . VAL A 1 73  ? 11.786  -1.577  9.878   1.00 34.49 ? 784 VAL A CG1   1 
ATOM 557  C CG2   . VAL A 1 73  ? 10.083  -3.393  10.107  1.00 34.72 ? 784 VAL A CG2   1 
ATOM 558  N N     . TYR A 1 74  ? 9.588   0.558   12.104  1.00 42.06 ? 785 TYR A N     1 
ATOM 559  C CA    . TYR A 1 74  ? 9.624   1.976   12.426  1.00 44.70 ? 785 TYR A CA    1 
ATOM 560  C C     . TYR A 1 74  ? 8.827   2.176   13.705  1.00 49.18 ? 785 TYR A C     1 
ATOM 561  O O     . TYR A 1 74  ? 7.590   2.236   13.654  1.00 49.84 ? 785 TYR A O     1 
ATOM 562  C CB    . TYR A 1 74  ? 9.036   2.812   11.282  1.00 42.31 ? 785 TYR A CB    1 
ATOM 563  C CG    . TYR A 1 74  ? 9.733   2.615   9.944   1.00 37.02 ? 785 TYR A CG    1 
ATOM 564  C CD1   . TYR A 1 74  ? 10.628  3.557   9.464   1.00 35.37 ? 785 TYR A CD1   1 
ATOM 565  C CD2   . TYR A 1 74  ? 9.499   1.483   9.166   1.00 34.70 ? 785 TYR A CD2   1 
ATOM 566  C CE1   . TYR A 1 74  ? 11.270  3.382   8.250   1.00 36.45 ? 785 TYR A CE1   1 
ATOM 567  C CE2   . TYR A 1 74  ? 10.138  1.298   7.954   1.00 31.68 ? 785 TYR A CE2   1 
ATOM 568  C CZ    . TYR A 1 74  ? 11.023  2.252   7.499   1.00 34.32 ? 785 TYR A CZ    1 
ATOM 569  O OH    . TYR A 1 74  ? 11.672  2.088   6.291   1.00 33.85 ? 785 TYR A OH    1 
ATOM 570  N N     . PRO A 1 75  ? 9.472   2.262   14.871  1.00 57.37 ? 786 PRO A N     1 
ATOM 571  C CA    . PRO A 1 75  ? 8.690   2.358   16.118  1.00 61.14 ? 786 PRO A CA    1 
ATOM 572  C C     . PRO A 1 75  ? 7.810   3.597   16.171  1.00 61.46 ? 786 PRO A C     1 
ATOM 573  O O     . PRO A 1 75  ? 6.677   3.535   16.670  1.00 57.61 ? 786 PRO A O     1 
ATOM 574  C CB    . PRO A 1 75  ? 9.775   2.364   17.209  1.00 65.38 ? 786 PRO A CB    1 
ATOM 575  C CG    . PRO A 1 75  ? 11.011  2.890   16.519  1.00 60.44 ? 786 PRO A CG    1 
ATOM 576  C CD    . PRO A 1 75  ? 10.923  2.393   15.098  1.00 58.29 ? 786 PRO A CD    1 
ATOM 577  N N     . ARG A 1 76  ? 8.304   4.718   15.628  1.00 61.31 ? 787 ARG A N     1 
ATOM 578  C CA    . ARG A 1 76  ? 7.566   5.978   15.606  1.00 60.63 ? 787 ARG A CA    1 
ATOM 579  C C     . ARG A 1 76  ? 6.176   5.832   14.996  1.00 58.24 ? 787 ARG A C     1 
ATOM 580  O O     . ARG A 1 76  ? 5.301   6.670   15.243  1.00 56.61 ? 787 ARG A O     1 
ATOM 581  C CB    . ARG A 1 76  ? 8.387   7.020   14.837  1.00 58.60 ? 787 ARG A CB    1 
ATOM 582  C CG    . ARG A 1 76  ? 7.842   8.434   14.895  1.00 62.07 ? 787 ARG A CG    1 
ATOM 583  C CD    . ARG A 1 76  ? 8.685   9.390   14.062  1.00 68.43 ? 787 ARG A CD    1 
ATOM 584  N NE    . ARG A 1 76  ? 8.569   9.149   12.622  1.00 71.82 ? 787 ARG A NE    1 
ATOM 585  C CZ    . ARG A 1 76  ? 7.763   9.829   11.807  1.00 65.89 ? 787 ARG A CZ    1 
ATOM 586  N NH1   . ARG A 1 76  ? 6.990   10.796  12.286  1.00 61.61 ? 787 ARG A NH1   1 
ATOM 587  N NH2   . ARG A 1 76  ? 7.729   9.545   10.511  1.00 58.42 ? 787 ARG A NH2   1 
ATOM 588  N N     . ALA A 1 77  ? 5.945   4.772   14.223  1.00 56.93 ? 788 ALA A N     1 
ATOM 589  C CA    . ALA A 1 77  ? 4.649   4.548   13.601  1.00 59.25 ? 788 ALA A CA    1 
ATOM 590  C C     . ALA A 1 77  ? 3.557   4.178   14.595  1.00 63.00 ? 788 ALA A C     1 
ATOM 591  O O     . ALA A 1 77  ? 2.391   4.079   14.192  1.00 63.06 ? 788 ALA A O     1 
ATOM 592  C CB    . ALA A 1 77  ? 4.766   3.446   12.548  1.00 56.03 ? 788 ALA A CB    1 
ATOM 593  N N     . LYS A 1 78  ? 3.894   3.956   15.871  1.00 63.93 ? 789 LYS A N     1 
ATOM 594  C CA    . LYS A 1 78  ? 2.863   3.579   16.834  1.00 62.45 ? 789 LYS A CA    1 
ATOM 595  C C     . LYS A 1 78  ? 1.855   4.704   17.049  1.00 61.09 ? 789 LYS A C     1 
ATOM 596  O O     . LYS A 1 78  ? 0.700   4.442   17.404  1.00 57.85 ? 789 LYS A O     1 
ATOM 597  C CB    . LYS A 1 78  ? 3.507   3.161   18.156  1.00 61.33 ? 789 LYS A CB    1 
ATOM 598  C CG    . LYS A 1 78  ? 4.259   1.835   18.090  1.00 60.76 ? 789 LYS A CG    1 
ATOM 599  C CD    . LYS A 1 78  ? 4.881   1.494   19.441  1.00 66.14 ? 789 LYS A CD    1 
ATOM 600  C CE    . LYS A 1 78  ? 5.574   0.140   19.427  1.00 59.47 ? 789 LYS A CE    1 
ATOM 601  N NZ    . LYS A 1 78  ? 6.238   -0.143  20.728  1.00 52.57 ? 789 LYS A NZ    1 
ATOM 602  N N     . ASN A 1 79  ? 2.264   5.956   16.835  1.00 62.56 ? 790 ASN A N     1 
ATOM 603  C CA    . ASN A 1 79  ? 1.312   7.059   16.841  1.00 61.94 ? 790 ASN A CA    1 
ATOM 604  C C     . ASN A 1 79  ? 0.336   6.896   15.684  1.00 62.63 ? 790 ASN A C     1 
ATOM 605  O O     . ASN A 1 79  ? 0.749   6.680   14.540  1.00 63.30 ? 790 ASN A O     1 
ATOM 606  C CB    . ASN A 1 79  ? 2.030   8.407   16.709  1.00 62.98 ? 790 ASN A CB    1 
ATOM 607  C CG    . ASN A 1 79  ? 3.333   8.476   17.491  1.00 66.49 ? 790 ASN A CG    1 
ATOM 608  O OD1   . ASN A 1 79  ? 3.494   7.826   18.525  1.00 69.90 ? 790 ASN A OD1   1 
ATOM 609  N ND2   . ASN A 1 79  ? 4.269   9.284   17.000  1.00 60.33 ? 790 ASN A ND2   1 
ATOM 610  N N     . ASP A 1 80  ? -0.963  7.008   15.974  1.00 64.62 ? 791 ASP A N     1 
ATOM 611  C CA    . ASP A 1 80  ? -1.948  7.006   14.893  1.00 64.77 ? 791 ASP A CA    1 
ATOM 612  C C     . ASP A 1 80  ? -1.748  8.178   13.944  1.00 57.19 ? 791 ASP A C     1 
ATOM 613  O O     . ASP A 1 80  ? -2.136  8.093   12.774  1.00 50.38 ? 791 ASP A O     1 
ATOM 614  C CB    . ASP A 1 80  ? -3.372  7.027   15.456  1.00 67.51 ? 791 ASP A CB    1 
ATOM 615  C CG    . ASP A 1 80  ? -3.868  5.645   15.845  1.00 70.70 ? 791 ASP A CG    1 
ATOM 616  O OD1   . ASP A 1 80  ? -3.030  4.778   16.180  1.00 67.90 ? 791 ASP A OD1   1 
ATOM 617  O OD2   . ASP A 1 80  ? -5.096  5.419   15.801  1.00 75.59 ? 791 ASP A OD2   1 
ATOM 618  N N     . ARG A 1 81  ? -1.137  9.260   14.420  1.00 58.94 ? 792 ARG A N     1 
ATOM 619  C CA    . ARG A 1 81  ? -0.906  10.430  13.586  1.00 60.52 ? 792 ARG A CA    1 
ATOM 620  C C     . ARG A 1 81  ? 0.190   10.212  12.551  1.00 57.91 ? 792 ARG A C     1 
ATOM 621  O O     . ARG A 1 81  ? 0.316   11.029  11.634  1.00 61.30 ? 792 ARG A O     1 
ATOM 622  C CB    . ARG A 1 81  ? -0.572  11.633  14.471  1.00 61.64 ? 792 ARG A CB    1 
ATOM 623  C CG    . ARG A 1 81  ? -1.679  12.016  15.452  1.00 58.49 ? 792 ARG A CG    1 
ATOM 624  C CD    . ARG A 1 81  ? -2.873  12.606  14.726  1.00 55.58 ? 792 ARG A CD    1 
ATOM 625  N NE    . ARG A 1 81  ? -2.437  13.545  13.700  1.00 59.67 ? 792 ARG A NE    1 
ATOM 626  C CZ    . ARG A 1 81  ? -2.063  14.796  13.946  1.00 63.39 ? 792 ARG A CZ    1 
ATOM 627  N NH1   . ARG A 1 81  ? -2.077  15.259  15.188  1.00 64.75 ? 792 ARG A NH1   1 
ATOM 628  N NH2   . ARG A 1 81  ? -1.672  15.583  12.952  1.00 63.95 ? 792 ARG A NH2   1 
ATOM 629  N N     . VAL A 1 82  ? 0.982   9.150   12.668  1.00 54.10 ? 793 VAL A N     1 
ATOM 630  C CA    . VAL A 1 82  ? 1.982   8.819   11.662  1.00 52.21 ? 793 VAL A CA    1 
ATOM 631  C C     . VAL A 1 82  ? 1.470   7.761   10.694  1.00 50.18 ? 793 VAL A C     1 
ATOM 632  O O     . VAL A 1 82  ? 1.652   7.887   9.483   1.00 45.97 ? 793 VAL A O     1 
ATOM 633  C CB    . VAL A 1 82  ? 3.299   8.369   12.331  1.00 56.38 ? 793 VAL A CB    1 
ATOM 634  C CG1   . VAL A 1 82  ? 4.321   7.982   11.272  1.00 53.13 ? 793 VAL A CG1   1 
ATOM 635  C CG2   . VAL A 1 82  ? 3.839   9.476   13.221  1.00 60.35 ? 793 VAL A CG2   1 
ATOM 636  N N     . TRP A 1 83  ? 0.812   6.722   11.214  1.00 50.43 ? 794 TRP A N     1 
ATOM 637  C CA    . TRP A 1 83  ? 0.162   5.738   10.353  1.00 44.24 ? 794 TRP A CA    1 
ATOM 638  C C     . TRP A 1 83  ? -0.896  6.401   9.476   1.00 45.02 ? 794 TRP A C     1 
ATOM 639  O O     . TRP A 1 83  ? -0.782  6.412   8.244   1.00 43.24 ? 794 TRP A O     1 
ATOM 640  C CB    . TRP A 1 83  ? -0.444  4.627   11.215  1.00 40.82 ? 794 TRP A CB    1 
ATOM 641  C CG    . TRP A 1 83  ? -1.400  3.719   10.507  1.00 37.91 ? 794 TRP A CG    1 
ATOM 642  C CD1   . TRP A 1 83  ? -2.759  3.770   10.559  1.00 38.55 ? 794 TRP A CD1   1 
ATOM 643  C CD2   . TRP A 1 83  ? -1.072  2.612   9.657   1.00 37.20 ? 794 TRP A CD2   1 
ATOM 644  N NE1   . TRP A 1 83  ? -3.301  2.767   9.793   1.00 35.31 ? 794 TRP A NE1   1 
ATOM 645  C CE2   . TRP A 1 83  ? -2.286  2.044   9.228   1.00 35.06 ? 794 TRP A CE2   1 
ATOM 646  C CE3   . TRP A 1 83  ? 0.128   2.048   9.216   1.00 37.62 ? 794 TRP A CE3   1 
ATOM 647  C CZ2   . TRP A 1 83  ? -2.335  0.943   8.375   1.00 34.57 ? 794 TRP A CZ2   1 
ATOM 648  C CZ3   . TRP A 1 83  ? 0.076   0.956   8.368   1.00 35.33 ? 794 TRP A CZ3   1 
ATOM 649  C CH2   . TRP A 1 83  ? -1.147  0.414   7.959   1.00 33.23 ? 794 TRP A CH2   1 
ATOM 650  N N     . HIS A 1 84  ? -1.903  7.019   10.106  1.00 47.72 ? 795 HIS A N     1 
ATOM 651  C CA    . HIS A 1 84  ? -3.014  7.643   9.393   1.00 47.46 ? 795 HIS A CA    1 
ATOM 652  C C     . HIS A 1 84  ? -2.569  8.732   8.428   1.00 46.12 ? 795 HIS A C     1 
ATOM 653  O O     . HIS A 1 84  ? -3.324  9.084   7.516   1.00 45.44 ? 795 HIS A O     1 
ATOM 654  C CB    . HIS A 1 84  ? -4.009  8.226   10.407  1.00 54.85 ? 795 HIS A CB    1 
ATOM 655  C CG    . HIS A 1 84  ? -5.352  8.564   9.831   1.00 63.77 ? 795 HIS A CG    1 
ATOM 656  N ND1   . HIS A 1 84  ? -6.196  7.611   9.298   1.00 63.86 ? 795 HIS A ND1   1 
ATOM 657  C CD2   . HIS A 1 84  ? -6.003  9.748   9.723   1.00 59.30 ? 795 HIS A CD2   1 
ATOM 658  C CE1   . HIS A 1 84  ? -7.303  8.196   8.875   1.00 59.57 ? 795 HIS A CE1   1 
ATOM 659  N NE2   . HIS A 1 84  ? -7.212  9.491   9.123   1.00 62.15 ? 795 HIS A NE2   1 
ATOM 660  N N     . TYR A 1 85  ? -1.367  9.278   8.594   1.00 47.87 ? 796 TYR A N     1 
ATOM 661  C CA    . TYR A 1 85  ? -0.944  10.414  7.791   1.00 48.64 ? 796 TYR A CA    1 
ATOM 662  C C     . TYR A 1 85  ? 0.167   10.102  6.798   1.00 43.84 ? 796 TYR A C     1 
ATOM 663  O O     . TYR A 1 85  ? 0.388   10.897  5.878   1.00 40.64 ? 796 TYR A O     1 
ATOM 664  C CB    . TYR A 1 85  ? -0.514  11.572  8.704   1.00 51.92 ? 796 TYR A CB    1 
ATOM 665  C CG    . TYR A 1 85  ? -1.682  12.413  9.167   1.00 54.20 ? 796 TYR A CG    1 
ATOM 666  C CD1   . TYR A 1 85  ? -1.681  13.789  8.989   1.00 57.22 ? 796 TYR A CD1   1 
ATOM 667  C CD2   . TYR A 1 85  ? -2.801  11.825  9.749   1.00 55.70 ? 796 TYR A CD2   1 
ATOM 668  C CE1   . TYR A 1 85  ? -2.754  14.563  9.396   1.00 65.35 ? 796 TYR A CE1   1 
ATOM 669  C CE2   . TYR A 1 85  ? -3.883  12.588  10.156  1.00 61.25 ? 796 TYR A CE2   1 
ATOM 670  C CZ    . TYR A 1 85  ? -3.854  13.957  9.977   1.00 67.08 ? 796 TYR A CZ    1 
ATOM 671  O OH    . TYR A 1 85  ? -4.925  14.724  10.382  1.00 63.14 ? 796 TYR A OH    1 
ATOM 672  N N     . GLU A 1 86  ? 0.859   8.978   6.938   1.00 44.11 ? 797 GLU A N     1 
ATOM 673  C CA    . GLU A 1 86  ? 1.892   8.608   5.984   1.00 40.69 ? 797 GLU A CA    1 
ATOM 674  C C     . GLU A 1 86  ? 1.626   7.280   5.299   1.00 37.35 ? 797 GLU A C     1 
ATOM 675  O O     . GLU A 1 86  ? 1.865   7.161   4.096   1.00 36.56 ? 797 GLU A O     1 
ATOM 676  C CB    . GLU A 1 86  ? 3.263   8.554   6.679   1.00 41.95 ? 797 GLU A CB    1 
ATOM 677  C CG    . GLU A 1 86  ? 3.607   9.802   7.488   1.00 45.39 ? 797 GLU A CG    1 
ATOM 678  C CD    . GLU A 1 86  ? 5.066   9.844   7.912   1.00 46.04 ? 797 GLU A CD    1 
ATOM 679  O OE1   . GLU A 1 86  ? 5.899   9.244   7.208   1.00 45.15 ? 797 GLU A OE1   1 
ATOM 680  O OE2   . GLU A 1 86  ? 5.381   10.476  8.945   1.00 46.08 ? 797 GLU A OE2   1 
ATOM 681  N N     . CYS A 1 87  ? 1.124   6.277   6.020   1.00 37.41 ? 798 CYS A N     1 
ATOM 682  C CA    . CYS A 1 87  ? 1.005   4.947   5.437   1.00 33.94 ? 798 CYS A CA    1 
ATOM 683  C C     . CYS A 1 87  ? -0.316  4.767   4.692   1.00 34.02 ? 798 CYS A C     1 
ATOM 684  O O     . CYS A 1 87  ? -0.315  4.437   3.502   1.00 34.70 ? 798 CYS A O     1 
ATOM 685  C CB    . CYS A 1 87  ? 1.169   3.895   6.530   1.00 33.18 ? 798 CYS A CB    1 
ATOM 686  S SG    . CYS A 1 87  ? 2.606   4.219   7.548   1.00 31.22 ? 798 CYS A SG    1 
ATOM 687  N N     . ILE A 1 88  ? -1.442  4.997   5.363   1.00 32.84 ? 799 ILE A N     1 
ATOM 688  C CA    . ILE A 1 88  ? -2.736  4.816   4.703   1.00 33.40 ? 799 ILE A CA    1 
ATOM 689  C C     . ILE A 1 88  ? -2.904  5.756   3.507   1.00 33.96 ? 799 ILE A C     1 
ATOM 690  O O     . ILE A 1 88  ? -3.552  5.352   2.529   1.00 31.70 ? 799 ILE A O     1 
ATOM 691  C CB    . ILE A 1 88  ? -3.910  4.932   5.697   1.00 33.36 ? 799 ILE A CB    1 
ATOM 692  C CG1   . ILE A 1 88  ? -4.032  6.320   6.318   1.00 40.29 ? 799 ILE A CG1   1 
ATOM 693  C CG2   . ILE A 1 88  ? -3.779  3.893   6.785   1.00 32.26 ? 799 ILE A CG2   1 
ATOM 694  C CD1   . ILE A 1 88  ? -5.059  7.225   5.643   1.00 44.08 ? 799 ILE A CD1   1 
ATOM 695  N N     . PRO A 1 89  ? -2.345  6.979   3.482   1.00 35.56 ? 800 PRO A N     1 
ATOM 696  C CA    . PRO A 1 89  ? -2.392  7.723   2.213   1.00 32.81 ? 800 PRO A CA    1 
ATOM 697  C C     . PRO A 1 89  ? -1.565  7.061   1.128   1.00 34.36 ? 800 PRO A C     1 
ATOM 698  O O     . PRO A 1 89  ? -2.011  6.986   -0.025  1.00 35.70 ? 800 PRO A O     1 
ATOM 699  C CB    . PRO A 1 89  ? -1.844  9.105   2.592   1.00 34.65 ? 800 PRO A CB    1 
ATOM 700  C CG    . PRO A 1 89  ? -1.986  9.184   4.070   1.00 35.18 ? 800 PRO A CG    1 
ATOM 701  C CD    . PRO A 1 89  ? -1.713  7.808   4.530   1.00 36.14 ? 800 PRO A CD    1 
ATOM 702  N N     . SER A 1 90  ? -0.375  6.550   1.476   1.00 32.22 ? 801 SER A N     1 
ATOM 703  C CA    . SER A 1 90  ? 0.433   5.812   0.510   1.00 30.27 ? 801 SER A CA    1 
ATOM 704  C C     . SER A 1 90  ? -0.234  4.499   0.113   1.00 30.60 ? 801 SER A C     1 
ATOM 705  O O     . SER A 1 90  ? -0.162  4.088   -1.050  1.00 31.34 ? 801 SER A O     1 
ATOM 706  C CB    . SER A 1 90  ? 1.824   5.559   1.081   1.00 26.70 ? 801 SER A CB    1 
ATOM 707  O OG    . SER A 1 90  ? 2.581   6.755   1.090   1.00 27.95 ? 801 SER A OG    1 
ATOM 708  N N     . ILE A 1 91  ? -0.905  3.841   1.058   1.00 30.41 ? 802 ILE A N     1 
ATOM 709  C CA    . ILE A 1 91  ? -1.630  2.611   0.743   1.00 29.40 ? 802 ILE A CA    1 
ATOM 710  C C     . ILE A 1 91  ? -2.732  2.890   -0.272  1.00 30.69 ? 802 ILE A C     1 
ATOM 711  O O     . ILE A 1 91  ? -2.852  2.199   -1.294  1.00 31.54 ? 802 ILE A O     1 
ATOM 712  C CB    . ILE A 1 91  ? -2.188  1.978   2.032   1.00 28.61 ? 802 ILE A CB    1 
ATOM 713  C CG1   . ILE A 1 91  ? -1.072  1.279   2.815   1.00 27.50 ? 802 ILE A CG1   1 
ATOM 714  C CG2   . ILE A 1 91  ? -3.325  1.021   1.716   1.00 28.25 ? 802 ILE A CG2   1 
ATOM 715  C CD1   . ILE A 1 91  ? -1.500  0.751   4.164   1.00 26.54 ? 802 ILE A CD1   1 
ATOM 716  N N     . ASP A 1 92  ? -3.554  3.907   -0.002  1.00 32.52 ? 803 ASP A N     1 
ATOM 717  C CA    . ASP A 1 92  ? -4.645  4.239   -0.912  1.00 33.16 ? 803 ASP A CA    1 
ATOM 718  C C     . ASP A 1 92  ? -4.118  4.658   -2.278  1.00 32.53 ? 803 ASP A C     1 
ATOM 719  O O     . ASP A 1 92  ? -4.664  4.248   -3.312  1.00 34.95 ? 803 ASP A O     1 
ATOM 720  C CB    . ASP A 1 92  ? -5.518  5.344   -0.309  1.00 37.68 ? 803 ASP A CB    1 
ATOM 721  C CG    . ASP A 1 92  ? -6.300  4.880   0.911   1.00 37.33 ? 803 ASP A CG    1 
ATOM 722  O OD1   . ASP A 1 92  ? -6.280  3.666   1.216   1.00 35.53 ? 803 ASP A OD1   1 
ATOM 723  O OD2   . ASP A 1 92  ? -6.937  5.735   1.564   1.00 38.61 ? 803 ASP A OD2   1 
ATOM 724  N N     . GLU A 1 93  ? -3.059  5.475   -2.307  1.00 31.93 ? 804 GLU A N     1 
ATOM 725  C CA    . GLU A 1 93  ? -2.478  5.881   -3.581  1.00 31.60 ? 804 GLU A CA    1 
ATOM 726  C C     . GLU A 1 93  ? -2.007  4.666   -4.370  1.00 32.68 ? 804 GLU A C     1 
ATOM 727  O O     . GLU A 1 93  ? -2.257  4.561   -5.576  1.00 33.29 ? 804 GLU A O     1 
ATOM 728  C CB    . GLU A 1 93  ? -1.325  6.860   -3.345  1.00 30.02 ? 804 GLU A CB    1 
ATOM 729  C CG    . GLU A 1 93  ? -0.789  7.517   -4.612  1.00 32.96 ? 804 GLU A CG    1 
ATOM 730  C CD    . GLU A 1 93  ? 0.179   6.634   -5.385  1.00 33.23 ? 804 GLU A CD    1 
ATOM 731  O OE1   . GLU A 1 93  ? 0.751   5.707   -4.775  1.00 33.46 ? 804 GLU A OE1   1 
ATOM 732  O OE2   . GLU A 1 93  ? 0.366   6.865   -6.601  1.00 32.25 ? 804 GLU A OE2   1 
ATOM 733  N N     . ARG A 1 94  ? -1.321  3.735   -3.699  1.00 34.45 ? 805 ARG A N     1 
ATOM 734  C CA    . ARG A 1 94  ? -0.859  2.518   -4.360  1.00 32.07 ? 805 ARG A CA    1 
ATOM 735  C C     . ARG A 1 94  ? -2.029  1.748   -4.959  1.00 31.69 ? 805 ARG A C     1 
ATOM 736  O O     . ARG A 1 94  ? -1.982  1.334   -6.123  1.00 34.09 ? 805 ARG A O     1 
ATOM 737  C CB    . ARG A 1 94  ? -0.082  1.650   -3.362  1.00 29.22 ? 805 ARG A CB    1 
ATOM 738  C CG    . ARG A 1 94  ? 0.590   0.434   -3.969  1.00 27.48 ? 805 ARG A CG    1 
ATOM 739  C CD    . ARG A 1 94  ? 1.605   0.836   -5.022  1.00 28.61 ? 805 ARG A CD    1 
ATOM 740  N NE    . ARG A 1 94  ? 1.937   -0.275  -5.904  1.00 26.38 ? 805 ARG A NE    1 
ATOM 741  C CZ    . ARG A 1 94  ? 1.219   -0.616  -6.968  1.00 27.77 ? 805 ARG A CZ    1 
ATOM 742  N NH1   . ARG A 1 94  ? 0.130   0.067   -7.291  1.00 28.26 ? 805 ARG A NH1   1 
ATOM 743  N NH2   . ARG A 1 94  ? 1.588   -1.644  -7.713  1.00 32.94 ? 805 ARG A NH2   1 
ATOM 744  N N     . CYS A 1 95  ? -3.100  1.566   -4.183  1.00 31.86 ? 806 CYS A N     1 
ATOM 745  C CA    . CYS A 1 95  ? -4.256  0.827   -4.692  1.00 33.65 ? 806 CYS A CA    1 
ATOM 746  C C     . CYS A 1 95  ? -4.913  1.530   -5.872  1.00 38.14 ? 806 CYS A C     1 
ATOM 747  O O     . CYS A 1 95  ? -5.451  0.866   -6.765  1.00 40.07 ? 806 CYS A O     1 
ATOM 748  C CB    . CYS A 1 95  ? -5.288  0.618   -3.588  1.00 32.20 ? 806 CYS A CB    1 
ATOM 749  S SG    . CYS A 1 95  ? -4.805  -0.578  -2.343  1.00 30.30 ? 806 CYS A SG    1 
ATOM 750  N N     . ARG A 1 96  ? -4.880  2.863   -5.903  1.00 38.68 ? 807 ARG A N     1 
ATOM 751  C CA    . ARG A 1 96  ? -5.642  3.609   -6.895  1.00 38.44 ? 807 ARG A CA    1 
ATOM 752  C C     . ARG A 1 96  ? -4.820  4.107   -8.079  1.00 40.03 ? 807 ARG A C     1 
ATOM 753  O O     . ARG A 1 96  ? -5.414  4.534   -9.074  1.00 45.47 ? 807 ARG A O     1 
ATOM 754  C CB    . ARG A 1 96  ? -6.318  4.820   -6.248  1.00 36.94 ? 807 ARG A CB    1 
ATOM 755  C CG    . ARG A 1 96  ? -5.340  5.939   -5.962  1.00 34.61 ? 807 ARG A CG    1 
ATOM 756  C CD    . ARG A 1 96  ? -6.019  7.282   -5.898  1.00 34.39 ? 807 ARG A CD    1 
ATOM 757  N NE    . ARG A 1 96  ? -5.119  8.292   -5.360  1.00 34.22 ? 807 ARG A NE    1 
ATOM 758  C CZ    . ARG A 1 96  ? -5.068  8.634   -4.079  1.00 33.43 ? 807 ARG A CZ    1 
ATOM 759  N NH1   . ARG A 1 96  ? -5.875  8.048   -3.210  1.00 34.20 ? 807 ARG A NH1   1 
ATOM 760  N NH2   . ARG A 1 96  ? -4.217  9.562   -3.670  1.00 34.57 ? 807 ARG A NH2   1 
ATOM 761  N N     . ARG A 1 97  ? -3.491  4.089   -8.007  1.00 38.34 ? 808 ARG A N     1 
ATOM 762  C CA    . ARG A 1 97  ? -2.722  4.798   -9.023  1.00 40.97 ? 808 ARG A CA    1 
ATOM 763  C C     . ARG A 1 97  ? -2.853  4.091   -10.371 1.00 41.48 ? 808 ARG A C     1 
ATOM 764  O O     . ARG A 1 97  ? -2.888  2.859   -10.425 1.00 41.39 ? 808 ARG A O     1 
ATOM 765  C CB    . ARG A 1 97  ? -1.250  4.936   -8.626  1.00 39.92 ? 808 ARG A CB    1 
ATOM 766  C CG    . ARG A 1 97  ? -0.337  3.768   -8.943  1.00 36.79 ? 808 ARG A CG    1 
ATOM 767  C CD    . ARG A 1 97  ? 1.105   4.269   -9.079  1.00 38.03 ? 808 ARG A CD    1 
ATOM 768  N NE    . ARG A 1 97  ? 2.091   3.318   -8.567  1.00 33.48 ? 808 ARG A NE    1 
ATOM 769  C CZ    . ARG A 1 97  ? 2.645   3.396   -7.364  1.00 27.70 ? 808 ARG A CZ    1 
ATOM 770  N NH1   . ARG A 1 97  ? 2.314   4.385   -6.551  1.00 28.86 ? 808 ARG A NH1   1 
ATOM 771  N NH2   . ARG A 1 97  ? 3.529   2.489   -6.975  1.00 24.92 ? 808 ARG A NH2   1 
ATOM 772  N N     . PRO A 1 98  ? -2.957  4.845   -11.462 1.00 44.57 ? 809 PRO A N     1 
ATOM 773  C CA    . PRO A 1 98  ? -3.247  4.232   -12.761 1.00 48.88 ? 809 PRO A CA    1 
ATOM 774  C C     . PRO A 1 98  ? -2.004  3.619   -13.386 1.00 53.77 ? 809 PRO A C     1 
ATOM 775  O O     . PRO A 1 98  ? -0.866  3.917   -13.011 1.00 54.90 ? 809 PRO A O     1 
ATOM 776  C CB    . PRO A 1 98  ? -3.750  5.415   -13.593 1.00 49.07 ? 809 PRO A CB    1 
ATOM 777  C CG    . PRO A 1 98  ? -2.990  6.582   -13.039 1.00 41.38 ? 809 PRO A CG    1 
ATOM 778  C CD    . PRO A 1 98  ? -2.809  6.309   -11.564 1.00 42.26 ? 809 PRO A CD    1 
ATOM 779  N N     . ASN A 1 99  ? -2.246  2.742   -14.361 1.00 52.20 ? 810 ASN A N     1 
ATOM 780  C CA    . ASN A 1 99  ? -1.138  2.157   -15.106 1.00 53.60 ? 810 ASN A CA    1 
ATOM 781  C C     . ASN A 1 99  ? -0.429  3.222   -15.933 1.00 54.47 ? 810 ASN A C     1 
ATOM 782  O O     . ASN A 1 99  ? 0.745   3.533   -15.697 1.00 56.59 ? 810 ASN A O     1 
ATOM 783  C CB    . ASN A 1 99  ? -1.644  1.011   -15.985 1.00 53.83 ? 810 ASN A CB    1 
ATOM 784  C CG    . ASN A 1 99  ? -2.266  -0.113  -15.172 1.00 57.47 ? 810 ASN A CG    1 
ATOM 785  O OD1   . ASN A 1 99  ? -1.589  -0.770  -14.380 1.00 54.70 ? 810 ASN A OD1   1 
ATOM 786  N ND2   . ASN A 1 99  ? -3.562  -0.340  -15.365 1.00 57.32 ? 810 ASN A ND2   1 
ATOM 787  N N     . ARG A 1 100 ? -1.136  3.814   -16.889 1.00 56.53 ? 811 ARG A N     1 
ATOM 788  C CA    . ARG A 1 100 ? -0.594  4.896   -17.698 1.00 57.57 ? 811 ARG A CA    1 
ATOM 789  C C     . ARG A 1 100 ? -0.975  6.232   -17.075 1.00 51.75 ? 811 ARG A C     1 
ATOM 790  O O     . ARG A 1 100 ? -2.145  6.453   -16.748 1.00 52.47 ? 811 ARG A O     1 
ATOM 791  C CB    . ARG A 1 100 ? -1.126  4.820   -19.132 1.00 60.83 ? 811 ARG A CB    1 
ATOM 792  C CG    . ARG A 1 100 ? -0.997  3.458   -19.797 1.00 61.23 ? 811 ARG A CG    1 
ATOM 793  C CD    . ARG A 1 100 ? -1.710  3.433   -21.140 1.00 62.23 ? 811 ARG A CD    1 
ATOM 794  N NE    . ARG A 1 100 ? -1.404  2.223   -21.900 1.00 76.03 ? 811 ARG A NE    1 
ATOM 795  C CZ    . ARG A 1 100 ? -1.879  1.958   -23.115 1.00 83.72 ? 811 ARG A CZ    1 
ATOM 796  N NH1   . ARG A 1 100 ? -2.690  2.820   -23.712 1.00 83.42 ? 811 ARG A NH1   1 
ATOM 797  N NH2   . ARG A 1 100 ? -1.545  0.831   -23.734 1.00 79.49 ? 811 ARG A NH2   1 
ATOM 798  N N     . LYS A 1 101 ? 0.007   7.115   -16.909 1.00 50.10 ? 812 LYS A N     1 
ATOM 799  C CA    . LYS A 1 101 ? -0.307  8.473   -16.488 1.00 52.56 ? 812 LYS A CA    1 
ATOM 800  C C     . LYS A 1 101 ? -1.260  9.114   -17.492 1.00 56.98 ? 812 LYS A C     1 
ATOM 801  O O     . LYS A 1 101 ? -1.330  8.716   -18.656 1.00 62.83 ? 812 LYS A O     1 
ATOM 802  C CB    . LYS A 1 101 ? 0.966   9.313   -16.349 1.00 49.94 ? 812 LYS A CB    1 
ATOM 803  C CG    . LYS A 1 101 ? 1.818   8.964   -15.141 1.00 46.64 ? 812 LYS A CG    1 
ATOM 804  C CD    . LYS A 1 101 ? 2.690   10.134  -14.696 1.00 42.00 ? 812 LYS A CD    1 
ATOM 805  C CE    . LYS A 1 101 ? 3.794   10.421  -15.701 1.00 47.31 ? 812 LYS A CE    1 
ATOM 806  N NZ    . LYS A 1 101 ? 4.663   11.554  -15.281 1.00 44.95 ? 812 LYS A NZ    1 
ATOM 807  N N     . LYS A 1 102 ? -2.022  10.105  -17.030 1.00 55.10 ? 813 LYS A N     1 
ATOM 808  C CA    . LYS A 1 102 ? -2.962  10.760  -17.934 1.00 58.73 ? 813 LYS A CA    1 
ATOM 809  C C     . LYS A 1 102 ? -2.220  11.492  -19.046 1.00 59.59 ? 813 LYS A C     1 
ATOM 810  O O     . LYS A 1 102 ? -2.492  11.280  -20.237 1.00 59.55 ? 813 LYS A O     1 
ATOM 811  C CB    . LYS A 1 102 ? -3.863  11.721  -17.162 1.00 57.10 ? 813 LYS A CB    1 
ATOM 812  C CG    . LYS A 1 102 ? -5.065  12.205  -17.967 1.00 51.57 ? 813 LYS A CG    1 
ATOM 813  C CD    . LYS A 1 102 ? -5.802  13.308  -17.237 1.00 47.59 ? 813 LYS A CD    1 
ATOM 814  C CE    . LYS A 1 102 ? -7.043  13.733  -17.992 1.00 43.48 ? 813 LYS A CE    1 
ATOM 815  N NZ    . LYS A 1 102 ? -7.643  14.965  -17.408 1.00 39.39 ? 813 LYS A NZ    1 
ATOM 816  N N     . CYS A 1 103 ? -1.266  12.351  -18.673 1.00 58.06 ? 814 CYS A N     1 
ATOM 817  C CA    . CYS A 1 103 ? -0.536  13.114  -19.678 1.00 60.21 ? 814 CYS A CA    1 
ATOM 818  C C     . CYS A 1 103 ? 0.282   12.205  -20.587 1.00 59.68 ? 814 CYS A C     1 
ATOM 819  O O     . CYS A 1 103 ? 0.495   12.535  -21.757 1.00 62.02 ? 814 CYS A O     1 
ATOM 820  C CB    . CYS A 1 103 ? 0.355   14.164  -19.006 1.00 59.17 ? 814 CYS A CB    1 
ATOM 821  S SG    . CYS A 1 103 ? 1.639   13.522  -17.905 1.00 50.72 ? 814 CYS A SG    1 
ATOM 822  N N     . ASP A 1 104 ? 0.723   11.049  -20.085 1.00 54.03 ? 815 ASP A N     1 
ATOM 823  C CA    . ASP A 1 104 ? 1.398   10.092  -20.957 1.00 56.76 ? 815 ASP A CA    1 
ATOM 824  C C     . ASP A 1 104 ? 0.440   9.531   -22.006 1.00 61.64 ? 815 ASP A C     1 
ATOM 825  O O     . ASP A 1 104 ? 0.831   9.311   -23.161 1.00 64.71 ? 815 ASP A O     1 
ATOM 826  C CB    . ASP A 1 104 ? 2.011   8.962   -20.126 1.00 57.85 ? 815 ASP A CB    1 
ATOM 827  C CG    . ASP A 1 104 ? 3.077   9.451   -19.153 1.00 53.16 ? 815 ASP A CG    1 
ATOM 828  O OD1   . ASP A 1 104 ? 3.442   10.645  -19.206 1.00 51.04 ? 815 ASP A OD1   1 
ATOM 829  O OD2   . ASP A 1 104 ? 3.548   8.634   -18.329 1.00 47.83 ? 815 ASP A OD2   1 
ATOM 830  N N     . ILE A 1 105 ? -0.821  9.303   -21.625 1.00 62.49 ? 816 ILE A N     1 
ATOM 831  C CA    . ILE A 1 105 ? -1.820  8.815   -22.575 1.00 65.57 ? 816 ILE A CA    1 
ATOM 832  C C     . ILE A 1 105 ? -2.136  9.885   -23.611 1.00 65.94 ? 816 ILE A C     1 
ATOM 833  O O     . ILE A 1 105 ? -2.339  9.588   -24.797 1.00 63.80 ? 816 ILE A O     1 
ATOM 834  C CB    . ILE A 1 105 ? -3.085  8.351   -21.826 1.00 66.24 ? 816 ILE A CB    1 
ATOM 835  C CG1   . ILE A 1 105 ? -2.947  6.882   -21.415 1.00 65.07 ? 816 ILE A CG1   1 
ATOM 836  C CG2   . ILE A 1 105 ? -4.343  8.569   -22.671 1.00 67.68 ? 816 ILE A CG2   1 
ATOM 837  C CD1   . ILE A 1 105 ? -4.147  6.331   -20.684 1.00 64.79 ? 816 ILE A CD1   1 
ATOM 838  N N     . LEU A 1 106 ? -2.174  11.150  -23.187 1.00 66.56 ? 817 LEU A N     1 
ATOM 839  C CA    . LEU A 1 106 ? -2.360  12.226  -24.157 1.00 68.51 ? 817 LEU A CA    1 
ATOM 840  C C     . LEU A 1 106 ? -1.147  12.379  -25.074 1.00 68.67 ? 817 LEU A C     1 
ATOM 841  O O     . LEU A 1 106 ? -1.302  12.742  -26.247 1.00 68.57 ? 817 LEU A O     1 
ATOM 842  C CB    . LEU A 1 106 ? -2.654  13.540  -23.435 1.00 64.48 ? 817 LEU A CB    1 
ATOM 843  C CG    . LEU A 1 106 ? -3.888  13.545  -22.532 1.00 58.34 ? 817 LEU A CG    1 
ATOM 844  C CD1   . LEU A 1 106 ? -4.085  14.919  -21.936 1.00 58.58 ? 817 LEU A CD1   1 
ATOM 845  C CD2   . LEU A 1 106 ? -5.125  13.114  -23.296 1.00 59.22 ? 817 LEU A CD2   1 
ATOM 846  N N     . LYS A 1 107 ? 0.058   12.103  -24.564 1.00 66.80 ? 818 LYS A N     1 
ATOM 847  C CA    . LYS A 1 107 ? 1.269   12.246  -25.368 1.00 68.02 ? 818 LYS A CA    1 
ATOM 848  C C     . LYS A 1 107 ? 1.416   11.123  -26.393 1.00 71.01 ? 818 LYS A C     1 
ATOM 849  O O     . LYS A 1 107 ? 1.881   11.375  -27.511 1.00 74.39 ? 818 LYS A O     1 
ATOM 850  C CB    . LYS A 1 107 ? 2.504   12.309  -24.457 1.00 64.13 ? 818 LYS A CB    1 
ATOM 851  C CG    . LYS A 1 107 ? 3.831   12.466  -25.206 1.00 65.40 ? 818 LYS A CG    1 
ATOM 852  C CD    . LYS A 1 107 ? 5.024   12.647  -24.266 1.00 57.27 ? 818 LYS A CD    1 
ATOM 853  C CE    . LYS A 1 107 ? 5.175   14.092  -23.809 1.00 54.18 ? 818 LYS A CE    1 
ATOM 854  N NZ    . LYS A 1 107 ? 6.389   14.293  -22.962 1.00 45.47 ? 818 LYS A NZ    1 
ATOM 855  N N     . LYS A 1 108 ? 1.030   9.889   -26.048 1.00 67.85 ? 819 LYS A N     1 
ATOM 856  C CA    . LYS A 1 108 ? 1.114   8.812   -27.036 1.00 65.51 ? 819 LYS A CA    1 
ATOM 857  C C     . LYS A 1 108 ? 0.069   8.939   -28.144 1.00 68.14 ? 819 LYS A C     1 
ATOM 858  O O     . LYS A 1 108 ? 0.044   8.097   -29.049 1.00 65.92 ? 819 LYS A O     1 
ATOM 859  C CB    . LYS A 1 108 ? 0.986   7.440   -26.360 1.00 61.31 ? 819 LYS A CB    1 
ATOM 860  C CG    . LYS A 1 108 ? 1.576   6.295   -27.188 1.00 58.38 ? 819 LYS A CG    1 
ATOM 861  C CD    . LYS A 1 108 ? 1.512   4.944   -26.491 1.00 60.07 ? 819 LYS A CD    1 
ATOM 862  C CE    . LYS A 1 108 ? 2.346   3.909   -27.248 1.00 55.14 ? 819 LYS A CE    1 
ATOM 863  N NZ    . LYS A 1 108 ? 2.456   2.590   -26.557 1.00 50.34 ? 819 LYS A NZ    1 
ATOM 864  N N     . ALA A 1 109 ? -0.781  9.971   -28.107 1.00 71.79 ? 820 ALA A N     1 
ATOM 865  C CA    . ALA A 1 109 ? -1.765  10.166  -29.167 1.00 75.62 ? 820 ALA A CA    1 
ATOM 866  C C     . ALA A 1 109 ? -1.128  10.702  -30.444 1.00 75.21 ? 820 ALA A C     1 
ATOM 867  O O     . ALA A 1 109 ? -1.638  10.454  -31.542 1.00 74.74 ? 820 ALA A O     1 
ATOM 868  C CB    . ALA A 1 109 ? -2.864  11.118  -28.695 1.00 73.86 ? 820 ALA A CB    1 
ATOM 869  N N     . LYS A 1 110 ? -0.024  11.428  -30.319 1.00 75.43 ? 821 LYS A N     1 
ATOM 870  C CA    . LYS A 1 110 ? 0.623   12.053  -31.464 1.00 77.45 ? 821 LYS A CA    1 
ATOM 871  C C     . LYS A 1 110 ? 1.646   11.118  -32.105 1.00 76.75 ? 821 LYS A C     1 
ATOM 872  O O     . LYS A 1 110 ? 2.854   11.332  -31.997 1.00 79.80 ? 821 LYS A O     1 
ATOM 873  C CB    . LYS A 1 110 ? 1.281   13.362  -31.028 1.00 80.28 ? 821 LYS A CB    1 
ATOM 874  C CG    . LYS A 1 110 ? 0.317   14.294  -30.309 1.00 83.12 ? 821 LYS A CG    1 
ATOM 875  C CD    . LYS A 1 110 ? 1.041   15.349  -29.496 1.00 86.38 ? 821 LYS A CD    1 
ATOM 876  C CE    . LYS A 1 110 ? 0.049   16.224  -28.748 1.00 83.03 ? 821 LYS A CE    1 
ATOM 877  N NZ    . LYS A 1 110 ? 0.732   17.174  -27.830 1.00 83.14 ? 821 LYS A NZ    1 
ATOM 878  O "O5'" . DG  B 2 1   ? 7.714   3.916   -22.177 1.00 45.05 ? 3   DG  B "O5'" 1 
ATOM 879  C "C5'" . DG  B 2 1   ? 7.061   2.670   -21.960 1.00 45.91 ? 3   DG  B "C5'" 1 
ATOM 880  C "C4'" . DG  B 2 1   ? 7.516   2.027   -20.658 1.00 47.78 ? 3   DG  B "C4'" 1 
ATOM 881  O "O4'" . DG  B 2 1   ? 8.672   2.730   -20.134 1.00 49.54 ? 3   DG  B "O4'" 1 
ATOM 882  C "C3'" . DG  B 2 1   ? 6.484   2.032   -19.536 1.00 44.92 ? 3   DG  B "C3'" 1 
ATOM 883  O "O3'" . DG  B 2 1   ? 6.609   0.845   -18.788 1.00 44.45 ? 3   DG  B "O3'" 1 
ATOM 884  C "C2'" . DG  B 2 1   ? 6.879   3.255   -18.713 1.00 42.31 ? 3   DG  B "C2'" 1 
ATOM 885  C "C1'" . DG  B 2 1   ? 8.393   3.209   -18.829 1.00 48.89 ? 3   DG  B "C1'" 1 
ATOM 886  N N9    . DG  B 2 1   ? 9.051   4.513   -18.650 1.00 54.31 ? 3   DG  B N9    1 
ATOM 887  C C8    . DG  B 2 1   ? 8.900   5.637   -19.433 1.00 52.68 ? 3   DG  B C8    1 
ATOM 888  N N7    . DG  B 2 1   ? 9.625   6.651   -19.036 1.00 49.75 ? 3   DG  B N7    1 
ATOM 889  C C5    . DG  B 2 1   ? 10.300  6.174   -17.922 1.00 48.82 ? 3   DG  B C5    1 
ATOM 890  C C6    . DG  B 2 1   ? 11.222  6.823   -17.073 1.00 48.76 ? 3   DG  B C6    1 
ATOM 891  O O6    . DG  B 2 1   ? 11.640  7.988   -17.144 1.00 51.02 ? 3   DG  B O6    1 
ATOM 892  N N1    . DG  B 2 1   ? 11.671  5.978   -16.055 1.00 46.96 ? 3   DG  B N1    1 
ATOM 893  C C2    . DG  B 2 1   ? 11.277  4.672   -15.885 1.00 46.20 ? 3   DG  B C2    1 
ATOM 894  N N2    . DG  B 2 1   ? 11.811  4.010   -14.849 1.00 46.19 ? 3   DG  B N2    1 
ATOM 895  N N3    . DG  B 2 1   ? 10.411  4.053   -16.673 1.00 49.48 ? 3   DG  B N3    1 
ATOM 896  C C4    . DG  B 2 1   ? 9.965   4.860   -17.669 1.00 51.44 ? 3   DG  B C4    1 
ATOM 897  P P     . DC  B 2 2   ? 5.457   0.416   -17.757 1.00 46.16 ? 4   DC  B P     1 
ATOM 898  O OP1   . DC  B 2 2   ? 5.127   -1.005  -17.999 1.00 40.96 ? 4   DC  B OP1   1 
ATOM 899  O OP2   . DC  B 2 2   ? 4.383   1.434   -17.812 1.00 43.08 ? 4   DC  B OP2   1 
ATOM 900  O "O5'" . DC  B 2 2   ? 6.187   0.533   -16.344 1.00 49.44 ? 4   DC  B "O5'" 1 
ATOM 901  C "C5'" . DC  B 2 2   ? 7.566   0.207   -16.240 1.00 45.99 ? 4   DC  B "C5'" 1 
ATOM 902  C "C4'" . DC  B 2 2   ? 8.011   0.142   -14.787 1.00 44.46 ? 4   DC  B "C4'" 1 
ATOM 903  O "O4'" . DC  B 2 2   ? 8.781   1.324   -14.456 1.00 44.44 ? 4   DC  B "O4'" 1 
ATOM 904  C "C3'" . DC  B 2 2   ? 6.896   0.073   -13.756 1.00 41.65 ? 4   DC  B "C3'" 1 
ATOM 905  O "O3'" . DC  B 2 2   ? 7.341   -0.681  -12.627 1.00 41.94 ? 4   DC  B "O3'" 1 
ATOM 906  C "C2'" . DC  B 2 2   ? 6.667   1.548   -13.412 1.00 43.41 ? 4   DC  B "C2'" 1 
ATOM 907  C "C1'" . DC  B 2 2   ? 8.068   2.140   -13.544 1.00 42.68 ? 4   DC  B "C1'" 1 
ATOM 908  N N1    . DC  B 2 2   ? 8.096   3.528   -14.080 1.00 43.67 ? 4   DC  B N1    1 
ATOM 909  C C2    . DC  B 2 2   ? 8.958   4.476   -13.503 1.00 46.33 ? 4   DC  B C2    1 
ATOM 910  O O2    . DC  B 2 2   ? 9.661   4.143   -12.535 1.00 45.01 ? 4   DC  B O2    1 
ATOM 911  N N3    . DC  B 2 2   ? 8.993   5.735   -14.021 1.00 46.81 ? 4   DC  B N3    1 
ATOM 912  C C4    . DC  B 2 2   ? 8.219   6.046   -15.066 1.00 44.48 ? 4   DC  B C4    1 
ATOM 913  N N4    . DC  B 2 2   ? 8.283   7.295   -15.542 1.00 41.81 ? 4   DC  B N4    1 
ATOM 914  C C5    . DC  B 2 2   ? 7.344   5.090   -15.667 1.00 44.45 ? 4   DC  B C5    1 
ATOM 915  C C6    . DC  B 2 2   ? 7.320   3.855   -15.152 1.00 42.83 ? 4   DC  B C6    1 
ATOM 916  P P     . DC  B 2 3   ? 6.349   -1.007  -11.402 1.00 44.01 ? 5   DC  B P     1 
ATOM 917  O OP1   . DC  B 2 3   ? 6.721   -2.328  -10.845 1.00 42.94 ? 5   DC  B OP1   1 
ATOM 918  O OP2   . DC  B 2 3   ? 4.956   -0.749  -11.829 1.00 43.49 ? 5   DC  B OP2   1 
ATOM 919  O "O5'" . DC  B 2 3   ? 6.727   0.095   -10.328 1.00 36.98 ? 5   DC  B "O5'" 1 
ATOM 920  C "C5'" . DC  B 2 3   ? 8.071   0.441   -10.136 1.00 35.30 ? 5   DC  B "C5'" 1 
ATOM 921  C "C4'" . DC  B 2 3   ? 8.160   1.737   -9.375  1.00 38.80 ? 5   DC  B "C4'" 1 
ATOM 922  O "O4'" . DC  B 2 3   ? 8.024   2.852   -10.286 1.00 44.50 ? 5   DC  B "O4'" 1 
ATOM 923  C "C3'" . DC  B 2 3   ? 7.081   1.922   -8.307  1.00 35.75 ? 5   DC  B "C3'" 1 
ATOM 924  O "O3'" . DC  B 2 3   ? 7.710   2.117   -7.061  1.00 30.32 ? 5   DC  B "O3'" 1 
ATOM 925  C "C2'" . DC  B 2 3   ? 6.293   3.167   -8.769  1.00 39.88 ? 5   DC  B "C2'" 1 
ATOM 926  C "C1'" . DC  B 2 3   ? 7.317   3.881   -9.636  1.00 42.91 ? 5   DC  B "C1'" 1 
ATOM 927  N N1    . DC  B 2 3   ? 6.745   4.795   -10.693 1.00 43.49 ? 5   DC  B N1    1 
ATOM 928  C C2    . DC  B 2 3   ? 7.239   6.103   -10.810 1.00 42.19 ? 5   DC  B C2    1 
ATOM 929  O O2    . DC  B 2 3   ? 8.112   6.486   -10.020 1.00 42.14 ? 5   DC  B O2    1 
ATOM 930  N N3    . DC  B 2 3   ? 6.742   6.910   -11.781 1.00 41.70 ? 5   DC  B N3    1 
ATOM 931  C C4    . DC  B 2 3   ? 5.802   6.452   -12.613 1.00 42.59 ? 5   DC  B C4    1 
ATOM 932  N N4    . DC  B 2 3   ? 5.342   7.281   -13.553 1.00 41.20 ? 5   DC  B N4    1 
ATOM 933  C C5    . DC  B 2 3   ? 5.293   5.121   -12.517 1.00 45.20 ? 5   DC  B C5    1 
ATOM 934  C C6    . DC  B 2 3   ? 5.792   4.334   -11.554 1.00 44.01 ? 5   DC  B C6    1 
ATOM 935  P P     . DC  B 2 4   ? 6.854   2.213   -5.710  1.00 28.97 ? 6   DC  B P     1 
ATOM 936  O OP1   . DC  B 2 4   ? 7.609   1.438   -4.699  1.00 32.40 ? 6   DC  B OP1   1 
ATOM 937  O OP2   . DC  B 2 4   ? 5.444   1.861   -6.000  1.00 27.54 ? 6   DC  B OP2   1 
ATOM 938  O "O5'" . DC  B 2 4   ? 6.952   3.767   -5.330  1.00 32.57 ? 6   DC  B "O5'" 1 
ATOM 939  C "C5'" . DC  B 2 4   ? 8.232   4.391   -5.276  1.00 31.86 ? 6   DC  B "C5'" 1 
ATOM 940  C "C4'" . DC  B 2 4   ? 8.127   5.871   -4.947  1.00 30.93 ? 6   DC  B "C4'" 1 
ATOM 941  O "O4'" . DC  B 2 4   ? 7.767   6.619   -6.131  1.00 32.23 ? 6   DC  B "O4'" 1 
ATOM 942  C "C3'" . DC  B 2 4   ? 7.108   6.245   -3.868  1.00 32.00 ? 6   DC  B "C3'" 1 
ATOM 943  O "O3'" . DC  B 2 4   ? 7.754   7.005   -2.860  1.00 31.51 ? 6   DC  B "O3'" 1 
ATOM 944  C "C2'" . DC  B 2 4   ? 6.063   7.075   -4.622  1.00 34.04 ? 6   DC  B "C2'" 1 
ATOM 945  C "C1'" . DC  B 2 4   ? 6.868   7.643   -5.778  1.00 34.28 ? 6   DC  B "C1'" 1 
ATOM 946  N N1    . DC  B 2 4   ? 6.060   7.948   -6.990  1.00 36.69 ? 6   DC  B N1    1 
ATOM 947  C C2    . DC  B 2 4   ? 6.190   9.192   -7.636  1.00 37.36 ? 6   DC  B C2    1 
ATOM 948  O O2    . DC  B 2 4   ? 6.952   10.042  -7.162  1.00 36.56 ? 6   DC  B O2    1 
ATOM 949  N N3    . DC  B 2 4   ? 5.458   9.425   -8.761  1.00 37.86 ? 6   DC  B N3    1 
ATOM 950  C C4    . DC  B 2 4   ? 4.648   8.473   -9.237  1.00 39.88 ? 6   DC  B C4    1 
ATOM 951  N N4    . DC  B 2 4   ? 3.944   8.736   -10.343 1.00 39.52 ? 6   DC  B N4    1 
ATOM 952  C C5    . DC  B 2 4   ? 4.516   7.207   -8.597  1.00 40.56 ? 6   DC  B C5    1 
ATOM 953  C C6    . DC  B 2 4   ? 5.238   6.988   -7.496  1.00 37.80 ? 6   DC  B C6    1 
ATOM 954  P P     . DC  B 2 5   ? 7.047   7.287   -1.446  1.00 30.38 ? 7   DC  B P     1 
ATOM 955  O OP1   . DC  B 2 5   ? 8.070   7.031   -0.409  1.00 31.75 ? 7   DC  B OP1   1 
ATOM 956  O OP2   . DC  B 2 5   ? 5.726   6.619   -1.388  1.00 29.55 ? 7   DC  B OP2   1 
ATOM 957  O "O5'" . DC  B 2 5   ? 6.759   8.848   -1.486  1.00 33.30 ? 7   DC  B "O5'" 1 
ATOM 958  C "C5'" . DC  B 2 5   ? 7.693   9.725   -2.086  1.00 34.22 ? 7   DC  B "C5'" 1 
ATOM 959  C "C4'" . DC  B 2 5   ? 7.003   11.002  -2.513  1.00 35.06 ? 7   DC  B "C4'" 1 
ATOM 960  O "O4'" . DC  B 2 5   ? 6.338   10.787  -3.787  1.00 33.51 ? 7   DC  B "O4'" 1 
ATOM 961  C "C3'" . DC  B 2 5   ? 5.914   11.480  -1.545  1.00 35.49 ? 7   DC  B "C3'" 1 
ATOM 962  O "O3'" . DC  B 2 5   ? 5.991   12.881  -1.360  1.00 37.03 ? 7   DC  B "O3'" 1 
ATOM 963  C "C2'" . DC  B 2 5   ? 4.632   11.092  -2.263  1.00 35.86 ? 7   DC  B "C2'" 1 
ATOM 964  C "C1'" . DC  B 2 5   ? 5.042   11.313  -3.702  1.00 35.38 ? 7   DC  B "C1'" 1 
ATOM 965  N N1    . DC  B 2 5   ? 4.170   10.621  -4.672  1.00 35.51 ? 7   DC  B N1    1 
ATOM 966  C C2    . DC  B 2 5   ? 3.797   11.272  -5.847  1.00 37.93 ? 7   DC  B C2    1 
ATOM 967  O O2    . DC  B 2 5   ? 4.226   12.413  -6.058  1.00 38.37 ? 7   DC  B O2    1 
ATOM 968  N N3    . DC  B 2 5   ? 2.987   10.632  -6.721  1.00 39.51 ? 7   DC  B N3    1 
ATOM 969  C C4    . DC  B 2 5   ? 2.552   9.399   -6.446  1.00 37.25 ? 7   DC  B C4    1 
ATOM 970  N N4    . DC  B 2 5   ? 1.752   8.798   -7.336  1.00 40.94 ? 7   DC  B N4    1 
ATOM 971  C C5    . DC  B 2 5   ? 2.918   8.728   -5.249  1.00 35.70 ? 7   DC  B C5    1 
ATOM 972  C C6    . DC  B 2 5   ? 3.711   9.374   -4.394  1.00 35.49 ? 7   DC  B C6    1 
ATOM 973  P P     . DA  B 2 6   ? 5.621   13.533  0.061   1.00 42.84 ? 8   DA  B P     1 
ATOM 974  O OP1   . DA  B 2 6   ? 6.865   13.577  0.863   1.00 39.18 ? 8   DA  B OP1   1 
ATOM 975  O OP2   . DA  B 2 6   ? 4.393   12.889  0.585   1.00 41.34 ? 8   DA  B OP2   1 
ATOM 976  O "O5'" . DA  B 2 6   ? 5.237   15.027  -0.309  1.00 43.81 ? 8   DA  B "O5'" 1 
ATOM 977  C "C5'" . DA  B 2 6   ? 6.146   15.807  -1.040  1.00 44.05 ? 8   DA  B "C5'" 1 
ATOM 978  C "C4'" . DA  B 2 6   ? 5.435   16.555  -2.142  1.00 42.40 ? 8   DA  B "C4'" 1 
ATOM 979  O "O4'" . DA  B 2 6   ? 4.777   15.621  -3.035  1.00 41.21 ? 8   DA  B "O4'" 1 
ATOM 980  C "C3'" . DA  B 2 6   ? 4.355   17.512  -1.667  1.00 43.91 ? 8   DA  B "C3'" 1 
ATOM 981  O "O3'" . DA  B 2 6   ? 4.437   18.685  -2.424  1.00 47.70 ? 8   DA  B "O3'" 1 
ATOM 982  C "C2'" . DA  B 2 6   ? 3.058   16.747  -1.943  1.00 45.08 ? 8   DA  B "C2'" 1 
ATOM 983  C "C1'" . DA  B 2 6   ? 3.429   16.002  -3.211  1.00 44.99 ? 8   DA  B "C1'" 1 
ATOM 984  N N9    . DA  B 2 6   ? 2.647   14.788  -3.456  1.00 46.73 ? 8   DA  B N9    1 
ATOM 985  C C8    . DA  B 2 6   ? 2.661   13.644  -2.712  1.00 44.04 ? 8   DA  B C8    1 
ATOM 986  N N7    . DA  B 2 6   ? 1.880   12.694  -3.179  1.00 43.94 ? 8   DA  B N7    1 
ATOM 987  C C5    . DA  B 2 6   ? 1.316   13.252  -4.314  1.00 41.93 ? 8   DA  B C5    1 
ATOM 988  C C6    . DA  B 2 6   ? 0.396   12.755  -5.256  1.00 41.04 ? 8   DA  B C6    1 
ATOM 989  N N6    . DA  B 2 6   ? -0.134  11.527  -5.196  1.00 39.23 ? 8   DA  B N6    1 
ATOM 990  N N1    . DA  B 2 6   ? 0.039   13.570  -6.267  1.00 42.57 ? 8   DA  B N1    1 
ATOM 991  C C2    . DA  B 2 6   ? 0.572   14.800  -6.325  1.00 41.90 ? 8   DA  B C2    1 
ATOM 992  N N3    . DA  B 2 6   ? 1.444   15.378  -5.500  1.00 38.54 ? 8   DA  B N3    1 
ATOM 993  C C4    . DA  B 2 6   ? 1.780   14.544  -4.505  1.00 41.96 ? 8   DA  B C4    1 
ATOM 994  P P     . DC  B 2 7   ? 3.860   20.059  -1.842  1.00 57.22 ? 9   DC  B P     1 
ATOM 995  O OP1   . DC  B 2 7   ? 4.685   21.144  -2.437  1.00 46.19 ? 9   DC  B OP1   1 
ATOM 996  O OP2   . DC  B 2 7   ? 3.746   19.923  -0.367  1.00 49.42 ? 9   DC  B OP2   1 
ATOM 997  O "O5'" . DC  B 2 7   ? 2.393   20.113  -2.473  1.00 46.91 ? 9   DC  B "O5'" 1 
ATOM 998  C "C5'" . DC  B 2 7   ? 2.222   19.765  -3.836  1.00 44.06 ? 9   DC  B "C5'" 1 
ATOM 999  C "C4'" . DC  B 2 7   ? 0.803   20.022  -4.285  1.00 43.86 ? 9   DC  B "C4'" 1 
ATOM 1000 O "O4'" . DC  B 2 7   ? 0.171   18.757  -4.624  1.00 44.79 ? 9   DC  B "O4'" 1 
ATOM 1001 C "C3'" . DC  B 2 7   ? -0.097  20.668  -3.234  1.00 47.85 ? 9   DC  B "C3'" 1 
ATOM 1002 O "O3'" . DC  B 2 7   ? -1.063  21.499  -3.888  1.00 50.68 ? 9   DC  B "O3'" 1 
ATOM 1003 C "C2'" . DC  B 2 7   ? -0.754  19.447  -2.602  1.00 48.42 ? 9   DC  B "C2'" 1 
ATOM 1004 C "C1'" . DC  B 2 7   ? -0.995  18.613  -3.848  1.00 45.99 ? 9   DC  B "C1'" 1 
ATOM 1005 N N1    . DC  B 2 7   ? -1.246  17.164  -3.593  1.00 43.73 ? 9   DC  B N1    1 
ATOM 1006 C C2    . DC  B 2 7   ? -2.136  16.484  -4.422  1.00 44.82 ? 9   DC  B C2    1 
ATOM 1007 O O2    . DC  B 2 7   ? -2.684  17.104  -5.342  1.00 45.03 ? 9   DC  B O2    1 
ATOM 1008 N N3    . DC  B 2 7   ? -2.377  15.171  -4.196  1.00 45.58 ? 9   DC  B N3    1 
ATOM 1009 C C4    . DC  B 2 7   ? -1.765  14.546  -3.187  1.00 44.36 ? 9   DC  B C4    1 
ATOM 1010 N N4    . DC  B 2 7   ? -2.034  13.248  -3.001  1.00 43.54 ? 9   DC  B N4    1 
ATOM 1011 C C5    . DC  B 2 7   ? -0.852  15.228  -2.324  1.00 41.82 ? 9   DC  B C5    1 
ATOM 1012 C C6    . DC  B 2 7   ? -0.625  16.525  -2.561  1.00 42.13 ? 9   DC  B C6    1 
ATOM 1013 P P     . DG  B 2 8   ? -1.591  22.862  -3.214  1.00 48.93 ? 10  DG  B P     1 
ATOM 1014 O OP1   . DG  B 2 8   ? -0.514  23.868  -3.355  1.00 46.36 ? 10  DG  B OP1   1 
ATOM 1015 O OP2   . DG  B 2 8   ? -2.130  22.555  -1.868  1.00 46.57 ? 10  DG  B OP2   1 
ATOM 1016 O "O5'" . DG  B 2 8   ? -2.823  23.273  -4.148  1.00 43.80 ? 10  DG  B "O5'" 1 
ATOM 1017 C "C5'" . DG  B 2 8   ? -2.643  23.343  -5.557  1.00 45.28 ? 10  DG  B "C5'" 1 
ATOM 1018 C "C4'" . DG  B 2 8   ? -3.903  22.927  -6.297  1.00 48.76 ? 10  DG  B "C4'" 1 
ATOM 1019 O "O4'" . DG  B 2 8   ? -4.077  21.489  -6.211  1.00 50.35 ? 10  DG  B "O4'" 1 
ATOM 1020 C "C3'" . DG  B 2 8   ? -5.197  23.543  -5.784  1.00 52.09 ? 10  DG  B "C3'" 1 
ATOM 1021 O "O3'" . DG  B 2 8   ? -6.057  23.826  -6.884  1.00 57.17 ? 10  DG  B "O3'" 1 
ATOM 1022 C "C2'" . DG  B 2 8   ? -5.771  22.453  -4.880  1.00 50.69 ? 10  DG  B "C2'" 1 
ATOM 1023 C "C1'" . DG  B 2 8   ? -5.299  21.173  -5.567  1.00 49.82 ? 10  DG  B "C1'" 1 
ATOM 1024 N N9    . DG  B 2 8   ? -5.045  20.072  -4.631  1.00 47.94 ? 10  DG  B N9    1 
ATOM 1025 C C8    . DG  B 2 8   ? -4.222  20.108  -3.532  1.00 46.36 ? 10  DG  B C8    1 
ATOM 1026 N N7    . DG  B 2 8   ? -4.173  18.983  -2.882  1.00 44.15 ? 10  DG  B N7    1 
ATOM 1027 C C5    . DG  B 2 8   ? -5.008  18.137  -3.597  1.00 44.37 ? 10  DG  B C5    1 
ATOM 1028 C C6    . DG  B 2 8   ? -5.346  16.788  -3.357  1.00 44.53 ? 10  DG  B C6    1 
ATOM 1029 O O6    . DG  B 2 8   ? -4.956  16.057  -2.440  1.00 46.95 ? 10  DG  B O6    1 
ATOM 1030 N N1    . DG  B 2 8   ? -6.228  16.296  -4.308  1.00 42.93 ? 10  DG  B N1    1 
ATOM 1031 C C2    . DG  B 2 8   ? -6.727  17.016  -5.364  1.00 44.63 ? 10  DG  B C2    1 
ATOM 1032 N N2    . DG  B 2 8   ? -7.573  16.366  -6.180  1.00 42.84 ? 10  DG  B N2    1 
ATOM 1033 N N3    . DG  B 2 8   ? -6.421  18.291  -5.603  1.00 47.07 ? 10  DG  B N3    1 
ATOM 1034 C C4    . DG  B 2 8   ? -5.556  18.785  -4.679  1.00 45.57 ? 10  DG  B C4    1 
ATOM 1035 P P     . DC  B 2 9   ? -7.491  24.509  -6.648  1.00 54.32 ? 11  DC  B P     1 
ATOM 1036 O OP1   . DC  B 2 9   ? -7.842  25.249  -7.878  1.00 49.98 ? 11  DC  B OP1   1 
ATOM 1037 O OP2   . DC  B 2 9   ? -7.446  25.210  -5.342  1.00 54.31 ? 11  DC  B OP2   1 
ATOM 1038 O "O5'" . DC  B 2 9   ? -8.481  23.268  -6.526  1.00 50.68 ? 11  DC  B "O5'" 1 
ATOM 1039 C "C5'" . DC  B 2 9   ? -8.433  22.227  -7.494  1.00 50.12 ? 11  DC  B "C5'" 1 
ATOM 1040 C "C4'" . DC  B 2 9   ? -9.448  21.156  -7.158  1.00 51.04 ? 11  DC  B "C4'" 1 
ATOM 1041 O "O4'" . DC  B 2 9   ? -8.851  20.183  -6.254  1.00 54.90 ? 11  DC  B "O4'" 1 
ATOM 1042 C "C3'" . DC  B 2 9   ? -10.696 21.678  -6.447  1.00 49.94 ? 11  DC  B "C3'" 1 
ATOM 1043 O "O3'" . DC  B 2 9   ? -11.852 21.057  -6.970  1.00 47.40 ? 11  DC  B "O3'" 1 
ATOM 1044 C "C2'" . DC  B 2 9   ? -10.459 21.287  -4.991  1.00 50.64 ? 11  DC  B "C2'" 1 
ATOM 1045 C "C1'" . DC  B 2 9   ? -9.723  19.971  -5.165  1.00 51.74 ? 11  DC  B "C1'" 1 
ATOM 1046 N N1    . DC  B 2 9   ? -8.922  19.571  -3.967  1.00 47.60 ? 11  DC  B N1    1 
ATOM 1047 C C2    . DC  B 2 9   ? -9.020  18.266  -3.465  1.00 45.67 ? 11  DC  B C2    1 
ATOM 1048 O O2    . DC  B 2 9   ? -9.764  17.456  -4.032  1.00 44.79 ? 11  DC  B O2    1 
ATOM 1049 N N3    . DC  B 2 9   ? -8.285  17.928  -2.374  1.00 45.36 ? 11  DC  B N3    1 
ATOM 1050 C C4    . DC  B 2 9   ? -7.495  18.834  -1.797  1.00 47.85 ? 11  DC  B C4    1 
ATOM 1051 N N4    . DC  B 2 9   ? -6.786  18.464  -0.726  1.00 50.24 ? 11  DC  B N4    1 
ATOM 1052 C C5    . DC  B 2 9   ? -7.389  20.164  -2.294  1.00 49.69 ? 11  DC  B C5    1 
ATOM 1053 C C6    . DC  B 2 9   ? -8.115  20.485  -3.366  1.00 49.46 ? 11  DC  B C6    1 
ATOM 1054 P P     . DG  B 2 10  ? -13.201 21.909  -7.123  1.00 48.48 ? 12  DG  B P     1 
ATOM 1055 O OP1   . DG  B 2 10  ? -13.295 22.339  -8.536  1.00 53.22 ? 12  DG  B OP1   1 
ATOM 1056 O OP2   . DG  B 2 10  ? -13.217 22.894  -6.020  1.00 49.32 ? 12  DG  B OP2   1 
ATOM 1057 O "O5'" . DG  B 2 10  ? -14.364 20.860  -6.844  1.00 48.77 ? 12  DG  B "O5'" 1 
ATOM 1058 C "C5'" . DG  B 2 10  ? -14.347 19.607  -7.484  1.00 50.89 ? 12  DG  B "C5'" 1 
ATOM 1059 C "C4'" . DG  B 2 10  ? -14.809 18.526  -6.533  1.00 52.04 ? 12  DG  B "C4'" 1 
ATOM 1060 O "O4'" . DG  B 2 10  ? -13.826 18.343  -5.479  1.00 51.13 ? 12  DG  B "O4'" 1 
ATOM 1061 C "C3'" . DG  B 2 10  ? -16.126 18.822  -5.822  1.00 50.99 ? 12  DG  B "C3'" 1 
ATOM 1062 O "O3'" . DG  B 2 10  ? -16.863 17.632  -5.705  1.00 48.17 ? 12  DG  B "O3'" 1 
ATOM 1063 C "C2'" . DG  B 2 10  ? -15.671 19.330  -4.456  1.00 49.35 ? 12  DG  B "C2'" 1 
ATOM 1064 C "C1'" . DG  B 2 10  ? -14.467 18.441  -4.225  1.00 50.26 ? 12  DG  B "C1'" 1 
ATOM 1065 N N9    . DG  B 2 10  ? -13.506 18.959  -3.256  1.00 48.92 ? 12  DG  B N9    1 
ATOM 1066 C C8    . DG  B 2 10  ? -12.977 20.225  -3.201  1.00 47.44 ? 12  DG  B C8    1 
ATOM 1067 N N7    . DG  B 2 10  ? -12.120 20.387  -2.229  1.00 47.91 ? 12  DG  B N7    1 
ATOM 1068 C C5    . DG  B 2 10  ? -12.076 19.147  -1.603  1.00 48.92 ? 12  DG  B C5    1 
ATOM 1069 C C6    . DG  B 2 10  ? -11.324 18.708  -0.481  1.00 48.78 ? 12  DG  B C6    1 
ATOM 1070 O O6    . DG  B 2 10  ? -10.518 19.352  0.210   1.00 48.41 ? 12  DG  B O6    1 
ATOM 1071 N N1    . DG  B 2 10  ? -11.581 17.367  -0.181  1.00 48.39 ? 12  DG  B N1    1 
ATOM 1072 C C2    . DG  B 2 10  ? -12.456 16.561  -0.877  1.00 48.24 ? 12  DG  B C2    1 
ATOM 1073 N N2    . DG  B 2 10  ? -12.582 15.298  -0.451  1.00 49.30 ? 12  DG  B N2    1 
ATOM 1074 N N3    . DG  B 2 10  ? -13.160 16.962  -1.924  1.00 48.79 ? 12  DG  B N3    1 
ATOM 1075 C C4    . DG  B 2 10  ? -12.923 18.258  -2.229  1.00 50.24 ? 12  DG  B C4    1 
ATOM 1076 P P     . DG  B 2 11  ? -18.461 17.693  -5.685  1.00 47.26 ? 13  DG  B P     1 
ATOM 1077 O OP1   . DG  B 2 11  ? -18.953 17.040  -6.921  1.00 41.72 ? 13  DG  B OP1   1 
ATOM 1078 O OP2   . DG  B 2 11  ? -18.822 19.095  -5.367  1.00 52.98 ? 13  DG  B OP2   1 
ATOM 1079 O "O5'" . DG  B 2 11  ? -18.860 16.797  -4.429  1.00 51.00 ? 13  DG  B "O5'" 1 
ATOM 1080 C "C5'" . DG  B 2 11  ? -18.809 15.394  -4.532  1.00 50.38 ? 13  DG  B "C5'" 1 
ATOM 1081 C "C4'" . DG  B 2 11  ? -18.453 14.770  -3.201  1.00 48.14 ? 13  DG  B "C4'" 1 
ATOM 1082 O "O4'" . DG  B 2 11  ? -17.320 15.462  -2.628  1.00 49.91 ? 13  DG  B "O4'" 1 
ATOM 1083 C "C3'" . DG  B 2 11  ? -19.558 14.805  -2.147  1.00 45.16 ? 13  DG  B "C3'" 1 
ATOM 1084 O "O3'" . DG  B 2 11  ? -19.743 13.505  -1.632  1.00 47.57 ? 13  DG  B "O3'" 1 
ATOM 1085 C "C2'" . DG  B 2 11  ? -19.023 15.767  -1.081  1.00 47.01 ? 13  DG  B "C2'" 1 
ATOM 1086 C "C1'" . DG  B 2 11  ? -17.522 15.618  -1.250  1.00 48.58 ? 13  DG  B "C1'" 1 
ATOM 1087 N N9    . DG  B 2 11  ? -16.744 16.779  -0.813  1.00 49.92 ? 13  DG  B N9    1 
ATOM 1088 C C8    . DG  B 2 11  ? -16.697 18.014  -1.415  1.00 49.31 ? 13  DG  B C8    1 
ATOM 1089 N N7    . DG  B 2 11  ? -15.899 18.854  -0.817  1.00 48.94 ? 13  DG  B N7    1 
ATOM 1090 C C5    . DG  B 2 11  ? -15.368 18.127  0.243   1.00 49.57 ? 13  DG  B C5    1 
ATOM 1091 C C6    . DG  B 2 11  ? -14.439 18.516  1.239   1.00 49.60 ? 13  DG  B C6    1 
ATOM 1092 O O6    . DG  B 2 11  ? -13.885 19.614  1.384   1.00 50.44 ? 13  DG  B O6    1 
ATOM 1093 N N1    . DG  B 2 11  ? -14.168 17.478  2.125   1.00 47.59 ? 13  DG  B N1    1 
ATOM 1094 C C2    . DG  B 2 11  ? -14.722 16.219  2.059   1.00 49.36 ? 13  DG  B C2    1 
ATOM 1095 N N2    . DG  B 2 11  ? -14.339 15.345  3.003   1.00 50.76 ? 13  DG  B N2    1 
ATOM 1096 N N3    . DG  B 2 11  ? -15.596 15.842  1.130   1.00 51.13 ? 13  DG  B N3    1 
ATOM 1097 C C4    . DG  B 2 11  ? -15.871 16.845  0.256   1.00 50.16 ? 13  DG  B C4    1 
ATOM 1098 P P     . DT  B 2 12  ? -21.112 13.111  -0.896  1.00 50.23 ? 14  DT  B P     1 
ATOM 1099 O OP1   . DT  B 2 12  ? -21.441 11.719  -1.266  1.00 45.67 ? 14  DT  B OP1   1 
ATOM 1100 O OP2   . DT  B 2 12  ? -22.087 14.194  -1.152  1.00 49.22 ? 14  DT  B OP2   1 
ATOM 1101 O "O5'" . DT  B 2 12  ? -20.714 13.136  0.645   1.00 51.22 ? 14  DT  B "O5'" 1 
ATOM 1102 C "C5'" . DT  B 2 12  ? -19.574 12.411  1.081   1.00 51.19 ? 14  DT  B "C5'" 1 
ATOM 1103 C "C4'" . DT  B 2 12  ? -19.141 12.878  2.457   1.00 54.30 ? 14  DT  B "C4'" 1 
ATOM 1104 O "O4'" . DT  B 2 12  ? -18.350 14.071  2.332   1.00 48.87 ? 14  DT  B "O4'" 1 
ATOM 1105 C "C3'" . DT  B 2 12  ? -20.292 13.249  3.393   1.00 56.97 ? 14  DT  B "C3'" 1 
ATOM 1106 O "O3'" . DT  B 2 12  ? -20.538 12.183  4.320   1.00 54.96 ? 14  DT  B "O3'" 1 
ATOM 1107 C "C2'" . DT  B 2 12  ? -19.819 14.535  4.104   1.00 53.81 ? 14  DT  B "C2'" 1 
ATOM 1108 C "C1'" . DT  B 2 12  ? -18.414 14.766  3.549   1.00 51.09 ? 14  DT  B "C1'" 1 
ATOM 1109 N N1    . DT  B 2 12  ? -18.091 16.202  3.284   1.00 51.74 ? 14  DT  B N1    1 
ATOM 1110 C C2    . DT  B 2 12  ? -17.180 16.849  4.093   1.00 50.77 ? 14  DT  B C2    1 
ATOM 1111 O O2    . DT  B 2 12  ? -16.623 16.313  5.037   1.00 49.25 ? 14  DT  B O2    1 
ATOM 1112 N N3    . DT  B 2 12  ? -16.943 18.156  3.753   1.00 49.06 ? 14  DT  B N3    1 
ATOM 1113 C C4    . DT  B 2 12  ? -17.510 18.864  2.712   1.00 48.72 ? 14  DT  B C4    1 
ATOM 1114 O O4    . DT  B 2 12  ? -17.235 20.033  2.490   1.00 50.06 ? 14  DT  B O4    1 
ATOM 1115 C C5    . DT  B 2 12  ? -18.450 18.132  1.903   1.00 48.28 ? 14  DT  B C5    1 
ATOM 1116 C C7    . DT  B 2 12  ? -19.124 18.806  0.745   1.00 47.03 ? 14  DT  B C7    1 
ATOM 1117 C C6    . DT  B 2 12  ? -18.692 16.849  2.221   1.00 49.84 ? 14  DT  B C6    1 
ATOM 1118 O "O5'" . DA  C 3 1   ? -11.822 24.525  10.475  1.00 43.12 ? 3   DA  C "O5'" 1 
ATOM 1119 C "C5'" . DA  C 3 1   ? -10.672 23.788  10.078  1.00 44.73 ? 3   DA  C "C5'" 1 
ATOM 1120 C "C4'" . DA  C 3 1   ? -10.781 22.341  10.525  1.00 48.26 ? 3   DA  C "C4'" 1 
ATOM 1121 O "O4'" . DA  C 3 1   ? -11.949 21.734  9.918   1.00 47.18 ? 3   DA  C "O4'" 1 
ATOM 1122 C "C3'" . DA  C 3 1   ? -9.622  21.460  10.101  1.00 48.58 ? 3   DA  C "C3'" 1 
ATOM 1123 O "O3'" . DA  C 3 1   ? -9.513  20.346  10.970  1.00 48.94 ? 3   DA  C "O3'" 1 
ATOM 1124 C "C2'" . DA  C 3 1   ? -10.040 21.034  8.701   1.00 48.68 ? 3   DA  C "C2'" 1 
ATOM 1125 C "C1'" . DA  C 3 1   ? -11.554 20.889  8.851   1.00 48.25 ? 3   DA  C "C1'" 1 
ATOM 1126 N N9    . DA  C 3 1   ? -12.287 21.284  7.652   1.00 48.97 ? 3   DA  C N9    1 
ATOM 1127 C C8    . DA  C 3 1   ? -12.144 22.445  6.944   1.00 47.75 ? 3   DA  C C8    1 
ATOM 1128 N N7    . DA  C 3 1   ? -12.932 22.530  5.901   1.00 47.27 ? 3   DA  C N7    1 
ATOM 1129 C C5    . DA  C 3 1   ? -13.641 21.342  5.921   1.00 48.86 ? 3   DA  C C5    1 
ATOM 1130 C C6    . DA  C 3 1   ? -14.642 20.820  5.078   1.00 48.26 ? 3   DA  C C6    1 
ATOM 1131 N N6    . DA  C 3 1   ? -15.110 21.466  4.009   1.00 44.29 ? 3   DA  C N6    1 
ATOM 1132 N N1    . DA  C 3 1   ? -15.143 19.600  5.381   1.00 51.30 ? 3   DA  C N1    1 
ATOM 1133 C C2    . DA  C 3 1   ? -14.666 18.951  6.454   1.00 50.72 ? 3   DA  C C2    1 
ATOM 1134 N N3    . DA  C 3 1   ? -13.733 19.344  7.325   1.00 51.04 ? 3   DA  C N3    1 
ATOM 1135 C C4    . DA  C 3 1   ? -13.255 20.559  6.996   1.00 50.55 ? 3   DA  C C4    1 
ATOM 1136 P P     . DC  C 3 2   ? -8.420  19.209  10.672  1.00 50.05 ? 4   DC  C P     1 
ATOM 1137 O OP1   . DC  C 3 2   ? -8.066  18.551  11.951  1.00 45.77 ? 4   DC  C OP1   1 
ATOM 1138 O OP2   . DC  C 3 2   ? -7.373  19.804  9.813   1.00 51.61 ? 4   DC  C OP2   1 
ATOM 1139 O "O5'" . DC  C 3 2   ? -9.210  18.157  9.787   1.00 44.86 ? 4   DC  C "O5'" 1 
ATOM 1140 C "C5'" . DC  C 3 2   ? -10.225 17.400  10.375  1.00 47.02 ? 4   DC  C "C5'" 1 
ATOM 1141 C "C4'" . DC  C 3 2   ? -10.652 16.293  9.448   1.00 51.10 ? 4   DC  C "C4'" 1 
ATOM 1142 O "O4'" . DC  C 3 2   ? -11.355 16.855  8.313   1.00 48.62 ? 4   DC  C "O4'" 1 
ATOM 1143 C "C3'" . DC  C 3 2   ? -9.512  15.458  8.867   1.00 51.87 ? 4   DC  C "C3'" 1 
ATOM 1144 O "O3'" . DC  C 3 2   ? -9.923  14.104  8.836   1.00 54.54 ? 4   DC  C "O3'" 1 
ATOM 1145 C "C2'" . DC  C 3 2   ? -9.359  16.036  7.458   1.00 48.66 ? 4   DC  C "C2'" 1 
ATOM 1146 C "C1'" . DC  C 3 2   ? -10.806 16.336  7.127   1.00 46.64 ? 4   DC  C "C1'" 1 
ATOM 1147 N N1    . DC  C 3 2   ? -11.005 17.344  6.071   1.00 46.05 ? 4   DC  C N1    1 
ATOM 1148 C C2    . DC  C 3 2   ? -11.934 17.095  5.059   1.00 49.69 ? 4   DC  C C2    1 
ATOM 1149 O O2    . DC  C 3 2   ? -12.546 16.015  5.060   1.00 53.06 ? 4   DC  C O2    1 
ATOM 1150 N N3    . DC  C 3 2   ? -12.130 18.038  4.101   1.00 47.16 ? 4   DC  C N3    1 
ATOM 1151 C C4    . DC  C 3 2   ? -11.452 19.182  4.145   1.00 44.88 ? 4   DC  C C4    1 
ATOM 1152 N N4    . DC  C 3 2   ? -11.675 20.079  3.186   1.00 44.75 ? 4   DC  C N4    1 
ATOM 1153 C C5    . DC  C 3 2   ? -10.508 19.455  5.176   1.00 48.38 ? 4   DC  C C5    1 
ATOM 1154 C C6    . DC  C 3 2   ? -10.323 18.519  6.114   1.00 49.22 ? 4   DC  C C6    1 
ATOM 1155 P P     . DC  C 3 3   ? -8.862  12.908  8.703   1.00 51.26 ? 5   DC  C P     1 
ATOM 1156 O OP1   . DC  C 3 3   ? -8.931  12.107  9.944   1.00 54.25 ? 5   DC  C OP1   1 
ATOM 1157 O OP2   . DC  C 3 3   ? -7.564  13.460  8.248   1.00 52.98 ? 5   DC  C OP2   1 
ATOM 1158 O "O5'" . DC  C 3 3   ? -9.487  12.032  7.532   1.00 53.40 ? 5   DC  C "O5'" 1 
ATOM 1159 C "C5'" . DC  C 3 3   ? -10.876 12.160  7.221   1.00 52.73 ? 5   DC  C "C5'" 1 
ATOM 1160 C "C4'" . DC  C 3 3   ? -11.128 11.784  5.774   1.00 55.36 ? 5   DC  C "C4'" 1 
ATOM 1161 O "O4'" . DC  C 3 3   ? -11.264 12.985  4.967   1.00 54.24 ? 5   DC  C "O4'" 1 
ATOM 1162 C "C3'" . DC  C 3 3   ? -10.002 10.973  5.134   1.00 54.67 ? 5   DC  C "C3'" 1 
ATOM 1163 O "O3'" . DC  C 3 3   ? -10.544 9.957   4.322   1.00 48.28 ? 5   DC  C "O3'" 1 
ATOM 1164 C "C2'" . DC  C 3 3   ? -9.243  12.013  4.311   1.00 51.79 ? 5   DC  C "C2'" 1 
ATOM 1165 C "C1'" . DC  C 3 3   ? -10.384 12.906  3.863   1.00 52.07 ? 5   DC  C "C1'" 1 
ATOM 1166 N N1    . DC  C 3 3   ? -9.962  14.282  3.497   1.00 49.97 ? 5   DC  C N1    1 
ATOM 1167 C C2    . DC  C 3 3   ? -10.592 14.919  2.430   1.00 49.72 ? 5   DC  C C2    1 
ATOM 1168 O O2    . DC  C 3 3   ? -11.484 14.312  1.820   1.00 47.76 ? 5   DC  C O2    1 
ATOM 1169 N N3    . DC  C 3 3   ? -10.211 16.182  2.101   1.00 50.24 ? 5   DC  C N3    1 
ATOM 1170 C C4    . DC  C 3 3   ? -9.243  16.792  2.800   1.00 49.38 ? 5   DC  C C4    1 
ATOM 1171 N N4    . DC  C 3 3   ? -8.897  18.038  2.442   1.00 50.22 ? 5   DC  C N4    1 
ATOM 1172 C C5    . DC  C 3 3   ? -8.589  16.150  3.893   1.00 48.75 ? 5   DC  C C5    1 
ATOM 1173 C C6    . DC  C 3 3   ? -8.976  14.907  4.203   1.00 49.76 ? 5   DC  C C6    1 
ATOM 1174 P P     . DG  C 3 4   ? -9.855  8.510   4.309   1.00 50.41 ? 6   DG  C P     1 
ATOM 1175 O OP1   . DG  C 3 4   ? -10.866 7.545   4.805   1.00 47.47 ? 6   DG  C OP1   1 
ATOM 1176 O OP2   . DG  C 3 4   ? -8.533  8.630   4.975   1.00 49.09 ? 6   DG  C OP2   1 
ATOM 1177 O "O5'" . DG  C 3 4   ? -9.598  8.233   2.760   1.00 50.51 ? 6   DG  C "O5'" 1 
ATOM 1178 C "C5'" . DG  C 3 4   ? -10.679 7.848   1.929   1.00 46.37 ? 6   DG  C "C5'" 1 
ATOM 1179 C "C4'" . DG  C 3 4   ? -10.574 8.516   0.576   1.00 43.39 ? 6   DG  C "C4'" 1 
ATOM 1180 O "O4'" . DG  C 3 4   ? -10.259 9.904   0.761   1.00 49.00 ? 6   DG  C "O4'" 1 
ATOM 1181 C "C3'" . DG  C 3 4   ? -9.488  7.953   -0.345  1.00 40.22 ? 6   DG  C "C3'" 1 
ATOM 1182 O "O3'" . DG  C 3 4   ? -10.109 7.235   -1.404  1.00 41.71 ? 6   DG  C "O3'" 1 
ATOM 1183 C "C2'" . DG  C 3 4   ? -8.723  9.192   -0.849  1.00 41.69 ? 6   DG  C "C2'" 1 
ATOM 1184 C "C1'" . DG  C 3 4   ? -9.579  10.362  -0.371  1.00 46.80 ? 6   DG  C "C1'" 1 
ATOM 1185 N N9    . DG  C 3 4   ? -8.803  11.544  0.009   1.00 48.50 ? 6   DG  C N9    1 
ATOM 1186 C C8    . DG  C 3 4   ? -7.905  11.651  1.048   1.00 47.10 ? 6   DG  C C8    1 
ATOM 1187 N N7    . DG  C 3 4   ? -7.364  12.836  1.151   1.00 45.31 ? 6   DG  C N7    1 
ATOM 1188 C C5    . DG  C 3 4   ? -7.944  13.563  0.117   1.00 46.70 ? 6   DG  C C5    1 
ATOM 1189 C C6    . DG  C 3 4   ? -7.749  14.910  -0.270  1.00 46.12 ? 6   DG  C C6    1 
ATOM 1190 O O6    . DG  C 3 4   ? -7.001  15.750  0.242   1.00 44.86 ? 6   DG  C O6    1 
ATOM 1191 N N1    . DG  C 3 4   ? -8.536  15.252  -1.371  1.00 46.50 ? 6   DG  C N1    1 
ATOM 1192 C C2    . DG  C 3 4   ? -9.402  14.392  -2.019  1.00 44.92 ? 6   DG  C C2    1 
ATOM 1193 N N2    . DG  C 3 4   ? -10.080 14.893  -3.063  1.00 43.99 ? 6   DG  C N2    1 
ATOM 1194 N N3    . DG  C 3 4   ? -9.590  13.127  -1.666  1.00 43.91 ? 6   DG  C N3    1 
ATOM 1195 C C4    . DG  C 3 4   ? -8.833  12.783  -0.593  1.00 46.91 ? 6   DG  C C4    1 
ATOM 1196 P P     . DC  C 3 5   ? -9.285  6.748   -2.696  1.00 39.45 ? 7   DC  C P     1 
ATOM 1197 O OP1   . DC  C 3 5   ? -9.981  5.534   -3.177  1.00 35.93 ? 7   DC  C OP1   1 
ATOM 1198 O OP2   . DC  C 3 5   ? -7.847  6.677   -2.367  1.00 39.81 ? 7   DC  C OP2   1 
ATOM 1199 O "O5'" . DC  C 3 5   ? -9.505  7.928   -3.757  1.00 35.31 ? 7   DC  C "O5'" 1 
ATOM 1200 C "C5'" . DC  C 3 5   ? -10.831 8.321   -4.101  1.00 39.64 ? 7   DC  C "C5'" 1 
ATOM 1201 C "C4'" . DC  C 3 5   ? -10.838 9.339   -5.231  1.00 41.59 ? 7   DC  C "C4'" 1 
ATOM 1202 O "O4'" . DC  C 3 5   ? -10.319 10.604  -4.751  1.00 45.19 ? 7   DC  C "O4'" 1 
ATOM 1203 C "C3'" . DC  C 3 5   ? -10.000 8.963   -6.447  1.00 40.52 ? 7   DC  C "C3'" 1 
ATOM 1204 O "O3'" . DC  C 3 5   ? -10.695 9.269   -7.640  1.00 40.24 ? 7   DC  C "O3'" 1 
ATOM 1205 C "C2'" . DC  C 3 5   ? -8.749  9.815   -6.299  1.00 41.34 ? 7   DC  C "C2'" 1 
ATOM 1206 C "C1'" . DC  C 3 5   ? -9.260  11.045  -5.569  1.00 40.97 ? 7   DC  C "C1'" 1 
ATOM 1207 N N1    . DC  C 3 5   ? -8.234  11.646  -4.684  1.00 42.09 ? 7   DC  C N1    1 
ATOM 1208 C C2    . DC  C 3 5   ? -7.801  12.965  -4.891  1.00 43.91 ? 7   DC  C C2    1 
ATOM 1209 O O2    . DC  C 3 5   ? -8.288  13.628  -5.819  1.00 44.16 ? 7   DC  C O2    1 
ATOM 1210 N N3    . DC  C 3 5   ? -6.854  13.478  -4.058  1.00 45.49 ? 7   DC  C N3    1 
ATOM 1211 C C4    . DC  C 3 5   ? -6.356  12.730  -3.071  1.00 43.78 ? 7   DC  C C4    1 
ATOM 1212 N N4    . DC  C 3 5   ? -5.425  13.272  -2.279  1.00 42.94 ? 7   DC  C N4    1 
ATOM 1213 C C5    . DC  C 3 5   ? -6.785  11.390  -2.853  1.00 42.06 ? 7   DC  C C5    1 
ATOM 1214 C C6    . DC  C 3 5   ? -7.713  10.896  -3.672  1.00 41.12 ? 7   DC  C C6    1 
ATOM 1215 P P     . DG  C 3 6   ? -10.235 8.598   -9.024  1.00 38.28 ? 8   DG  C P     1 
ATOM 1216 O OP1   . DG  C 3 6   ? -11.458 8.201   -9.752  1.00 37.24 ? 8   DG  C OP1   1 
ATOM 1217 O OP2   . DG  C 3 6   ? -9.188  7.592   -8.729  1.00 40.16 ? 8   DG  C OP2   1 
ATOM 1218 O "O5'" . DG  C 3 6   ? -9.532  9.793   -9.808  1.00 39.48 ? 8   DG  C "O5'" 1 
ATOM 1219 C "C5'" . DG  C 3 6   ? -10.285 10.930  -10.164 1.00 40.71 ? 8   DG  C "C5'" 1 
ATOM 1220 C "C4'" . DG  C 3 6   ? -9.370  12.061  -10.577 1.00 42.77 ? 8   DG  C "C4'" 1 
ATOM 1221 O "O4'" . DG  C 3 6   ? -8.516  12.432  -9.460  1.00 44.44 ? 8   DG  C "O4'" 1 
ATOM 1222 C "C3'" . DG  C 3 6   ? -8.439  11.739  -11.739 1.00 41.70 ? 8   DG  C "C3'" 1 
ATOM 1223 O "O3'" . DG  C 3 6   ? -8.407  12.840  -12.624 1.00 42.17 ? 8   DG  C "O3'" 1 
ATOM 1224 C "C2'" . DG  C 3 6   ? -7.085  11.509  -11.060 1.00 43.72 ? 8   DG  C "C2'" 1 
ATOM 1225 C "C1'" . DG  C 3 6   ? -7.167  12.451  -9.869  1.00 43.67 ? 8   DG  C "C1'" 1 
ATOM 1226 N N9    . DG  C 3 6   ? -6.357  12.028  -8.732  1.00 42.36 ? 8   DG  C N9    1 
ATOM 1227 C C8    . DG  C 3 6   ? -6.342  10.787  -8.156  1.00 41.59 ? 8   DG  C C8    1 
ATOM 1228 N N7    . DG  C 3 6   ? -5.538  10.693  -7.136  1.00 41.18 ? 8   DG  C N7    1 
ATOM 1229 C C5    . DG  C 3 6   ? -4.985  11.959  -7.019  1.00 41.22 ? 8   DG  C C5    1 
ATOM 1230 C C6    . DG  C 3 6   ? -4.039  12.460  -6.089  1.00 40.38 ? 8   DG  C C6    1 
ATOM 1231 O O6    . DG  C 3 6   ? -3.487  11.861  -5.155  1.00 37.83 ? 8   DG  C O6    1 
ATOM 1232 N N1    . DG  C 3 6   ? -3.746  13.797  -6.328  1.00 40.40 ? 8   DG  C N1    1 
ATOM 1233 C C2    . DG  C 3 6   ? -4.300  14.557  -7.332  1.00 42.12 ? 8   DG  C C2    1 
ATOM 1234 N N2    . DG  C 3 6   ? -3.896  15.827  -7.405  1.00 44.10 ? 8   DG  C N2    1 
ATOM 1235 N N3    . DG  C 3 6   ? -5.186  14.100  -8.211  1.00 42.59 ? 8   DG  C N3    1 
ATOM 1236 C C4    . DG  C 3 6   ? -5.482  12.798  -7.994  1.00 42.46 ? 8   DG  C C4    1 
ATOM 1237 P P     . DT  C 3 7   ? -7.612  12.748  -14.013 1.00 45.32 ? 9   DT  C P     1 
ATOM 1238 O OP1   . DT  C 3 7   ? -8.386  13.510  -15.016 1.00 46.91 ? 9   DT  C OP1   1 
ATOM 1239 O OP2   . DT  C 3 7   ? -7.293  11.327  -14.275 1.00 44.91 ? 9   DT  C OP2   1 
ATOM 1240 O "O5'" . DT  C 3 7   ? -6.261  13.535  -13.702 1.00 40.81 ? 9   DT  C "O5'" 1 
ATOM 1241 C "C5'" . DT  C 3 7   ? -6.284  14.633  -12.808 1.00 38.14 ? 9   DT  C "C5'" 1 
ATOM 1242 C "C4'" . DT  C 3 7   ? -4.883  15.146  -12.575 1.00 41.88 ? 9   DT  C "C4'" 1 
ATOM 1243 O "O4'" . DT  C 3 7   ? -4.385  14.659  -11.301 1.00 42.70 ? 9   DT  C "O4'" 1 
ATOM 1244 C "C3'" . DT  C 3 7   ? -3.858  14.697  -13.623 1.00 44.24 ? 9   DT  C "C3'" 1 
ATOM 1245 O "O3'" . DT  C 3 7   ? -3.014  15.779  -13.962 1.00 42.03 ? 9   DT  C "O3'" 1 
ATOM 1246 C "C2'" . DT  C 3 7   ? -3.081  13.609  -12.893 1.00 45.98 ? 9   DT  C "C2'" 1 
ATOM 1247 C "C1'" . DT  C 3 7   ? -3.073  14.192  -11.498 1.00 43.03 ? 9   DT  C "C1'" 1 
ATOM 1248 N N1    . DT  C 3 7   ? -2.730  13.223  -10.427 1.00 40.40 ? 9   DT  C N1    1 
ATOM 1249 C C2    . DT  C 3 7   ? -1.866  13.619  -9.443  1.00 40.85 ? 9   DT  C C2    1 
ATOM 1250 O O2    . DT  C 3 7   ? -1.375  14.728  -9.404  1.00 42.80 ? 9   DT  C O2    1 
ATOM 1251 N N3    . DT  C 3 7   ? -1.597  12.671  -8.494  1.00 42.00 ? 9   DT  C N3    1 
ATOM 1252 C C4    . DT  C 3 7   ? -2.098  11.382  -8.444  1.00 42.63 ? 9   DT  C C4    1 
ATOM 1253 O O4    . DT  C 3 7   ? -1.799  10.597  -7.548  1.00 40.41 ? 9   DT  C O4    1 
ATOM 1254 C C5    . DT  C 3 7   ? -3.005  11.028  -9.517  1.00 40.35 ? 9   DT  C C5    1 
ATOM 1255 C C7    . DT  C 3 7   ? -3.612  9.660   -9.572  1.00 39.39 ? 9   DT  C C7    1 
ATOM 1256 C C6    . DT  C 3 7   ? -3.271  11.955  -10.447 1.00 40.03 ? 9   DT  C C6    1 
ATOM 1257 P P     . DG  C 3 8   ? -2.431  15.899  -15.450 1.00 46.86 ? 10  DG  C P     1 
ATOM 1258 O OP1   . DG  C 3 8   ? -3.077  17.078  -16.064 1.00 44.32 ? 10  DG  C OP1   1 
ATOM 1259 O OP2   . DG  C 3 8   ? -2.487  14.562  -16.093 1.00 50.07 ? 10  DG  C OP2   1 
ATOM 1260 O "O5'" . DG  C 3 8   ? -0.900  16.247  -15.230 1.00 43.11 ? 10  DG  C "O5'" 1 
ATOM 1261 C "C5'" . DG  C 3 8   ? -0.556  17.461  -14.620 1.00 45.32 ? 10  DG  C "C5'" 1 
ATOM 1262 C "C4'" . DG  C 3 8   ? 0.739   17.309  -13.863 1.00 46.36 ? 10  DG  C "C4'" 1 
ATOM 1263 O "O4'" . DG  C 3 8   ? 0.580   16.295  -12.834 1.00 44.12 ? 10  DG  C "O4'" 1 
ATOM 1264 C "C3'" . DG  C 3 8   ? 1.924   16.855  -14.716 1.00 43.99 ? 10  DG  C "C3'" 1 
ATOM 1265 O "O3'" . DG  C 3 8   ? 3.077   17.530  -14.293 1.00 41.51 ? 10  DG  C "O3'" 1 
ATOM 1266 C "C2'" . DG  C 3 8   ? 2.018   15.369  -14.389 1.00 45.13 ? 10  DG  C "C2'" 1 
ATOM 1267 C "C1'" . DG  C 3 8   ? 1.661   15.403  -12.917 1.00 42.95 ? 10  DG  C "C1'" 1 
ATOM 1268 N N9    . DG  C 3 8   ? 1.263   14.112  -12.367 1.00 43.39 ? 10  DG  C N9    1 
ATOM 1269 C C8    . DG  C 3 8   ? 0.390   13.204  -12.914 1.00 44.64 ? 10  DG  C C8    1 
ATOM 1270 N N7    . DG  C 3 8   ? 0.234   12.131  -12.182 1.00 46.43 ? 10  DG  C N7    1 
ATOM 1271 C C5    . DG  C 3 8   ? 1.057   12.346  -11.084 1.00 42.17 ? 10  DG  C C5    1 
ATOM 1272 C C6    . DG  C 3 8   ? 1.302   11.534  -9.954  1.00 38.45 ? 10  DG  C C6    1 
ATOM 1273 O O6    . DG  C 3 8   ? 0.824   10.422  -9.689  1.00 39.40 ? 10  DG  C O6    1 
ATOM 1274 N N1    . DG  C 3 8   ? 2.206   12.130  -9.079  1.00 36.91 ? 10  DG  C N1    1 
ATOM 1275 C C2    . DG  C 3 8   ? 2.793   13.353  -9.273  1.00 36.10 ? 10  DG  C C2    1 
ATOM 1276 N N2    . DG  C 3 8   ? 3.641   13.770  -8.327  1.00 37.79 ? 10  DG  C N2    1 
ATOM 1277 N N3    . DG  C 3 8   ? 2.573   14.119  -10.324 1.00 37.18 ? 10  DG  C N3    1 
ATOM 1278 C C4    . DG  C 3 8   ? 1.698   13.558  -11.185 1.00 41.46 ? 10  DG  C C4    1 
ATOM 1279 P P     . DG  C 3 9   ? 3.952   18.384  -15.330 1.00 49.91 ? 11  DG  C P     1 
ATOM 1280 O OP1   . DG  C 3 9   ? 3.193   19.606  -15.689 1.00 46.05 ? 11  DG  C OP1   1 
ATOM 1281 O OP2   . DG  C 3 9   ? 4.424   17.461  -16.393 1.00 43.58 ? 11  DG  C OP2   1 
ATOM 1282 O "O5'" . DG  C 3 9   ? 5.188   18.858  -14.435 1.00 49.75 ? 11  DG  C "O5'" 1 
ATOM 1283 C "C5'" . DG  C 3 9   ? 4.943   19.384  -13.136 1.00 44.75 ? 11  DG  C "C5'" 1 
ATOM 1284 C "C4'" . DG  C 3 9   ? 6.033   18.976  -12.154 1.00 45.26 ? 11  DG  C "C4'" 1 
ATOM 1285 O "O4'" . DG  C 3 9   ? 5.702   17.715  -11.513 1.00 44.73 ? 11  DG  C "O4'" 1 
ATOM 1286 C "C3'" . DG  C 3 9   ? 7.420   18.791  -12.740 1.00 41.84 ? 11  DG  C "C3'" 1 
ATOM 1287 O "O3'" . DG  C 3 9   ? 8.358   19.231  -11.801 1.00 40.83 ? 11  DG  C "O3'" 1 
ATOM 1288 C "C2'" . DG  C 3 9   ? 7.509   17.282  -12.945 1.00 41.98 ? 11  DG  C "C2'" 1 
ATOM 1289 C "C1'" . DG  C 3 9   ? 6.721   16.762  -11.752 1.00 42.17 ? 11  DG  C "C1'" 1 
ATOM 1290 N N9    . DG  C 3 9   ? 6.061   15.485  -12.002 1.00 45.23 ? 11  DG  C N9    1 
ATOM 1291 C C8    . DG  C 3 9   ? 5.232   15.188  -13.058 1.00 45.59 ? 11  DG  C C8    1 
ATOM 1292 N N7    . DG  C 3 9   ? 4.755   13.979  -13.024 1.00 43.70 ? 11  DG  C N7    1 
ATOM 1293 C C5    . DG  C 3 9   ? 5.287   13.435  -11.865 1.00 44.14 ? 11  DG  C C5    1 
ATOM 1294 C C6    . DG  C 3 9   ? 5.112   12.149  -11.313 1.00 44.70 ? 11  DG  C C6    1 
ATOM 1295 O O6    . DG  C 3 9   ? 4.435   11.216  -11.765 1.00 46.05 ? 11  DG  C O6    1 
ATOM 1296 N N1    . DG  C 3 9   ? 5.824   11.992  -10.122 1.00 43.61 ? 11  DG  C N1    1 
ATOM 1297 C C2    . DG  C 3 9   ? 6.608   12.966  -9.539  1.00 43.07 ? 11  DG  C C2    1 
ATOM 1298 N N2    . DG  C 3 9   ? 7.219   12.633  -8.393  1.00 42.79 ? 11  DG  C N2    1 
ATOM 1299 N N3    . DG  C 3 9   ? 6.781   14.186  -10.051 1.00 44.21 ? 11  DG  C N3    1 
ATOM 1300 C C4    . DG  C 3 9   ? 6.091   14.348  -11.213 1.00 45.25 ? 11  DG  C C4    1 
ATOM 1301 P P     . DG  C 3 10  ? 9.910   19.281  -12.180 1.00 45.42 ? 12  DG  C P     1 
ATOM 1302 O OP1   . DG  C 3 10  ? 10.523  20.261  -11.259 1.00 43.04 ? 12  DG  C OP1   1 
ATOM 1303 O OP2   . DG  C 3 10  ? 10.021  19.438  -13.649 1.00 45.48 ? 12  DG  C OP2   1 
ATOM 1304 O "O5'" . DG  C 3 10  ? 10.438  17.826  -11.786 1.00 47.38 ? 12  DG  C "O5'" 1 
ATOM 1305 C "C5'" . DG  C 3 10  ? 10.272  17.360  -10.468 1.00 44.10 ? 12  DG  C "C5'" 1 
ATOM 1306 C "C4'" . DG  C 3 10  ? 10.769  15.936  -10.334 1.00 42.69 ? 12  DG  C "C4'" 1 
ATOM 1307 O "O4'" . DG  C 3 10  ? 9.731   15.007  -10.735 1.00 45.02 ? 12  DG  C "O4'" 1 
ATOM 1308 C "C3'" . DG  C 3 10  ? 12.004  15.579  -11.179 1.00 39.40 ? 12  DG  C "C3'" 1 
ATOM 1309 O "O3'" . DG  C 3 10  ? 12.939  14.896  -10.365 1.00 41.75 ? 12  DG  C "O3'" 1 
ATOM 1310 C "C2'" . DG  C 3 10  ? 11.427  14.644  -12.242 1.00 42.53 ? 12  DG  C "C2'" 1 
ATOM 1311 C "C1'" . DG  C 3 10  ? 10.354  13.959  -11.422 1.00 45.91 ? 12  DG  C "C1'" 1 
ATOM 1312 N N9    . DG  C 3 10  ? 9.359   13.219  -12.195 1.00 45.13 ? 12  DG  C N9    1 
ATOM 1313 C C8    . DG  C 3 10  ? 8.684   13.638  -13.315 1.00 42.90 ? 12  DG  C C8    1 
ATOM 1314 N N7    . DG  C 3 10  ? 7.853   12.745  -13.783 1.00 43.28 ? 12  DG  C N7    1 
ATOM 1315 C C5    . DG  C 3 10  ? 7.985   11.666  -12.913 1.00 43.75 ? 12  DG  C C5    1 
ATOM 1316 C C6    . DG  C 3 10  ? 7.335   10.406  -12.910 1.00 43.46 ? 12  DG  C C6    1 
ATOM 1317 O O6    . DG  C 3 10  ? 6.481   9.981   -13.704 1.00 41.36 ? 12  DG  C O6    1 
ATOM 1318 N N1    . DG  C 3 10  ? 7.765   9.606   -11.847 1.00 44.75 ? 12  DG  C N1    1 
ATOM 1319 C C2    . DG  C 3 10  ? 8.706   9.979   -10.907 1.00 43.45 ? 12  DG  C C2    1 
ATOM 1320 N N2    . DG  C 3 10  ? 8.996   9.080   -9.956  1.00 39.76 ? 12  DG  C N2    1 
ATOM 1321 N N3    . DG  C 3 10  ? 9.318   11.156  -10.902 1.00 43.64 ? 12  DG  C N3    1 
ATOM 1322 C C4    . DG  C 3 10  ? 8.909   11.945  -11.931 1.00 45.23 ? 12  DG  C C4    1 
ATOM 1323 P P     . DG  C 3 11  ? 14.519  15.058  -10.602 1.00 46.90 ? 13  DG  C P     1 
ATOM 1324 O OP1   . DG  C 3 11  ? 14.976  16.252  -9.855  1.00 47.48 ? 13  DG  C OP1   1 
ATOM 1325 O OP2   . DG  C 3 11  ? 14.791  14.904  -12.050 1.00 49.01 ? 13  DG  C OP2   1 
ATOM 1326 O "O5'" . DG  C 3 11  ? 15.134  13.792  -9.863  1.00 42.62 ? 13  DG  C "O5'" 1 
ATOM 1327 C "C5'" . DG  C 3 11  ? 14.766  13.517  -8.529  1.00 44.22 ? 13  DG  C "C5'" 1 
ATOM 1328 C "C4'" . DG  C 3 11  ? 14.773  12.028  -8.293  1.00 41.95 ? 13  DG  C "C4'" 1 
ATOM 1329 O "O4'" . DG  C 3 11  ? 13.633  11.435  -8.968  1.00 43.86 ? 13  DG  C "O4'" 1 
ATOM 1330 C "C3'" . DG  C 3 11  ? 16.012  11.331  -8.836  1.00 42.39 ? 13  DG  C "C3'" 1 
ATOM 1331 O "O3'" . DG  C 3 11  ? 16.528  10.432  -7.880  1.00 43.08 ? 13  DG  C "O3'" 1 
ATOM 1332 C "C2'" . DG  C 3 11  ? 15.519  10.613  -10.093 1.00 44.34 ? 13  DG  C "C2'" 1 
ATOM 1333 C "C1'" . DG  C 3 11  ? 14.052  10.362  -9.782  1.00 45.16 ? 13  DG  C "C1'" 1 
ATOM 1334 N N9    . DG  C 3 11  ? 13.211  10.336  -10.980 1.00 44.55 ? 13  DG  C N9    1 
ATOM 1335 C C8    . DG  C 3 11  ? 13.059  11.347  -11.895 1.00 43.66 ? 13  DG  C C8    1 
ATOM 1336 N N7    . DG  C 3 11  ? 12.248  11.049  -12.870 1.00 44.93 ? 13  DG  C N7    1 
ATOM 1337 C C5    . DG  C 3 11  ? 11.830  9.753   -12.587 1.00 44.97 ? 13  DG  C C5    1 
ATOM 1338 C C6    . DG  C 3 11  ? 10.943  8.908   -13.297 1.00 45.57 ? 13  DG  C C6    1 
ATOM 1339 O O6    . DG  C 3 11  ? 10.331  9.148   -14.353 1.00 45.85 ? 13  DG  C O6    1 
ATOM 1340 N N1    . DG  C 3 11  ? 10.790  7.673   -12.668 1.00 44.20 ? 13  DG  C N1    1 
ATOM 1341 C C2    . DG  C 3 11  ? 11.417  7.302   -11.500 1.00 43.60 ? 13  DG  C C2    1 
ATOM 1342 N N2    . DG  C 3 11  ? 11.147  6.071   -11.045 1.00 44.25 ? 13  DG  C N2    1 
ATOM 1343 N N3    . DG  C 3 11  ? 12.253  8.085   -10.825 1.00 44.63 ? 13  DG  C N3    1 
ATOM 1344 C C4    . DG  C 3 11  ? 12.412  9.295   -11.426 1.00 44.96 ? 13  DG  C C4    1 
ATOM 1345 P P     . DC  C 3 12  ? 17.995  9.817   -8.091  1.00 45.87 ? 14  DC  C P     1 
ATOM 1346 O OP1   . DC  C 3 12  ? 18.582  9.550   -6.759  1.00 42.18 ? 14  DC  C OP1   1 
ATOM 1347 O OP2   . DC  C 3 12  ? 18.691  10.730  -9.027  1.00 43.51 ? 14  DC  C OP2   1 
ATOM 1348 O "O5'" . DC  C 3 12  ? 17.719  8.429   -8.856  1.00 49.03 ? 14  DC  C "O5'" 1 
ATOM 1349 C "C5'" . DC  C 3 12  ? 16.968  7.396   -8.209  1.00 47.29 ? 14  DC  C "C5'" 1 
ATOM 1350 C "C4'" . DC  C 3 12  ? 16.515  6.314   -9.190  1.00 47.89 ? 14  DC  C "C4'" 1 
ATOM 1351 O "O4'" . DC  C 3 12  ? 15.479  6.818   -10.051 1.00 44.95 ? 14  DC  C "O4'" 1 
ATOM 1352 C "C3'" . DC  C 3 12  ? 17.570  5.802   -10.152 1.00 48.41 ? 14  DC  C "C3'" 1 
ATOM 1353 O "O3'" . DC  C 3 12  ? 18.364  4.801   -9.521  1.00 46.86 ? 14  DC  C "O3'" 1 
ATOM 1354 C "C2'" . DC  C 3 12  ? 16.722  5.211   -11.288 1.00 48.05 ? 14  DC  C "C2'" 1 
ATOM 1355 C "C1'" . DC  C 3 12  ? 15.381  5.959   -11.165 1.00 46.77 ? 14  DC  C "C1'" 1 
ATOM 1356 N N1    . DC  C 3 12  ? 15.030  6.766   -12.374 1.00 49.65 ? 14  DC  C N1    1 
ATOM 1357 C C2    . DC  C 3 12  ? 14.214  6.204   -13.364 1.00 50.30 ? 14  DC  C C2    1 
ATOM 1358 O O2    . DC  C 3 12  ? 13.803  5.047   -13.217 1.00 52.37 ? 14  DC  C O2    1 
ATOM 1359 N N3    . DC  C 3 12  ? 13.902  6.944   -14.459 1.00 46.99 ? 14  DC  C N3    1 
ATOM 1360 C C4    . DC  C 3 12  ? 14.371  8.183   -14.581 1.00 45.02 ? 14  DC  C C4    1 
ATOM 1361 N N4    . DC  C 3 12  ? 14.039  8.869   -15.678 1.00 44.99 ? 14  DC  C N4    1 
ATOM 1362 C C5    . DC  C 3 12  ? 15.203  8.774   -13.583 1.00 46.71 ? 14  DC  C C5    1 
ATOM 1363 C C6    . DC  C 3 12  ? 15.503  8.038   -12.507 1.00 47.98 ? 14  DC  C C6    1 
# 
